data_1QMG
#
_entry.id   1QMG
#
_cell.length_a   110.800
_cell.length_b   61.200
_cell.length_c   161.700
_cell.angle_alpha   90.00
_cell.angle_beta   95.00
_cell.angle_gamma   90.00
#
_symmetry.space_group_name_H-M   'P 1 21 1'
#
loop_
_entity.id
_entity.type
_entity.pdbx_description
1 polymer 'ACETOHYDROXY-ACID ISOMEROREDUCTASE'
2 non-polymer "2'-MONOPHOSPHOADENOSINE-5'-DIPHOSPHORIBOSE"
3 non-polymer 'MANGANESE (II) ION'
4 non-polymer 'SULFATE ION'
5 non-polymer '2,3-DIHYDROXY-VALERIANIC ACID'
6 water water
#
_entity_poly.entity_id   1
_entity_poly.type   'polypeptide(L)'
_entity_poly.pdbx_seq_one_letter_code
;MVSAPSIDTPSATTFDFDSSVFKKEKVTLSGHDEYIVRGGRNLFPLLPDAFKGIKQIGVIGWGSQAPAQAQNLKDSLTEA
KSDVVVKIGLRKGSNSFAEARAAGFSEENGTLGDMWETISGSDLVLLLISDSAQADNYEKVFSHMKPNSILGLSHGFLLG
HLQSLGQDFPKNISVIAVCPKGMGPSVRRLYVQGKEVNGAGINSSFAVHQDVDGRATDVALGWSIALGSPFTFATTLEQE
YKSDIFGERGILLGAVHGIVECLFRRYTESGMSEDLAYKNTVECITGVISKTISTKGMLALYNSLSEEGKKDFQAAYSAS
YYPSMDILYECYEDVASGSEIRSVVLAGRRFYEKEGLPAFPMGKIDQTRMWKVGEKVRSVRPAGDLGPLYPFTAGVYVAL
MMAQIEILRKKGHSYSEIINESVIEAVDSLNPFMHARGVSFMVDNCSTTARLGSRKWAPRFDYILSQQALVAVDNGAPIN
QDLISNFLSDPVHEAIGVCAQLRPSVDISVTADADFVRPELRQA
;
_entity_poly.pdbx_strand_id   A,B,C,D
#
loop_
_chem_comp.id
_chem_comp.type
_chem_comp.name
_chem_comp.formula
APX non-polymer 2'-MONOPHOSPHOADENOSINE-5'-DIPHOSPHORIBOSE 'C15 H29 N5 O17 P3 1'
DMV non-polymer '2,3-DIHYDROXY-VALERIANIC ACID' 'C6 H12 O4'
MN non-polymer 'MANGANESE (II) ION' 'Mn 2'
SO4 non-polymer 'SULFATE ION' 'O4 S -2'
#
# COMPACT_ATOMS: atom_id res chain seq x y z
N SER A 11 4.04 -14.38 -6.95
CA SER A 11 4.70 -15.07 -5.82
C SER A 11 5.16 -16.44 -6.32
N ALA A 12 5.97 -17.12 -5.53
CA ALA A 12 6.48 -18.45 -5.87
C ALA A 12 5.82 -19.42 -4.91
N THR A 13 5.40 -20.57 -5.45
CA THR A 13 4.76 -21.63 -4.68
C THR A 13 5.82 -22.69 -4.33
N THR A 14 6.76 -22.89 -5.26
CA THR A 14 7.84 -23.86 -5.12
C THR A 14 9.16 -23.13 -4.87
N PHE A 15 10.10 -23.82 -4.24
CA PHE A 15 11.40 -23.23 -3.94
C PHE A 15 12.52 -24.23 -4.22
N ASP A 16 13.38 -23.88 -5.17
CA ASP A 16 14.51 -24.73 -5.55
C ASP A 16 15.74 -24.26 -4.74
N PHE A 17 16.80 -25.06 -4.76
CA PHE A 17 18.02 -24.77 -4.01
C PHE A 17 19.17 -25.58 -4.58
N ASP A 18 20.39 -25.32 -4.10
CA ASP A 18 21.57 -26.05 -4.55
C ASP A 18 22.31 -26.62 -3.34
N SER A 19 22.84 -27.82 -3.52
CA SER A 19 23.61 -28.50 -2.50
C SER A 19 24.84 -29.11 -3.16
N SER A 20 26.00 -28.86 -2.57
CA SER A 20 27.23 -29.43 -3.07
C SER A 20 27.55 -30.70 -2.28
N VAL A 21 26.77 -30.97 -1.23
CA VAL A 21 27.01 -32.12 -0.37
C VAL A 21 26.01 -33.25 -0.60
N PHE A 22 24.73 -32.87 -0.63
CA PHE A 22 23.63 -33.82 -0.78
C PHE A 22 23.02 -33.88 -2.17
N LYS A 23 22.38 -35.02 -2.46
CA LYS A 23 21.72 -35.24 -3.73
C LYS A 23 20.29 -34.70 -3.70
N LYS A 24 20.01 -33.73 -4.56
CA LYS A 24 18.70 -33.14 -4.67
C LYS A 24 17.91 -34.02 -5.63
N GLU A 25 16.65 -34.28 -5.30
CA GLU A 25 15.77 -35.10 -6.12
C GLU A 25 14.50 -34.31 -6.43
N LYS A 26 13.88 -34.63 -7.55
CA LYS A 26 12.65 -33.96 -7.96
C LYS A 26 11.47 -34.89 -7.70
N VAL A 27 10.36 -34.31 -7.24
CA VAL A 27 9.11 -35.03 -7.04
C VAL A 27 8.07 -34.15 -7.73
N THR A 28 7.16 -34.76 -8.46
CA THR A 28 6.14 -33.99 -9.14
C THR A 28 4.83 -34.24 -8.40
N LEU A 29 4.30 -33.16 -7.84
CA LEU A 29 3.07 -33.19 -7.09
C LEU A 29 2.01 -32.38 -7.81
N SER A 30 1.00 -33.06 -8.36
CA SER A 30 -0.08 -32.42 -9.10
C SER A 30 0.50 -31.53 -10.20
N GLY A 31 1.45 -32.10 -10.93
CA GLY A 31 2.11 -31.38 -12.01
C GLY A 31 3.12 -30.33 -11.58
N HIS A 32 3.34 -30.19 -10.28
CA HIS A 32 4.29 -29.21 -9.80
C HIS A 32 5.55 -29.91 -9.35
N ASP A 33 6.65 -29.54 -9.97
CA ASP A 33 7.94 -30.11 -9.62
C ASP A 33 8.39 -29.41 -8.36
N GLU A 34 8.86 -30.20 -7.40
CA GLU A 34 9.39 -29.71 -6.14
C GLU A 34 10.65 -30.52 -5.88
N TYR A 35 11.69 -29.85 -5.41
CA TYR A 35 12.96 -30.50 -5.14
C TYR A 35 13.09 -30.79 -3.66
N ILE A 36 13.54 -31.99 -3.38
CA ILE A 36 13.68 -32.46 -2.01
C ILE A 36 15.00 -33.20 -1.83
N VAL A 37 15.30 -33.50 -0.58
CA VAL A 37 16.49 -34.25 -0.21
C VAL A 37 16.01 -35.41 0.68
N ARG A 38 16.25 -36.64 0.24
CA ARG A 38 15.87 -37.82 1.01
C ARG A 38 16.88 -38.04 2.13
N GLY A 39 16.38 -38.51 3.27
CA GLY A 39 17.25 -38.78 4.40
C GLY A 39 17.76 -40.21 4.40
N GLY A 40 18.40 -40.59 5.49
CA GLY A 40 18.95 -41.93 5.63
C GLY A 40 20.21 -41.89 6.47
N ARG A 41 20.39 -42.89 7.31
CA ARG A 41 21.56 -42.98 8.15
C ARG A 41 22.82 -43.13 7.29
N ASN A 42 22.67 -43.67 6.08
CA ASN A 42 23.81 -43.85 5.18
C ASN A 42 24.44 -42.52 4.75
N LEU A 43 23.71 -41.43 4.97
CA LEU A 43 24.16 -40.09 4.62
C LEU A 43 24.92 -39.38 5.73
N PHE A 44 24.89 -39.96 6.94
CA PHE A 44 25.59 -39.37 8.08
C PHE A 44 27.08 -39.04 7.80
N PRO A 45 27.78 -39.85 7.00
CA PRO A 45 29.19 -39.54 6.73
C PRO A 45 29.41 -38.19 6.00
N LEU A 46 28.34 -37.64 5.42
CA LEU A 46 28.41 -36.36 4.71
C LEU A 46 28.25 -35.15 5.63
N LEU A 47 27.87 -35.40 6.88
CA LEU A 47 27.67 -34.32 7.82
C LEU A 47 28.88 -33.44 8.04
N PRO A 48 30.09 -34.02 8.18
CA PRO A 48 31.23 -33.12 8.36
C PRO A 48 31.34 -32.06 7.26
N ASP A 49 31.10 -32.47 6.01
CA ASP A 49 31.17 -31.53 4.88
C ASP A 49 30.08 -30.47 4.93
N ALA A 50 28.89 -30.86 5.36
CA ALA A 50 27.75 -29.95 5.46
C ALA A 50 28.00 -28.90 6.54
N PHE A 51 28.64 -29.34 7.62
CA PHE A 51 28.93 -28.50 8.76
C PHE A 51 30.31 -27.88 8.76
N LYS A 52 30.85 -27.59 7.58
CA LYS A 52 32.16 -26.95 7.54
C LYS A 52 32.03 -25.56 8.19
N GLY A 53 33.03 -25.21 8.99
CA GLY A 53 33.03 -23.93 9.67
C GLY A 53 32.29 -23.97 10.98
N ILE A 54 31.84 -25.16 11.38
CA ILE A 54 31.09 -25.32 12.61
C ILE A 54 31.79 -26.23 13.61
N LYS A 55 32.20 -25.65 14.73
CA LYS A 55 32.84 -26.41 15.79
C LYS A 55 31.86 -26.69 16.90
N GLN A 56 30.96 -25.74 17.16
CA GLN A 56 29.96 -25.91 18.20
C GLN A 56 28.57 -25.51 17.72
N ILE A 57 27.61 -26.40 17.95
CA ILE A 57 26.20 -26.14 17.65
C ILE A 57 25.57 -25.92 19.03
N GLY A 58 25.05 -24.72 19.23
CA GLY A 58 24.42 -24.41 20.50
C GLY A 58 22.91 -24.56 20.40
N VAL A 59 22.37 -25.52 21.11
CA VAL A 59 20.93 -25.79 21.14
C VAL A 59 20.39 -25.05 22.36
N ILE A 60 19.58 -24.05 22.11
CA ILE A 60 19.02 -23.21 23.15
C ILE A 60 17.60 -23.64 23.53
N GLY A 61 17.41 -23.95 24.80
CA GLY A 61 16.10 -24.38 25.29
C GLY A 61 16.03 -25.88 25.52
N TRP A 62 14.96 -26.32 26.16
CA TRP A 62 14.73 -27.72 26.43
C TRP A 62 13.22 -27.91 26.60
N GLY A 63 12.49 -27.62 25.51
CA GLY A 63 11.04 -27.75 25.51
C GLY A 63 10.65 -29.08 24.89
N SER A 64 9.96 -29.04 23.76
CA SER A 64 9.57 -30.28 23.10
C SER A 64 10.52 -30.60 21.94
N GLN A 65 10.98 -29.58 21.22
CA GLN A 65 11.90 -29.77 20.10
C GLN A 65 13.36 -29.99 20.49
N ALA A 66 13.88 -29.12 21.35
CA ALA A 66 15.29 -29.22 21.75
C ALA A 66 15.76 -30.59 22.25
N PRO A 67 14.99 -31.28 23.14
CA PRO A 67 15.39 -32.59 23.64
C PRO A 67 15.62 -33.55 22.52
N ALA A 68 14.71 -33.55 21.60
CA ALA A 68 14.75 -34.48 20.49
C ALA A 68 15.83 -34.12 19.47
N GLN A 69 15.85 -32.84 19.06
CA GLN A 69 16.80 -32.39 18.07
C GLN A 69 18.23 -32.55 18.56
N ALA A 70 18.47 -32.14 19.80
CA ALA A 70 19.80 -32.26 20.37
C ALA A 70 20.32 -33.71 20.39
N GLN A 71 19.48 -34.65 20.85
CA GLN A 71 19.89 -36.05 20.93
C GLN A 71 20.10 -36.66 19.54
N ASN A 72 19.21 -36.34 18.61
CA ASN A 72 19.30 -36.83 17.24
C ASN A 72 20.57 -36.29 16.57
N LEU A 73 20.84 -34.99 16.72
CA LEU A 73 22.04 -34.38 16.17
C LEU A 73 23.30 -35.05 16.73
N LYS A 74 23.36 -35.20 18.04
CA LYS A 74 24.51 -35.81 18.70
C LYS A 74 24.70 -37.26 18.23
N ASP A 75 23.61 -38.02 18.19
CA ASP A 75 23.66 -39.41 17.73
C ASP A 75 24.20 -39.47 16.30
N SER A 76 23.68 -38.60 15.44
CA SER A 76 24.10 -38.57 14.04
C SER A 76 25.57 -38.15 13.88
N LEU A 77 25.98 -37.13 14.63
CA LEU A 77 27.36 -36.67 14.57
C LEU A 77 28.30 -37.74 15.09
N THR A 78 27.85 -38.49 16.10
CA THR A 78 28.67 -39.56 16.66
C THR A 78 28.86 -40.65 15.62
N GLU A 79 27.77 -41.01 14.93
CA GLU A 79 27.87 -42.02 13.87
C GLU A 79 28.78 -41.54 12.75
N ALA A 80 28.74 -40.24 12.46
CA ALA A 80 29.56 -39.62 11.41
C ALA A 80 31.01 -39.45 11.83
N LYS A 81 31.29 -39.72 13.09
CA LYS A 81 32.63 -39.58 13.67
C LYS A 81 33.05 -38.12 13.59
N SER A 82 32.09 -37.22 13.80
CA SER A 82 32.35 -35.80 13.77
C SER A 82 32.81 -35.28 15.13
N ASP A 83 33.57 -34.19 15.10
CA ASP A 83 34.10 -33.53 16.29
C ASP A 83 33.24 -32.34 16.70
N VAL A 84 32.16 -32.10 15.96
CA VAL A 84 31.27 -30.99 16.26
C VAL A 84 30.65 -31.24 17.63
N VAL A 85 30.66 -30.22 18.47
CA VAL A 85 30.14 -30.28 19.82
C VAL A 85 28.73 -29.72 19.86
N VAL A 86 27.80 -30.49 20.44
CA VAL A 86 26.41 -30.09 20.59
C VAL A 86 26.27 -29.70 22.07
N LYS A 87 26.12 -28.40 22.32
CA LYS A 87 25.98 -27.89 23.67
C LYS A 87 24.61 -27.26 23.94
N ILE A 88 24.01 -27.64 25.06
CA ILE A 88 22.70 -27.14 25.46
C ILE A 88 22.86 -25.87 26.28
N GLY A 89 22.13 -24.83 25.93
CA GLY A 89 22.17 -23.57 26.66
C GLY A 89 20.80 -23.31 27.25
N LEU A 90 20.73 -23.06 28.55
CA LEU A 90 19.46 -22.80 29.25
C LEU A 90 19.45 -21.47 30.00
N ARG A 91 18.27 -20.89 30.14
CA ARG A 91 18.11 -19.63 30.85
C ARG A 91 18.43 -19.90 32.31
N LYS A 92 18.79 -18.85 33.04
CA LYS A 92 19.14 -18.98 34.43
C LYS A 92 18.08 -19.60 35.34
N GLY A 93 16.81 -19.29 35.10
CA GLY A 93 15.76 -19.83 35.95
C GLY A 93 15.19 -21.15 35.49
N SER A 94 15.89 -21.81 34.58
CA SER A 94 15.44 -23.09 34.05
C SER A 94 15.51 -24.23 35.08
N ASN A 95 14.54 -25.13 35.01
CA ASN A 95 14.54 -26.31 35.86
C ASN A 95 14.78 -27.52 34.95
N SER A 96 15.32 -27.27 33.75
CA SER A 96 15.57 -28.34 32.78
C SER A 96 16.98 -28.92 32.74
N PHE A 97 17.86 -28.45 33.61
CA PHE A 97 19.25 -28.92 33.62
C PHE A 97 19.35 -30.42 33.89
N ALA A 98 18.55 -30.90 34.85
CA ALA A 98 18.55 -32.31 35.19
C ALA A 98 18.14 -33.18 34.01
N GLU A 99 17.13 -32.74 33.27
CA GLU A 99 16.65 -33.49 32.09
C GLU A 99 17.72 -33.55 31.01
N ALA A 100 18.42 -32.42 30.79
CA ALA A 100 19.49 -32.36 29.80
C ALA A 100 20.60 -33.36 30.18
N ARG A 101 20.97 -33.41 31.46
CA ARG A 101 22.00 -34.35 31.90
C ARG A 101 21.55 -35.79 31.70
N ALA A 102 20.27 -36.06 31.96
CA ALA A 102 19.71 -37.40 31.81
C ALA A 102 19.84 -37.82 30.35
N ALA A 103 19.72 -36.85 29.45
CA ALA A 103 19.84 -37.10 28.00
C ALA A 103 21.29 -37.21 27.49
N GLY A 104 22.24 -36.99 28.40
CA GLY A 104 23.65 -37.09 28.07
C GLY A 104 24.41 -35.78 27.84
N PHE A 105 23.79 -34.65 28.17
CA PHE A 105 24.44 -33.35 27.99
C PHE A 105 24.76 -32.83 29.39
N SER A 106 26.03 -32.56 29.64
CA SER A 106 26.42 -32.11 30.96
C SER A 106 27.62 -31.20 30.96
N GLU A 107 27.83 -30.56 32.10
CA GLU A 107 28.94 -29.64 32.29
C GLU A 107 30.29 -30.38 32.23
N GLU A 108 30.34 -31.62 32.69
CA GLU A 108 31.59 -32.33 32.68
C GLU A 108 32.11 -32.65 31.27
N ASN A 109 31.21 -32.69 30.31
CA ASN A 109 31.54 -32.94 28.89
C ASN A 109 31.60 -31.61 28.13
N GLY A 110 31.27 -30.51 28.81
CA GLY A 110 31.25 -29.20 28.17
C GLY A 110 30.05 -29.04 27.24
N THR A 111 28.99 -29.79 27.50
CA THR A 111 27.81 -29.76 26.64
C THR A 111 26.51 -29.25 27.28
N LEU A 112 26.62 -28.54 28.41
CA LEU A 112 25.46 -27.96 29.09
C LEU A 112 25.93 -26.73 29.82
N GLY A 113 25.24 -25.61 29.62
CA GLY A 113 25.61 -24.38 30.28
C GLY A 113 24.57 -23.28 30.14
N ASP A 114 25.00 -22.05 30.38
CA ASP A 114 24.15 -20.87 30.31
C ASP A 114 23.78 -20.55 28.87
N MET A 115 22.55 -20.13 28.65
CA MET A 115 22.11 -19.84 27.28
C MET A 115 22.91 -18.76 26.56
N TRP A 116 23.21 -17.64 27.23
CA TRP A 116 23.95 -16.56 26.60
C TRP A 116 25.38 -16.97 26.32
N GLU A 117 26.01 -17.65 27.27
CA GLU A 117 27.39 -18.12 27.08
C GLU A 117 27.46 -19.16 25.97
N THR A 118 26.42 -19.98 25.87
CA THR A 118 26.36 -21.00 24.82
C THR A 118 26.19 -20.30 23.46
N ILE A 119 25.27 -19.35 23.36
CA ILE A 119 25.09 -18.62 22.12
C ILE A 119 26.42 -17.99 21.65
N SER A 120 27.11 -17.31 22.56
CA SER A 120 28.38 -16.63 22.26
C SER A 120 29.49 -17.52 21.71
N GLY A 121 29.48 -18.80 22.12
CA GLY A 121 30.50 -19.73 21.65
C GLY A 121 30.07 -20.66 20.53
N SER A 122 28.89 -20.42 19.98
CA SER A 122 28.36 -21.27 18.91
C SER A 122 28.53 -20.73 17.50
N ASP A 123 28.75 -21.65 16.58
CA ASP A 123 28.87 -21.32 15.16
C ASP A 123 27.49 -21.46 14.51
N LEU A 124 26.67 -22.34 15.09
CA LEU A 124 25.28 -22.56 14.66
C LEU A 124 24.47 -22.57 15.96
N VAL A 125 23.49 -21.68 16.03
CA VAL A 125 22.65 -21.53 17.20
C VAL A 125 21.24 -21.98 16.83
N LEU A 126 20.72 -22.99 17.50
CA LEU A 126 19.37 -23.46 17.24
C LEU A 126 18.53 -22.84 18.34
N LEU A 127 17.76 -21.83 17.97
CA LEU A 127 16.94 -21.11 18.93
C LEU A 127 15.62 -21.85 19.18
N LEU A 128 15.66 -22.77 20.12
CA LEU A 128 14.51 -23.60 20.41
C LEU A 128 13.82 -23.31 21.74
N ILE A 129 13.61 -22.03 21.99
CA ILE A 129 12.89 -21.60 23.18
C ILE A 129 11.50 -21.24 22.67
N SER A 130 10.58 -20.93 23.58
CA SER A 130 9.22 -20.58 23.20
C SER A 130 9.24 -19.41 22.22
N ASP A 131 8.27 -19.38 21.33
CA ASP A 131 8.18 -18.32 20.34
C ASP A 131 7.98 -16.96 20.99
N SER A 132 7.17 -16.90 22.05
CA SER A 132 6.94 -15.64 22.73
C SER A 132 8.26 -15.16 23.36
N ALA A 133 9.07 -16.11 23.86
CA ALA A 133 10.37 -15.76 24.46
C ALA A 133 11.29 -15.18 23.39
N GLN A 134 11.24 -15.74 22.18
CA GLN A 134 12.08 -15.24 21.10
C GLN A 134 11.65 -13.82 20.78
N ALA A 135 10.34 -13.59 20.78
CA ALA A 135 9.79 -12.28 20.47
C ALA A 135 10.24 -11.23 21.46
N ASP A 136 10.33 -11.60 22.74
CA ASP A 136 10.71 -10.64 23.77
C ASP A 136 12.18 -10.64 24.14
N ASN A 137 12.98 -11.49 23.50
CA ASN A 137 14.40 -11.58 23.82
C ASN A 137 15.37 -11.63 22.64
N TYR A 138 14.88 -11.35 21.43
CA TYR A 138 15.74 -11.43 20.25
C TYR A 138 16.94 -10.48 20.23
N GLU A 139 16.79 -9.28 20.78
CA GLU A 139 17.90 -8.31 20.78
C GLU A 139 19.09 -8.87 21.53
N LYS A 140 18.84 -9.53 22.65
CA LYS A 140 19.92 -10.11 23.43
C LYS A 140 20.50 -11.34 22.72
N VAL A 141 19.66 -12.06 21.97
CA VAL A 141 20.15 -13.21 21.22
C VAL A 141 21.09 -12.68 20.14
N PHE A 142 20.64 -11.64 19.44
CA PHE A 142 21.42 -11.05 18.36
C PHE A 142 22.75 -10.50 18.86
N SER A 143 22.72 -9.83 20.00
CA SER A 143 23.94 -9.24 20.54
C SER A 143 24.99 -10.27 20.95
N HIS A 144 24.57 -11.50 21.21
CA HIS A 144 25.48 -12.56 21.60
C HIS A 144 25.96 -13.47 20.48
N MET A 145 25.38 -13.32 19.30
CA MET A 145 25.76 -14.15 18.15
C MET A 145 27.15 -13.73 17.70
N LYS A 146 27.97 -14.68 17.24
CA LYS A 146 29.28 -14.33 16.72
C LYS A 146 29.05 -13.73 15.33
N PRO A 147 29.86 -12.76 14.93
CA PRO A 147 29.65 -12.21 13.59
C PRO A 147 29.92 -13.36 12.61
N ASN A 148 29.11 -13.44 11.56
CA ASN A 148 29.23 -14.46 10.52
C ASN A 148 28.88 -15.89 10.92
N SER A 149 28.21 -16.04 12.06
CA SER A 149 27.76 -17.34 12.50
C SER A 149 26.38 -17.52 11.89
N ILE A 150 25.70 -18.60 12.27
CA ILE A 150 24.39 -18.94 11.73
C ILE A 150 23.33 -19.12 12.81
N LEU A 151 22.21 -18.43 12.67
CA LEU A 151 21.06 -18.55 13.58
C LEU A 151 20.07 -19.49 12.89
N GLY A 152 19.68 -20.58 13.56
CA GLY A 152 18.74 -21.50 13.00
C GLY A 152 17.47 -21.52 13.84
N LEU A 153 16.33 -21.47 13.16
CA LEU A 153 15.04 -21.50 13.82
C LEU A 153 14.32 -22.79 13.37
N SER A 154 13.34 -23.23 14.13
CA SER A 154 12.56 -24.39 13.71
C SER A 154 11.12 -23.94 13.44
N HIS A 155 10.95 -22.62 13.30
CA HIS A 155 9.64 -22.02 13.06
C HIS A 155 9.90 -20.58 12.62
N GLY A 156 9.11 -20.09 11.66
CA GLY A 156 9.29 -18.72 11.17
C GLY A 156 8.66 -17.60 11.98
N PHE A 157 8.08 -17.96 13.13
CA PHE A 157 7.40 -17.02 14.04
C PHE A 157 8.18 -15.72 14.28
N LEU A 158 9.46 -15.83 14.60
CA LEU A 158 10.26 -14.64 14.88
C LEU A 158 10.25 -13.64 13.71
N LEU A 159 10.26 -14.13 12.47
CA LEU A 159 10.21 -13.22 11.33
C LEU A 159 8.89 -12.44 11.37
N GLY A 160 7.79 -13.14 11.63
CA GLY A 160 6.49 -12.48 11.71
C GLY A 160 6.47 -11.41 12.78
N HIS A 161 7.08 -11.69 13.92
CA HIS A 161 7.14 -10.72 14.99
C HIS A 161 7.98 -9.51 14.57
N LEU A 162 9.14 -9.74 13.98
CA LEU A 162 10.02 -8.67 13.51
C LEU A 162 9.31 -7.81 12.47
N GLN A 163 8.58 -8.44 11.56
CA GLN A 163 7.84 -7.71 10.55
C GLN A 163 6.84 -6.75 11.20
N SER A 164 6.21 -7.17 12.29
CA SER A 164 5.22 -6.33 12.97
C SER A 164 5.84 -5.08 13.56
N LEU A 165 7.16 -5.13 13.76
CA LEU A 165 7.90 -4.00 14.34
C LEU A 165 8.67 -3.22 13.29
N GLY A 166 8.60 -3.68 12.04
CA GLY A 166 9.33 -3.03 10.97
C GLY A 166 10.82 -3.31 11.10
N GLN A 167 11.14 -4.47 11.69
CA GLN A 167 12.53 -4.90 11.88
C GLN A 167 12.88 -6.20 11.16
N ASP A 168 14.16 -6.54 11.17
CA ASP A 168 14.66 -7.76 10.55
C ASP A 168 15.88 -8.19 11.34
N PHE A 169 16.46 -9.31 10.93
CA PHE A 169 17.63 -9.89 11.55
C PHE A 169 18.88 -9.06 11.27
N PRO A 170 19.96 -9.20 12.07
CA PRO A 170 21.18 -8.46 11.83
C PRO A 170 21.69 -8.82 10.48
N LYS A 171 22.52 -7.96 9.96
CA LYS A 171 23.06 -8.12 8.62
C LYS A 171 24.27 -9.06 8.57
N ASN A 172 24.91 -9.24 9.72
CA ASN A 172 26.12 -10.03 9.80
C ASN A 172 25.99 -11.50 10.15
N ILE A 173 24.79 -12.05 10.08
CA ILE A 173 24.62 -13.47 10.37
C ILE A 173 23.70 -14.11 9.34
N SER A 174 23.88 -15.40 9.11
CA SER A 174 23.00 -16.15 8.23
C SER A 174 21.82 -16.54 9.11
N VAL A 175 20.66 -16.69 8.49
CA VAL A 175 19.45 -17.07 9.20
C VAL A 175 18.81 -18.17 8.37
N ILE A 176 18.65 -19.33 8.99
CA ILE A 176 18.06 -20.50 8.34
C ILE A 176 17.03 -21.11 9.27
N ALA A 177 16.29 -22.09 8.75
CA ALA A 177 15.30 -22.80 9.54
C ALA A 177 15.18 -24.23 9.06
N VAL A 178 15.00 -25.13 10.00
CA VAL A 178 14.75 -26.55 9.73
C VAL A 178 13.59 -26.81 10.68
N CYS A 179 12.42 -27.03 10.09
CA CYS A 179 11.19 -27.18 10.84
C CYS A 179 10.56 -28.56 10.75
N PRO A 180 10.73 -29.40 11.79
CA PRO A 180 10.14 -30.75 11.75
C PRO A 180 8.62 -30.62 11.75
N LYS A 181 7.99 -31.32 10.81
CA LYS A 181 6.54 -31.32 10.66
C LYS A 181 6.00 -32.47 11.53
N GLY A 182 6.22 -32.33 12.83
CA GLY A 182 5.81 -33.33 13.80
C GLY A 182 6.33 -32.92 15.18
N MET A 183 5.69 -33.42 16.23
CA MET A 183 6.09 -33.07 17.59
C MET A 183 7.48 -33.60 17.94
N GLY A 184 8.19 -32.86 18.80
CA GLY A 184 9.53 -33.27 19.22
C GLY A 184 9.62 -34.71 19.68
N PRO A 185 8.74 -35.19 20.57
CA PRO A 185 8.79 -36.57 21.03
C PRO A 185 8.76 -37.59 19.88
N SER A 186 8.09 -37.25 18.77
CA SER A 186 8.03 -38.17 17.63
C SER A 186 9.33 -38.11 16.79
N VAL A 187 9.94 -36.93 16.73
CA VAL A 187 11.20 -36.72 16.02
C VAL A 187 12.25 -37.63 16.69
N ARG A 188 12.26 -37.62 18.03
CA ARG A 188 13.19 -38.48 18.77
C ARG A 188 12.86 -39.97 18.67
N ARG A 189 11.61 -40.34 18.96
CA ARG A 189 11.19 -41.73 18.94
C ARG A 189 11.38 -42.43 17.59
N LEU A 190 10.94 -41.80 16.51
CA LEU A 190 11.10 -42.38 15.17
C LEU A 190 12.59 -42.52 14.82
N TYR A 191 13.41 -41.56 15.22
CA TYR A 191 14.84 -41.63 14.97
C TYR A 191 15.42 -42.85 15.67
N VAL A 192 15.04 -43.04 16.93
CA VAL A 192 15.50 -44.18 17.72
C VAL A 192 15.06 -45.49 17.07
N GLN A 193 13.79 -45.59 16.67
CA GLN A 193 13.31 -46.79 16.00
C GLN A 193 14.06 -47.01 14.68
N GLY A 194 14.48 -45.92 14.05
CA GLY A 194 15.20 -45.98 12.79
C GLY A 194 16.61 -46.54 12.86
N LYS A 195 17.20 -46.58 14.05
CA LYS A 195 18.55 -47.10 14.22
C LYS A 195 18.63 -48.57 13.80
N GLU A 196 17.50 -49.25 13.84
CA GLU A 196 17.44 -50.66 13.48
C GLU A 196 17.45 -50.86 11.98
N VAL A 197 17.12 -49.81 11.25
CA VAL A 197 17.07 -49.85 9.80
C VAL A 197 17.99 -48.75 9.28
N ASN A 198 17.63 -48.14 8.15
CA ASN A 198 18.47 -47.08 7.62
C ASN A 198 17.95 -45.71 8.01
N GLY A 199 17.36 -45.63 9.20
CA GLY A 199 16.87 -44.36 9.68
C GLY A 199 15.38 -44.19 9.57
N ALA A 200 14.86 -43.26 10.37
CA ALA A 200 13.45 -42.89 10.41
C ALA A 200 13.41 -41.53 11.10
N GLY A 201 12.30 -40.83 10.92
CA GLY A 201 12.19 -39.52 11.52
C GLY A 201 10.94 -38.85 11.01
N ILE A 202 10.91 -37.53 11.15
CA ILE A 202 9.80 -36.66 10.76
C ILE A 202 10.26 -35.75 9.62
N ASN A 203 9.45 -35.63 8.58
CA ASN A 203 9.79 -34.78 7.44
C ASN A 203 9.95 -33.35 7.95
N SER A 204 10.85 -32.60 7.33
CA SER A 204 11.08 -31.22 7.73
C SER A 204 11.13 -30.30 6.52
N SER A 205 10.75 -29.04 6.73
CA SER A 205 10.85 -28.03 5.70
C SER A 205 12.10 -27.24 6.13
N PHE A 206 12.77 -26.58 5.19
CA PHE A 206 13.92 -25.78 5.53
C PHE A 206 13.86 -24.46 4.78
N ALA A 207 14.49 -23.44 5.33
CA ALA A 207 14.50 -22.13 4.71
C ALA A 207 15.85 -21.47 4.88
N VAL A 208 16.23 -20.65 3.90
CA VAL A 208 17.46 -19.87 3.96
C VAL A 208 16.98 -18.42 3.77
N HIS A 209 16.81 -17.73 4.90
CA HIS A 209 16.35 -16.36 4.91
C HIS A 209 17.48 -15.39 4.56
N GLN A 210 18.65 -15.62 5.17
CA GLN A 210 19.84 -14.80 4.96
C GLN A 210 21.05 -15.71 4.89
N ASP A 211 21.93 -15.41 3.93
CA ASP A 211 23.16 -16.18 3.76
C ASP A 211 24.30 -15.18 3.57
N VAL A 212 25.24 -15.17 4.51
CA VAL A 212 26.37 -14.26 4.47
C VAL A 212 27.67 -14.89 3.99
N ASP A 213 27.67 -16.18 3.66
CA ASP A 213 28.90 -16.81 3.19
C ASP A 213 28.78 -17.99 2.22
N GLY A 214 27.56 -18.45 1.96
CA GLY A 214 27.35 -19.55 1.04
C GLY A 214 27.17 -20.93 1.66
N ARG A 215 27.34 -21.04 2.98
CA ARG A 215 27.20 -22.33 3.66
C ARG A 215 25.79 -22.64 4.14
N ALA A 216 24.94 -21.62 4.17
CA ALA A 216 23.58 -21.76 4.69
C ALA A 216 22.75 -22.94 4.23
N THR A 217 22.66 -23.16 2.93
CA THR A 217 21.86 -24.27 2.43
C THR A 217 22.34 -25.63 2.93
N ASP A 218 23.63 -25.92 2.80
CA ASP A 218 24.14 -27.20 3.26
C ASP A 218 24.10 -27.38 4.76
N VAL A 219 24.21 -26.28 5.50
CA VAL A 219 24.13 -26.37 6.96
C VAL A 219 22.67 -26.75 7.33
N ALA A 220 21.70 -26.13 6.65
CA ALA A 220 20.30 -26.43 6.90
C ALA A 220 19.99 -27.89 6.52
N LEU A 221 20.46 -28.32 5.36
CA LEU A 221 20.23 -29.68 4.90
C LEU A 221 20.90 -30.70 5.81
N GLY A 222 22.11 -30.40 6.27
CA GLY A 222 22.83 -31.30 7.16
C GLY A 222 22.07 -31.45 8.47
N TRP A 223 21.60 -30.32 8.99
CA TRP A 223 20.83 -30.29 10.23
C TRP A 223 19.61 -31.19 10.06
N SER A 224 18.85 -30.98 8.98
CA SER A 224 17.67 -31.78 8.74
C SER A 224 17.97 -33.28 8.61
N ILE A 225 18.99 -33.62 7.84
CA ILE A 225 19.40 -35.02 7.64
C ILE A 225 19.78 -35.66 8.99
N ALA A 226 20.51 -34.89 9.81
CA ALA A 226 20.95 -35.34 11.12
C ALA A 226 19.78 -35.57 12.05
N LEU A 227 18.64 -34.92 11.82
CA LEU A 227 17.43 -35.09 12.62
C LEU A 227 16.72 -36.38 12.25
N GLY A 228 17.05 -36.92 11.08
CA GLY A 228 16.43 -38.14 10.59
C GLY A 228 15.27 -37.90 9.63
N SER A 229 15.14 -36.69 9.11
CA SER A 229 14.04 -36.36 8.18
C SER A 229 14.02 -37.29 6.97
N PRO A 230 12.91 -38.03 6.77
CA PRO A 230 12.82 -38.93 5.61
C PRO A 230 12.95 -38.11 4.32
N PHE A 231 12.32 -36.94 4.29
CA PHE A 231 12.52 -36.02 3.20
C PHE A 231 12.41 -34.59 3.72
N THR A 232 13.22 -33.74 3.10
CA THR A 232 13.33 -32.33 3.41
C THR A 232 12.98 -31.54 2.17
N PHE A 233 12.09 -30.57 2.33
CA PHE A 233 11.67 -29.71 1.23
C PHE A 233 11.88 -28.24 1.63
N ALA A 234 11.97 -27.37 0.63
CA ALA A 234 12.21 -25.96 0.86
C ALA A 234 10.95 -25.13 1.01
N THR A 235 11.07 -24.08 1.81
CA THR A 235 9.99 -23.13 2.05
C THR A 235 10.69 -21.82 2.45
N THR A 236 9.94 -20.84 2.91
CA THR A 236 10.50 -19.57 3.37
C THR A 236 10.02 -19.42 4.83
N LEU A 237 10.65 -18.54 5.60
CA LEU A 237 10.21 -18.34 6.98
C LEU A 237 8.76 -17.91 7.07
N GLU A 238 8.33 -17.05 6.15
CA GLU A 238 6.96 -16.55 6.13
C GLU A 238 5.94 -17.62 5.73
N GLN A 239 6.26 -18.40 4.70
CA GLN A 239 5.35 -19.47 4.28
C GLN A 239 5.22 -20.49 5.41
N GLU A 240 6.32 -20.71 6.13
CA GLU A 240 6.35 -21.68 7.21
C GLU A 240 5.50 -21.20 8.38
N TYR A 241 5.66 -19.96 8.83
CA TYR A 241 4.85 -19.52 9.96
C TYR A 241 3.37 -19.42 9.58
N LYS A 242 3.06 -18.97 8.37
CA LYS A 242 1.68 -18.86 7.93
C LYS A 242 0.98 -20.23 7.91
N SER A 243 1.64 -21.24 7.36
CA SER A 243 1.03 -22.57 7.32
C SER A 243 1.06 -23.30 8.66
N ASP A 244 2.12 -23.09 9.41
CA ASP A 244 2.33 -23.76 10.66
C ASP A 244 1.48 -23.32 11.83
N ILE A 245 1.46 -22.02 12.08
CA ILE A 245 0.66 -21.48 13.18
C ILE A 245 -0.80 -21.83 12.90
N PHE A 246 -1.15 -21.77 11.63
CA PHE A 246 -2.49 -22.10 11.16
C PHE A 246 -2.81 -23.61 11.29
N GLY A 247 -1.91 -24.45 10.79
CA GLY A 247 -2.10 -25.89 10.81
C GLY A 247 -2.35 -26.51 12.18
N GLU A 248 -1.59 -26.09 13.18
CA GLU A 248 -1.77 -26.61 14.52
C GLU A 248 -3.12 -26.21 15.10
N ARG A 249 -3.60 -25.03 14.72
CA ARG A 249 -4.91 -24.56 15.18
C ARG A 249 -6.01 -25.27 14.39
N GLY A 250 -5.65 -25.70 13.18
CA GLY A 250 -6.54 -26.45 12.31
C GLY A 250 -6.53 -27.94 12.58
N ILE A 251 -6.46 -28.74 11.52
CA ILE A 251 -6.53 -30.19 11.63
C ILE A 251 -5.60 -30.90 12.60
N LEU A 252 -4.38 -30.40 12.76
CA LEU A 252 -3.40 -31.06 13.60
C LEU A 252 -3.74 -31.20 15.08
N LEU A 253 -4.25 -30.11 15.68
CA LEU A 253 -4.60 -30.13 17.09
C LEU A 253 -5.97 -29.53 17.42
N GLY A 254 -6.12 -28.23 17.15
CA GLY A 254 -7.36 -27.54 17.48
C GLY A 254 -8.62 -28.13 16.90
N ALA A 255 -8.64 -28.27 15.58
CA ALA A 255 -9.81 -28.80 14.90
C ALA A 255 -10.14 -30.24 15.24
N VAL A 256 -9.14 -31.11 15.34
CA VAL A 256 -9.42 -32.49 15.68
C VAL A 256 -9.97 -32.60 17.09
N HIS A 257 -9.48 -31.76 18.00
CA HIS A 257 -9.97 -31.76 19.36
C HIS A 257 -11.44 -31.29 19.35
N GLY A 258 -11.72 -30.17 18.69
CA GLY A 258 -13.08 -29.68 18.61
C GLY A 258 -14.03 -30.69 17.97
N ILE A 259 -13.56 -31.39 16.93
CA ILE A 259 -14.37 -32.40 16.24
C ILE A 259 -14.75 -33.52 17.20
N VAL A 260 -13.76 -34.08 17.90
CA VAL A 260 -14.08 -35.18 18.81
C VAL A 260 -14.96 -34.76 19.97
N GLU A 261 -14.81 -33.54 20.48
CA GLU A 261 -15.67 -33.09 21.58
C GLU A 261 -17.11 -32.95 21.08
N CYS A 262 -17.26 -32.33 19.92
CA CYS A 262 -18.56 -32.09 19.30
C CYS A 262 -19.30 -33.39 18.99
N LEU A 263 -18.59 -34.33 18.37
CA LEU A 263 -19.20 -35.62 18.01
C LEU A 263 -19.48 -36.51 19.22
N PHE A 264 -18.56 -36.53 20.19
CA PHE A 264 -18.78 -37.35 21.37
C PHE A 264 -20.10 -36.92 22.03
N ARG A 265 -20.27 -35.61 22.16
CA ARG A 265 -21.46 -35.05 22.75
C ARG A 265 -22.70 -35.42 21.96
N ARG A 266 -22.64 -35.25 20.63
CA ARG A 266 -23.77 -35.59 19.77
C ARG A 266 -24.14 -37.06 19.89
N TYR A 267 -23.14 -37.94 19.82
CA TYR A 267 -23.38 -39.38 19.87
C TYR A 267 -23.99 -39.80 21.20
N THR A 268 -23.45 -39.32 22.31
CA THR A 268 -23.97 -39.68 23.61
C THR A 268 -25.35 -39.09 23.85
N GLU A 269 -25.62 -37.92 23.28
CA GLU A 269 -26.93 -37.28 23.42
C GLU A 269 -27.97 -38.17 22.72
N SER A 270 -27.55 -38.79 21.63
CA SER A 270 -28.41 -39.65 20.81
C SER A 270 -28.56 -41.10 21.27
N GLY A 271 -28.08 -41.40 22.46
CA GLY A 271 -28.21 -42.76 22.96
C GLY A 271 -27.01 -43.68 22.91
N MET A 272 -25.95 -43.29 22.20
CA MET A 272 -24.74 -44.10 22.12
C MET A 272 -24.03 -44.08 23.48
N SER A 273 -23.58 -45.24 23.94
CA SER A 273 -22.88 -45.33 25.21
C SER A 273 -21.60 -44.50 25.14
N GLU A 274 -21.15 -44.03 26.29
CA GLU A 274 -19.92 -43.23 26.37
C GLU A 274 -18.74 -44.02 25.79
N ASP A 275 -18.68 -45.31 26.11
CA ASP A 275 -17.63 -46.17 25.62
C ASP A 275 -17.59 -46.17 24.09
N LEU A 276 -18.75 -46.42 23.50
CA LEU A 276 -18.86 -46.48 22.06
C LEU A 276 -18.63 -45.13 21.40
N ALA A 277 -19.13 -44.06 22.02
CA ALA A 277 -18.97 -42.72 21.51
C ALA A 277 -17.47 -42.35 21.49
N TYR A 278 -16.72 -42.79 22.50
CA TYR A 278 -15.29 -42.51 22.53
C TYR A 278 -14.59 -43.31 21.41
N LYS A 279 -14.93 -44.59 21.29
CA LYS A 279 -14.34 -45.44 20.26
C LYS A 279 -14.64 -44.90 18.84
N ASN A 280 -15.89 -44.46 18.64
CA ASN A 280 -16.34 -43.95 17.36
C ASN A 280 -15.84 -42.58 16.99
N THR A 281 -15.17 -41.91 17.93
CA THR A 281 -14.61 -40.58 17.67
C THR A 281 -13.06 -40.63 17.71
N VAL A 282 -12.52 -40.66 18.92
CA VAL A 282 -11.07 -40.67 19.10
C VAL A 282 -10.36 -41.92 18.60
N GLU A 283 -10.85 -43.10 18.99
CA GLU A 283 -10.21 -44.34 18.57
C GLU A 283 -10.28 -44.53 17.06
N CYS A 284 -11.41 -44.13 16.49
CA CYS A 284 -11.64 -44.20 15.06
C CYS A 284 -10.62 -43.33 14.31
N ILE A 285 -10.57 -42.05 14.70
CA ILE A 285 -9.66 -41.11 14.05
C ILE A 285 -8.17 -41.44 14.24
N THR A 286 -7.78 -41.77 15.47
CA THR A 286 -6.38 -42.06 15.76
C THR A 286 -5.95 -43.47 15.40
N GLY A 287 -6.93 -44.30 15.08
CA GLY A 287 -6.65 -45.67 14.71
C GLY A 287 -6.76 -45.87 13.20
N VAL A 288 -7.81 -46.59 12.81
CA VAL A 288 -8.02 -46.90 11.39
C VAL A 288 -7.95 -45.72 10.41
N ILE A 289 -8.55 -44.59 10.76
CA ILE A 289 -8.51 -43.43 9.85
C ILE A 289 -7.06 -43.00 9.61
N SER A 290 -6.29 -42.84 10.68
CA SER A 290 -4.91 -42.42 10.52
C SER A 290 -4.05 -43.47 9.83
N LYS A 291 -4.22 -44.73 10.21
CA LYS A 291 -3.42 -45.79 9.61
C LYS A 291 -3.68 -45.89 8.11
N THR A 292 -4.94 -45.79 7.71
CA THR A 292 -5.29 -45.87 6.30
C THR A 292 -4.74 -44.67 5.53
N ILE A 293 -4.94 -43.47 6.06
CA ILE A 293 -4.45 -42.26 5.41
C ILE A 293 -2.92 -42.23 5.33
N SER A 294 -2.25 -42.79 6.34
CA SER A 294 -0.80 -42.81 6.40
C SER A 294 -0.18 -43.56 5.22
N THR A 295 -0.63 -44.77 4.95
CA THR A 295 -0.04 -45.51 3.87
C THR A 295 -0.86 -45.71 2.60
N LYS A 296 -2.18 -45.58 2.68
CA LYS A 296 -3.04 -45.77 1.51
C LYS A 296 -3.76 -44.54 0.98
N GLY A 297 -3.99 -43.56 1.86
CA GLY A 297 -4.67 -42.34 1.46
C GLY A 297 -6.15 -42.25 1.81
N MET A 298 -6.71 -41.08 1.58
CA MET A 298 -8.11 -40.79 1.85
C MET A 298 -9.07 -41.52 0.93
N LEU A 299 -8.69 -41.74 -0.32
CA LEU A 299 -9.56 -42.45 -1.25
C LEU A 299 -9.73 -43.91 -0.82
N ALA A 300 -8.63 -44.53 -0.39
CA ALA A 300 -8.68 -45.90 0.09
C ALA A 300 -9.58 -45.97 1.33
N LEU A 301 -9.52 -44.94 2.17
CA LEU A 301 -10.33 -44.88 3.37
C LEU A 301 -11.82 -44.87 2.97
N TYR A 302 -12.19 -43.96 2.08
CA TYR A 302 -13.57 -43.86 1.62
C TYR A 302 -14.03 -45.18 0.98
N ASN A 303 -13.16 -45.80 0.20
CA ASN A 303 -13.48 -47.06 -0.47
C ASN A 303 -13.60 -48.24 0.49
N SER A 304 -13.08 -48.11 1.71
CA SER A 304 -13.18 -49.20 2.68
C SER A 304 -14.51 -49.15 3.45
N LEU A 305 -15.29 -48.09 3.23
CA LEU A 305 -16.61 -47.94 3.84
C LEU A 305 -17.58 -48.83 3.04
N SER A 306 -18.66 -49.25 3.68
CA SER A 306 -19.67 -50.04 3.00
C SER A 306 -20.48 -49.04 2.16
N GLU A 307 -21.40 -49.53 1.35
CA GLU A 307 -22.22 -48.65 0.54
C GLU A 307 -23.07 -47.73 1.42
N GLU A 308 -23.63 -48.26 2.50
CA GLU A 308 -24.42 -47.43 3.40
C GLU A 308 -23.47 -46.46 4.12
N GLY A 309 -22.28 -46.95 4.49
CA GLY A 309 -21.31 -46.10 5.15
C GLY A 309 -20.92 -44.87 4.32
N LYS A 310 -20.77 -45.07 3.01
CA LYS A 310 -20.43 -43.95 2.13
C LYS A 310 -21.51 -42.87 2.17
N LYS A 311 -22.78 -43.27 2.30
CA LYS A 311 -23.87 -42.30 2.40
C LYS A 311 -23.75 -41.48 3.70
N ASP A 312 -23.43 -42.14 4.83
CA ASP A 312 -23.26 -41.44 6.11
C ASP A 312 -22.05 -40.50 6.02
N PHE A 313 -20.96 -40.98 5.44
CA PHE A 313 -19.74 -40.19 5.22
C PHE A 313 -20.11 -38.94 4.40
N GLN A 314 -20.87 -39.15 3.32
CA GLN A 314 -21.29 -38.05 2.46
C GLN A 314 -22.11 -37.00 3.21
N ALA A 315 -23.03 -37.44 4.08
CA ALA A 315 -23.85 -36.53 4.86
C ALA A 315 -22.98 -35.68 5.79
N ALA A 316 -22.05 -36.34 6.48
CA ALA A 316 -21.15 -35.66 7.40
C ALA A 316 -20.22 -34.69 6.64
N TYR A 317 -19.58 -35.17 5.58
CA TYR A 317 -18.66 -34.37 4.77
C TYR A 317 -19.36 -33.14 4.21
N SER A 318 -20.49 -33.37 3.55
CA SER A 318 -21.28 -32.30 2.94
C SER A 318 -21.68 -31.20 3.94
N ALA A 319 -22.09 -31.59 5.13
CA ALA A 319 -22.52 -30.64 6.13
C ALA A 319 -21.37 -29.94 6.84
N SER A 320 -20.22 -30.60 6.91
CA SER A 320 -19.05 -30.09 7.64
C SER A 320 -18.00 -29.27 6.89
N TYR A 321 -17.89 -29.49 5.59
CA TYR A 321 -16.90 -28.85 4.75
C TYR A 321 -16.83 -27.32 4.85
N TYR A 322 -17.91 -26.63 4.53
CA TYR A 322 -17.92 -25.17 4.58
C TYR A 322 -17.80 -24.59 5.98
N PRO A 323 -18.55 -25.11 6.97
CA PRO A 323 -18.40 -24.54 8.31
C PRO A 323 -16.93 -24.69 8.80
N SER A 324 -16.29 -25.81 8.48
CA SER A 324 -14.89 -26.02 8.85
C SER A 324 -14.04 -24.96 8.14
N MET A 325 -14.26 -24.78 6.83
CA MET A 325 -13.52 -23.81 6.04
C MET A 325 -13.64 -22.38 6.60
N ASP A 326 -14.83 -22.03 7.06
CA ASP A 326 -15.12 -20.72 7.64
C ASP A 326 -14.08 -20.41 8.74
N ILE A 327 -13.96 -21.32 9.70
CA ILE A 327 -13.01 -21.13 10.81
C ILE A 327 -11.55 -21.17 10.35
N LEU A 328 -11.23 -22.11 9.47
CA LEU A 328 -9.87 -22.25 8.95
C LEU A 328 -9.44 -20.97 8.23
N TYR A 329 -10.36 -20.43 7.43
CA TYR A 329 -10.16 -19.22 6.64
C TYR A 329 -9.86 -18.06 7.59
N GLU A 330 -10.66 -17.95 8.64
CA GLU A 330 -10.50 -16.93 9.68
C GLU A 330 -9.15 -17.06 10.36
N CYS A 331 -8.84 -18.28 10.80
CA CYS A 331 -7.59 -18.55 11.49
C CYS A 331 -6.39 -18.20 10.62
N TYR A 332 -6.40 -18.63 9.37
CA TYR A 332 -5.29 -18.34 8.47
C TYR A 332 -5.05 -16.84 8.33
N GLU A 333 -6.12 -16.09 8.10
CA GLU A 333 -5.97 -14.66 7.93
C GLU A 333 -5.47 -13.97 9.21
N ASP A 334 -5.84 -14.48 10.38
CA ASP A 334 -5.36 -13.93 11.66
C ASP A 334 -3.87 -14.23 11.80
N VAL A 335 -3.43 -15.36 11.27
CA VAL A 335 -2.02 -15.74 11.33
C VAL A 335 -1.20 -14.88 10.37
N ALA A 336 -1.70 -14.69 9.15
CA ALA A 336 -1.01 -13.91 8.15
C ALA A 336 -0.97 -12.42 8.46
N SER A 337 -1.99 -11.89 9.12
CA SER A 337 -2.08 -10.47 9.39
C SER A 337 -1.21 -9.96 10.52
N GLY A 338 -0.83 -10.89 11.41
CA GLY A 338 -0.04 -10.56 12.58
C GLY A 338 -0.86 -10.58 13.86
N SER A 339 -2.19 -10.67 13.73
CA SER A 339 -3.04 -10.69 14.91
C SER A 339 -2.73 -11.85 15.86
N GLU A 340 -2.64 -13.06 15.32
CA GLU A 340 -2.40 -14.24 16.13
C GLU A 340 -1.01 -14.29 16.74
N ILE A 341 -0.03 -13.84 15.98
CA ILE A 341 1.35 -13.82 16.47
C ILE A 341 1.41 -12.90 17.69
N ARG A 342 0.82 -11.71 17.57
CA ARG A 342 0.80 -10.77 18.70
C ARG A 342 0.07 -11.36 19.91
N SER A 343 -1.05 -12.08 19.68
CA SER A 343 -1.78 -12.70 20.79
C SER A 343 -0.91 -13.72 21.53
N VAL A 344 -0.10 -14.48 20.80
CA VAL A 344 0.79 -15.48 21.38
C VAL A 344 1.88 -14.80 22.22
N VAL A 345 2.44 -13.71 21.70
CA VAL A 345 3.46 -12.96 22.43
C VAL A 345 2.87 -12.44 23.76
N LEU A 346 1.70 -11.82 23.73
CA LEU A 346 1.05 -11.30 24.95
C LEU A 346 0.66 -12.43 25.90
N ALA A 347 0.24 -13.57 25.37
CA ALA A 347 -0.14 -14.72 26.21
C ALA A 347 1.06 -15.20 27.03
N GLY A 348 2.23 -15.20 26.42
CA GLY A 348 3.43 -15.65 27.09
C GLY A 348 3.74 -14.77 28.29
N ARG A 349 3.45 -13.48 28.17
CA ARG A 349 3.70 -12.55 29.27
C ARG A 349 2.72 -12.75 30.42
N ARG A 350 1.53 -13.24 30.11
CA ARG A 350 0.51 -13.47 31.12
C ARG A 350 0.75 -14.72 31.98
N PHE A 351 1.80 -15.48 31.63
CA PHE A 351 2.18 -16.66 32.39
C PHE A 351 2.85 -16.18 33.70
N TYR A 352 3.10 -14.87 33.79
CA TYR A 352 3.71 -14.24 34.96
C TYR A 352 2.84 -13.11 35.48
N GLU A 353 2.99 -12.79 36.76
CA GLU A 353 2.23 -11.70 37.35
C GLU A 353 2.75 -10.37 36.82
N LYS A 354 1.82 -9.46 36.55
CA LYS A 354 2.14 -8.12 36.08
C LYS A 354 0.88 -7.30 36.21
N GLU A 355 1.05 -5.98 36.28
CA GLU A 355 -0.05 -5.05 36.37
C GLU A 355 -1.02 -5.29 37.53
N GLY A 356 -0.53 -5.90 38.61
CA GLY A 356 -1.35 -6.17 39.77
C GLY A 356 -2.33 -7.32 39.56
N LEU A 357 -2.13 -8.07 38.49
CA LEU A 357 -2.98 -9.20 38.16
C LEU A 357 -2.20 -10.49 38.30
N PRO A 358 -2.92 -11.61 38.51
CA PRO A 358 -2.27 -12.93 38.66
C PRO A 358 -1.65 -13.51 37.40
N ALA A 359 -0.86 -14.55 37.59
CA ALA A 359 -0.22 -15.29 36.52
C ALA A 359 -1.27 -16.31 36.08
N PHE A 360 -1.27 -16.62 34.79
CA PHE A 360 -2.22 -17.56 34.21
C PHE A 360 -1.55 -18.59 33.29
N PRO A 361 -0.82 -19.53 33.89
CA PRO A 361 -0.17 -20.56 33.06
C PRO A 361 -1.28 -21.45 32.43
N MET A 362 -0.98 -22.14 31.34
CA MET A 362 -1.98 -23.01 30.73
C MET A 362 -2.44 -24.09 31.71
N GLY A 363 -3.72 -24.41 31.63
CA GLY A 363 -4.29 -25.43 32.49
C GLY A 363 -4.42 -26.76 31.76
N LYS A 364 -5.08 -27.71 32.38
CA LYS A 364 -5.26 -29.03 31.80
C LYS A 364 -6.49 -29.06 30.90
N ILE A 365 -6.41 -29.82 29.83
CA ILE A 365 -7.51 -29.91 28.87
C ILE A 365 -8.14 -31.29 28.79
N ASP A 366 -7.62 -32.24 29.58
CA ASP A 366 -8.11 -33.62 29.53
C ASP A 366 -8.75 -34.16 30.80
N GLN A 367 -9.29 -33.28 31.64
CA GLN A 367 -9.92 -33.73 32.88
C GLN A 367 -11.44 -33.75 32.80
N THR A 368 -11.96 -33.40 31.62
CA THR A 368 -13.39 -33.36 31.39
C THR A 368 -13.98 -34.72 30.99
N ARG A 369 -15.30 -34.77 30.93
CA ARG A 369 -16.07 -35.97 30.64
C ARG A 369 -15.52 -36.99 29.65
N MET A 370 -15.34 -36.60 28.39
CA MET A 370 -14.91 -37.56 27.38
C MET A 370 -13.52 -38.13 27.56
N TRP A 371 -12.65 -37.38 28.23
CA TRP A 371 -11.28 -37.83 28.44
C TRP A 371 -11.21 -38.76 29.64
N LYS A 372 -12.13 -38.56 30.59
CA LYS A 372 -12.23 -39.43 31.74
C LYS A 372 -12.75 -40.78 31.19
N VAL A 373 -13.69 -40.71 30.25
CA VAL A 373 -14.22 -41.92 29.59
C VAL A 373 -13.05 -42.59 28.83
N GLY A 374 -12.23 -41.78 28.15
CA GLY A 374 -11.08 -42.28 27.39
C GLY A 374 -10.12 -43.09 28.24
N GLU A 375 -9.87 -42.61 29.46
CA GLU A 375 -8.99 -43.30 30.39
C GLU A 375 -9.54 -44.70 30.70
N LYS A 376 -10.86 -44.80 30.91
CA LYS A 376 -11.50 -46.06 31.21
C LYS A 376 -11.46 -47.00 30.01
N VAL A 377 -11.69 -46.48 28.81
CA VAL A 377 -11.64 -47.30 27.60
C VAL A 377 -10.24 -47.88 27.43
N ARG A 378 -9.23 -47.04 27.64
CA ARG A 378 -7.85 -47.47 27.48
C ARG A 378 -7.39 -48.43 28.57
N SER A 379 -7.96 -48.31 29.77
CA SER A 379 -7.55 -49.16 30.88
C SER A 379 -7.79 -50.64 30.57
N VAL A 380 -8.76 -50.91 29.71
CA VAL A 380 -9.10 -52.26 29.34
C VAL A 380 -8.95 -52.53 27.83
N ARG A 381 -8.32 -51.61 27.12
CA ARG A 381 -8.10 -51.77 25.69
C ARG A 381 -6.92 -52.69 25.40
N PRO A 382 -7.15 -53.76 24.62
CA PRO A 382 -6.04 -54.66 24.32
C PRO A 382 -5.09 -54.01 23.32
N ALA A 383 -3.84 -54.46 23.33
CA ALA A 383 -2.83 -53.94 22.43
C ALA A 383 -3.21 -54.33 21.01
N GLY A 384 -2.90 -53.45 20.07
CA GLY A 384 -3.17 -53.72 18.68
C GLY A 384 -4.57 -53.40 18.21
N ASP A 385 -5.33 -52.69 19.03
CA ASP A 385 -6.69 -52.33 18.67
C ASP A 385 -6.62 -51.27 17.57
N LEU A 386 -7.32 -51.52 16.47
CA LEU A 386 -7.33 -50.66 15.29
C LEU A 386 -8.42 -49.59 15.29
N GLY A 387 -9.39 -49.73 16.19
CA GLY A 387 -10.49 -48.79 16.27
C GLY A 387 -11.54 -49.02 15.19
N PRO A 388 -12.79 -48.55 15.38
CA PRO A 388 -13.81 -48.76 14.36
C PRO A 388 -13.73 -47.64 13.33
N LEU A 389 -14.20 -47.93 12.12
CA LEU A 389 -14.23 -46.92 11.07
C LEU A 389 -15.68 -46.40 11.02
N TYR A 390 -16.06 -45.56 11.96
CA TYR A 390 -17.41 -45.00 12.02
C TYR A 390 -17.55 -44.00 10.86
N PRO A 391 -18.40 -44.30 9.87
CA PRO A 391 -18.57 -43.41 8.71
C PRO A 391 -18.82 -41.93 8.94
N PHE A 392 -19.71 -41.58 9.85
CA PHE A 392 -20.01 -40.19 10.07
C PHE A 392 -18.78 -39.43 10.58
N THR A 393 -18.02 -40.08 11.46
CA THR A 393 -16.82 -39.46 12.01
C THR A 393 -15.80 -39.24 10.89
N ALA A 394 -15.62 -40.24 10.03
CA ALA A 394 -14.68 -40.14 8.92
C ALA A 394 -15.08 -38.97 8.02
N GLY A 395 -16.37 -38.81 7.76
CA GLY A 395 -16.84 -37.71 6.92
C GLY A 395 -16.50 -36.33 7.46
N VAL A 396 -16.74 -36.12 8.75
CA VAL A 396 -16.44 -34.84 9.38
C VAL A 396 -14.92 -34.57 9.34
N TYR A 397 -14.13 -35.55 9.75
CA TYR A 397 -12.67 -35.43 9.81
C TYR A 397 -12.04 -35.17 8.44
N VAL A 398 -12.39 -35.99 7.47
CA VAL A 398 -11.85 -35.84 6.11
C VAL A 398 -12.31 -34.52 5.47
N ALA A 399 -13.54 -34.08 5.75
CA ALA A 399 -14.04 -32.81 5.21
C ALA A 399 -13.16 -31.67 5.75
N LEU A 400 -12.80 -31.73 7.04
CA LEU A 400 -11.97 -30.68 7.62
C LEU A 400 -10.56 -30.72 7.04
N MET A 401 -10.03 -31.91 6.84
CA MET A 401 -8.71 -32.09 6.27
C MET A 401 -8.68 -31.50 4.84
N MET A 402 -9.73 -31.78 4.06
CA MET A 402 -9.84 -31.26 2.70
C MET A 402 -10.06 -29.75 2.67
N ALA A 403 -10.82 -29.21 3.62
CA ALA A 403 -11.03 -27.77 3.69
C ALA A 403 -9.71 -27.04 4.00
N GLN A 404 -8.92 -27.61 4.89
CA GLN A 404 -7.62 -27.01 5.24
C GLN A 404 -6.71 -27.01 4.02
N ILE A 405 -6.69 -28.12 3.30
CA ILE A 405 -5.89 -28.25 2.09
C ILE A 405 -6.28 -27.15 1.09
N GLU A 406 -7.59 -26.93 0.93
CA GLU A 406 -8.06 -25.93 -0.01
C GLU A 406 -7.67 -24.52 0.42
N ILE A 407 -7.75 -24.23 1.71
CA ILE A 407 -7.37 -22.90 2.19
C ILE A 407 -5.89 -22.67 1.91
N LEU A 408 -5.04 -23.63 2.23
CA LEU A 408 -3.61 -23.47 1.97
C LEU A 408 -3.30 -23.30 0.46
N ARG A 409 -4.01 -24.04 -0.40
CA ARG A 409 -3.80 -23.91 -1.85
C ARG A 409 -4.17 -22.51 -2.32
N LYS A 410 -5.35 -22.05 -1.90
CA LYS A 410 -5.82 -20.73 -2.27
C LYS A 410 -4.97 -19.61 -1.70
N LYS A 411 -4.25 -19.88 -0.60
CA LYS A 411 -3.38 -18.90 0.01
C LYS A 411 -1.95 -18.93 -0.53
N GLY A 412 -1.64 -19.93 -1.36
CA GLY A 412 -0.35 -20.00 -2.03
C GLY A 412 0.79 -20.85 -1.52
N HIS A 413 0.50 -22.01 -0.94
CA HIS A 413 1.54 -22.89 -0.40
C HIS A 413 1.80 -24.07 -1.32
N SER A 414 3.01 -24.61 -1.23
CA SER A 414 3.41 -25.74 -2.06
C SER A 414 2.74 -27.01 -1.57
N TYR A 415 2.62 -28.01 -2.43
CA TYR A 415 2.00 -29.25 -2.05
C TYR A 415 2.77 -29.99 -0.95
N SER A 416 4.11 -29.93 -0.96
CA SER A 416 4.88 -30.59 0.08
C SER A 416 4.56 -29.98 1.45
N GLU A 417 4.39 -28.67 1.48
CA GLU A 417 4.06 -27.98 2.71
C GLU A 417 2.63 -28.33 3.11
N ILE A 418 1.71 -28.23 2.16
CA ILE A 418 0.30 -28.52 2.40
C ILE A 418 0.07 -29.94 2.94
N ILE A 419 0.67 -30.92 2.27
CA ILE A 419 0.51 -32.31 2.63
C ILE A 419 1.08 -32.65 4.00
N ASN A 420 2.24 -32.09 4.34
CA ASN A 420 2.81 -32.38 5.64
C ASN A 420 2.00 -31.72 6.73
N GLU A 421 1.64 -30.46 6.52
CA GLU A 421 0.88 -29.68 7.50
C GLU A 421 -0.59 -30.11 7.68
N SER A 422 -1.15 -30.77 6.68
CA SER A 422 -2.56 -31.14 6.76
C SER A 422 -2.87 -32.62 6.77
N VAL A 423 -1.87 -33.45 6.46
CA VAL A 423 -2.10 -34.90 6.37
C VAL A 423 -1.04 -35.78 7.06
N ILE A 424 0.19 -35.74 6.55
CA ILE A 424 1.27 -36.59 7.08
C ILE A 424 1.51 -36.39 8.57
N GLU A 425 1.64 -35.14 9.00
CA GLU A 425 1.89 -34.89 10.41
C GLU A 425 0.81 -35.44 11.34
N ALA A 426 -0.45 -35.27 10.96
CA ALA A 426 -1.56 -35.74 11.79
C ALA A 426 -1.51 -37.25 11.99
N VAL A 427 -1.25 -37.98 10.92
CA VAL A 427 -1.28 -39.43 11.00
C VAL A 427 -0.02 -40.15 11.41
N ASP A 428 1.14 -39.60 11.07
CA ASP A 428 2.43 -40.22 11.39
C ASP A 428 3.10 -39.70 12.66
N SER A 429 2.69 -38.52 13.11
CA SER A 429 3.29 -37.92 14.30
C SER A 429 2.37 -37.70 15.49
N LEU A 430 1.30 -36.96 15.27
CA LEU A 430 0.39 -36.56 16.34
C LEU A 430 -0.67 -37.51 16.82
N ASN A 431 -1.51 -37.99 15.91
CA ASN A 431 -2.57 -38.89 16.31
C ASN A 431 -2.15 -40.11 17.14
N PRO A 432 -0.97 -40.68 16.85
CA PRO A 432 -0.54 -41.85 17.64
C PRO A 432 -0.49 -41.52 19.15
N PHE A 433 -0.17 -40.27 19.50
CA PHE A 433 -0.12 -39.87 20.91
C PHE A 433 -1.50 -39.79 21.54
N MET A 434 -2.49 -39.38 20.76
CA MET A 434 -3.87 -39.28 21.27
C MET A 434 -4.44 -40.69 21.38
N HIS A 435 -4.02 -41.60 20.50
CA HIS A 435 -4.48 -42.97 20.61
C HIS A 435 -3.88 -43.53 21.90
N ALA A 436 -2.61 -43.19 22.15
CA ALA A 436 -1.90 -43.68 23.33
C ALA A 436 -2.44 -43.17 24.67
N ARG A 437 -2.72 -41.88 24.76
CA ARG A 437 -3.18 -41.33 26.03
C ARG A 437 -4.05 -40.09 26.01
N GLY A 438 -4.87 -39.94 24.98
CA GLY A 438 -5.77 -38.80 24.94
C GLY A 438 -5.22 -37.52 24.34
N VAL A 439 -6.09 -36.51 24.32
CA VAL A 439 -5.77 -35.22 23.72
C VAL A 439 -4.57 -34.46 24.29
N SER A 440 -4.36 -34.53 25.60
CA SER A 440 -3.25 -33.80 26.21
C SER A 440 -1.91 -34.39 25.80
N PHE A 441 -1.84 -35.71 25.76
CA PHE A 441 -0.61 -36.41 25.39
C PHE A 441 -0.19 -35.98 23.98
N MET A 442 -1.16 -35.55 23.18
CA MET A 442 -0.89 -35.08 21.83
C MET A 442 -0.60 -33.57 21.85
N VAL A 443 -1.58 -32.78 22.25
CA VAL A 443 -1.46 -31.32 22.26
C VAL A 443 -0.32 -30.76 23.10
N ASP A 444 -0.24 -31.24 24.33
CA ASP A 444 0.74 -30.72 25.29
C ASP A 444 2.18 -31.11 25.09
N ASN A 445 2.40 -32.01 24.12
CA ASN A 445 3.76 -32.40 23.76
C ASN A 445 4.26 -31.51 22.61
N CYS A 446 3.41 -30.57 22.18
CA CYS A 446 3.74 -29.63 21.13
C CYS A 446 4.21 -28.33 21.79
N SER A 447 4.58 -27.35 20.98
CA SER A 447 5.09 -26.07 21.50
C SER A 447 4.06 -25.26 22.26
N THR A 448 4.55 -24.24 22.96
CA THR A 448 3.70 -23.34 23.70
C THR A 448 2.75 -22.66 22.70
N THR A 449 3.27 -22.28 21.55
CA THR A 449 2.44 -21.63 20.54
C THR A 449 1.31 -22.56 20.08
N ALA A 450 1.65 -23.82 19.84
CA ALA A 450 0.66 -24.82 19.40
C ALA A 450 -0.35 -25.11 20.51
N ARG A 451 0.13 -25.20 21.76
CA ARG A 451 -0.75 -25.48 22.91
C ARG A 451 -1.76 -24.37 23.12
N LEU A 452 -1.30 -23.12 22.97
CA LEU A 452 -2.19 -21.96 23.08
C LEU A 452 -3.19 -21.98 21.92
N GLY A 453 -2.69 -22.27 20.72
CA GLY A 453 -3.52 -22.29 19.53
C GLY A 453 -4.63 -23.33 19.59
N SER A 454 -4.28 -24.53 20.05
CA SER A 454 -5.25 -25.61 20.17
C SER A 454 -6.35 -25.20 21.14
N ARG A 455 -5.97 -24.60 22.25
CA ARG A 455 -6.93 -24.15 23.25
C ARG A 455 -7.84 -23.02 22.74
N LYS A 456 -7.29 -22.14 21.91
CA LYS A 456 -8.05 -21.01 21.40
C LYS A 456 -9.01 -21.37 20.27
N TRP A 457 -8.58 -22.31 19.42
CA TRP A 457 -9.38 -22.68 18.25
C TRP A 457 -10.24 -23.93 18.31
N ALA A 458 -9.87 -24.91 19.12
CA ALA A 458 -10.69 -26.12 19.25
C ALA A 458 -12.15 -25.76 19.57
N PRO A 459 -12.37 -24.81 20.54
CA PRO A 459 -13.76 -24.46 20.87
C PRO A 459 -14.53 -23.88 19.68
N ARG A 460 -13.82 -23.17 18.80
CA ARG A 460 -14.41 -22.54 17.61
C ARG A 460 -14.93 -23.61 16.65
N PHE A 461 -14.15 -24.67 16.46
CA PHE A 461 -14.55 -25.76 15.57
C PHE A 461 -15.72 -26.53 16.17
N ASP A 462 -15.69 -26.75 17.49
CA ASP A 462 -16.77 -27.44 18.20
C ASP A 462 -18.08 -26.66 17.99
N TYR A 463 -18.07 -25.39 18.35
CA TYR A 463 -19.28 -24.58 18.21
C TYR A 463 -19.81 -24.50 16.78
N ILE A 464 -18.95 -24.23 15.79
CA ILE A 464 -19.48 -24.09 14.43
C ILE A 464 -20.03 -25.41 13.88
N LEU A 465 -19.38 -26.52 14.22
CA LEU A 465 -19.88 -27.81 13.76
C LEU A 465 -21.24 -28.12 14.41
N SER A 466 -21.39 -27.79 15.69
CA SER A 466 -22.63 -28.02 16.42
C SER A 466 -23.74 -27.12 15.87
N GLN A 467 -23.42 -25.84 15.72
CA GLN A 467 -24.37 -24.82 15.26
C GLN A 467 -24.82 -24.88 13.82
N GLN A 468 -23.90 -25.29 12.95
CA GLN A 468 -24.18 -25.34 11.51
C GLN A 468 -24.23 -26.73 10.88
N ALA A 469 -23.11 -27.43 10.92
CA ALA A 469 -23.03 -28.74 10.31
C ALA A 469 -24.03 -29.75 10.85
N LEU A 470 -24.05 -29.93 12.16
CA LEU A 470 -24.93 -30.90 12.79
C LEU A 470 -26.40 -30.50 12.68
N VAL A 471 -26.67 -29.20 12.72
CA VAL A 471 -28.03 -28.69 12.58
C VAL A 471 -28.52 -28.99 11.16
N ALA A 472 -27.62 -28.82 10.17
CA ALA A 472 -27.99 -29.10 8.77
C ALA A 472 -28.36 -30.57 8.61
N VAL A 473 -27.55 -31.47 9.16
CA VAL A 473 -27.83 -32.90 9.11
C VAL A 473 -29.19 -33.20 9.80
N ASP A 474 -29.47 -32.56 10.92
CA ASP A 474 -30.72 -32.80 11.63
C ASP A 474 -31.95 -32.11 11.01
N ASN A 475 -31.71 -31.31 9.97
CA ASN A 475 -32.78 -30.65 9.24
C ASN A 475 -32.92 -31.27 7.84
N GLY A 476 -32.29 -32.43 7.65
CA GLY A 476 -32.36 -33.11 6.36
C GLY A 476 -31.79 -32.35 5.18
N ALA A 477 -30.71 -31.61 5.41
CA ALA A 477 -30.08 -30.82 4.35
C ALA A 477 -29.67 -31.75 3.21
N PRO A 478 -29.81 -31.28 1.95
CA PRO A 478 -29.42 -32.15 0.83
C PRO A 478 -27.93 -32.27 0.86
N ILE A 479 -27.43 -33.40 0.35
CA ILE A 479 -26.01 -33.64 0.28
C ILE A 479 -25.50 -32.87 -0.93
N ASN A 480 -24.45 -32.09 -0.71
CA ASN A 480 -23.78 -31.32 -1.76
C ASN A 480 -22.86 -32.33 -2.44
N GLN A 481 -23.38 -33.01 -3.43
CA GLN A 481 -22.62 -34.03 -4.16
C GLN A 481 -21.44 -33.49 -4.94
N ASP A 482 -21.45 -32.19 -5.23
CA ASP A 482 -20.33 -31.56 -5.91
C ASP A 482 -19.11 -31.60 -4.98
N LEU A 483 -19.33 -31.41 -3.69
CA LEU A 483 -18.25 -31.45 -2.69
C LEU A 483 -17.67 -32.86 -2.65
N ILE A 484 -18.56 -33.85 -2.67
CA ILE A 484 -18.13 -35.24 -2.65
C ILE A 484 -17.32 -35.57 -3.89
N SER A 485 -17.79 -35.11 -5.05
CA SER A 485 -17.09 -35.38 -6.29
C SER A 485 -15.73 -34.69 -6.29
N ASN A 486 -15.70 -33.47 -5.79
CA ASN A 486 -14.47 -32.69 -5.69
C ASN A 486 -13.45 -33.41 -4.83
N PHE A 487 -13.93 -33.98 -3.73
CA PHE A 487 -13.05 -34.75 -2.84
C PHE A 487 -12.48 -35.93 -3.59
N LEU A 488 -13.34 -36.68 -4.26
CA LEU A 488 -12.93 -37.86 -5.00
C LEU A 488 -11.97 -37.63 -6.16
N SER A 489 -12.07 -36.48 -6.80
CA SER A 489 -11.21 -36.14 -7.93
C SER A 489 -10.08 -35.20 -7.54
N ASP A 490 -9.96 -34.85 -6.26
CA ASP A 490 -8.94 -33.91 -5.83
C ASP A 490 -7.53 -34.34 -6.17
N PRO A 491 -6.77 -33.43 -6.80
CA PRO A 491 -5.38 -33.75 -7.18
C PRO A 491 -4.43 -33.98 -6.02
N VAL A 492 -4.86 -33.67 -4.81
CA VAL A 492 -3.99 -33.86 -3.65
C VAL A 492 -3.76 -35.34 -3.35
N HIS A 493 -4.71 -36.19 -3.73
CA HIS A 493 -4.58 -37.60 -3.43
C HIS A 493 -3.40 -38.28 -4.10
N GLU A 494 -3.18 -38.00 -5.38
CA GLU A 494 -2.05 -38.57 -6.08
C GLU A 494 -0.75 -38.05 -5.47
N ALA A 495 -0.73 -36.77 -5.14
CA ALA A 495 0.44 -36.13 -4.53
C ALA A 495 0.76 -36.78 -3.16
N ILE A 496 -0.28 -37.08 -2.38
CA ILE A 496 -0.12 -37.72 -1.07
C ILE A 496 0.53 -39.08 -1.30
N GLY A 497 0.08 -39.77 -2.35
CA GLY A 497 0.66 -41.06 -2.68
C GLY A 497 2.14 -40.95 -3.03
N VAL A 498 2.51 -39.92 -3.78
CA VAL A 498 3.91 -39.69 -4.16
C VAL A 498 4.75 -39.47 -2.90
N CYS A 499 4.27 -38.61 -2.01
CA CYS A 499 5.00 -38.37 -0.78
C CYS A 499 5.11 -39.64 0.08
N ALA A 500 4.08 -40.49 0.06
CA ALA A 500 4.07 -41.71 0.86
C ALA A 500 5.16 -42.68 0.47
N GLN A 501 5.66 -42.57 -0.75
CA GLN A 501 6.73 -43.44 -1.22
C GLN A 501 8.06 -43.09 -0.57
N LEU A 502 8.10 -41.91 0.07
CA LEU A 502 9.29 -41.37 0.73
C LEU A 502 9.30 -41.60 2.21
N ARG A 503 8.31 -42.32 2.62
CA ARG A 503 8.12 -42.61 4.02
C ARG A 503 8.74 -43.96 4.39
N PRO A 504 9.57 -43.99 5.45
CA PRO A 504 10.23 -45.21 5.92
C PRO A 504 9.18 -46.21 6.38
N SER A 505 9.49 -47.51 6.33
CA SER A 505 8.51 -48.51 6.75
C SER A 505 8.68 -48.75 8.26
N VAL A 506 8.42 -47.69 9.02
CA VAL A 506 8.52 -47.69 10.47
C VAL A 506 7.44 -46.77 11.00
N ASP A 507 6.50 -47.32 11.74
CA ASP A 507 5.43 -46.54 12.33
C ASP A 507 5.83 -46.27 13.77
N ILE A 508 5.60 -45.04 14.22
CA ILE A 508 5.96 -44.67 15.58
C ILE A 508 5.27 -45.54 16.63
N SER A 509 6.06 -46.05 17.59
CA SER A 509 5.55 -46.85 18.69
C SER A 509 5.59 -46.00 19.95
N VAL A 510 4.41 -45.66 20.45
CA VAL A 510 4.27 -44.84 21.63
C VAL A 510 3.09 -45.33 22.46
N THR A 511 3.32 -45.49 23.74
CA THR A 511 2.30 -45.93 24.66
C THR A 511 2.17 -44.88 25.77
N ALA A 512 1.19 -45.05 26.64
CA ALA A 512 0.92 -44.10 27.73
C ALA A 512 2.06 -43.83 28.72
N ASP A 513 2.92 -44.82 28.96
CA ASP A 513 4.04 -44.65 29.89
C ASP A 513 5.35 -44.27 29.21
N ALA A 514 5.26 -43.72 28.00
CA ALA A 514 6.43 -43.29 27.25
C ALA A 514 7.21 -42.30 28.11
N ASP A 515 8.52 -42.46 28.16
CA ASP A 515 9.33 -41.53 28.92
C ASP A 515 9.98 -40.44 28.05
N PHE A 516 9.83 -40.56 26.73
CA PHE A 516 10.41 -39.59 25.79
C PHE A 516 9.54 -38.37 25.49
N VAL A 517 8.65 -38.03 26.42
CA VAL A 517 7.74 -36.90 26.27
C VAL A 517 8.12 -35.84 27.31
N ARG A 518 7.42 -34.71 27.33
CA ARG A 518 7.71 -33.67 28.34
C ARG A 518 7.60 -34.32 29.71
N PRO A 519 8.50 -33.97 30.64
CA PRO A 519 8.52 -34.51 32.00
C PRO A 519 7.15 -34.45 32.70
N GLU A 520 6.49 -33.31 32.56
CA GLU A 520 5.18 -33.06 33.17
C GLU A 520 4.08 -33.95 32.60
N LEU A 521 4.39 -34.65 31.51
CA LEU A 521 3.42 -35.52 30.86
C LEU A 521 3.70 -37.00 31.10
N ARG A 522 4.80 -37.30 31.78
CA ARG A 522 5.13 -38.68 32.06
C ARG A 522 4.18 -39.28 33.11
N GLN A 523 3.70 -40.48 32.83
CA GLN A 523 2.81 -41.19 33.74
C GLN A 523 3.19 -42.66 33.66
N ALA A 524 2.86 -43.41 34.70
CA ALA A 524 3.19 -44.84 34.77
C ALA A 524 2.06 -45.60 35.48
N PHE B 15 -11.16 12.52 30.79
CA PHE B 15 -11.75 13.55 29.95
C PHE B 15 -12.56 14.57 30.77
N ASP B 16 -11.93 15.70 31.03
CA ASP B 16 -12.60 16.77 31.77
C ASP B 16 -13.31 17.59 30.71
N PHE B 17 -14.57 17.91 30.94
CA PHE B 17 -15.35 18.67 29.99
C PHE B 17 -16.09 19.82 30.66
N ASP B 18 -16.54 20.76 29.85
CA ASP B 18 -17.28 21.89 30.34
C ASP B 18 -18.38 22.15 29.33
N SER B 19 -19.60 22.24 29.84
CA SER B 19 -20.76 22.47 29.01
C SER B 19 -21.31 23.85 29.29
N SER B 20 -21.72 24.52 28.22
CA SER B 20 -22.27 25.86 28.29
C SER B 20 -23.80 25.77 28.43
N VAL B 21 -24.37 24.72 27.84
CA VAL B 21 -25.81 24.50 27.81
C VAL B 21 -26.35 23.60 28.91
N PHE B 22 -25.61 22.55 29.26
CA PHE B 22 -26.05 21.60 30.26
C PHE B 22 -25.38 21.66 31.62
N LYS B 23 -26.09 21.12 32.61
CA LYS B 23 -25.68 21.05 33.99
C LYS B 23 -24.81 19.81 34.25
N LYS B 24 -23.58 20.03 34.68
CA LYS B 24 -22.65 18.95 35.00
C LYS B 24 -22.81 18.64 36.49
N GLU B 25 -22.87 17.36 36.82
CA GLU B 25 -23.01 16.95 38.21
C GLU B 25 -21.95 15.94 38.60
N LYS B 26 -21.61 15.94 39.88
CA LYS B 26 -20.60 15.04 40.38
C LYS B 26 -21.27 13.80 40.96
N VAL B 27 -20.59 12.67 40.82
CA VAL B 27 -21.02 11.42 41.40
C VAL B 27 -19.73 10.90 42.01
N THR B 28 -19.84 10.27 43.15
CA THR B 28 -18.67 9.73 43.80
C THR B 28 -18.86 8.23 43.82
N LEU B 29 -17.95 7.54 43.16
CA LEU B 29 -17.98 6.10 43.07
C LEU B 29 -16.69 5.59 43.66
N SER B 30 -16.82 4.98 44.83
CA SER B 30 -15.67 4.42 45.56
C SER B 30 -14.57 5.46 45.77
N GLY B 31 -14.94 6.63 46.27
CA GLY B 31 -13.96 7.68 46.51
C GLY B 31 -13.44 8.38 45.27
N HIS B 32 -14.01 8.06 44.11
CA HIS B 32 -13.60 8.68 42.85
C HIS B 32 -14.71 9.58 42.30
N ASP B 33 -14.41 10.87 42.24
CA ASP B 33 -15.36 11.86 41.73
C ASP B 33 -15.32 11.83 40.21
N GLU B 34 -16.50 11.67 39.63
CA GLU B 34 -16.67 11.67 38.19
C GLU B 34 -17.80 12.65 37.91
N TYR B 35 -17.71 13.33 36.79
CA TYR B 35 -18.75 14.27 36.40
C TYR B 35 -19.59 13.66 35.28
N ILE B 36 -20.90 13.78 35.40
CA ILE B 36 -21.82 13.23 34.44
C ILE B 36 -22.88 14.28 34.14
N VAL B 37 -23.72 14.01 33.16
CA VAL B 37 -24.82 14.89 32.81
C VAL B 37 -26.09 14.04 32.86
N ARG B 38 -26.98 14.38 33.79
CA ARG B 38 -28.25 13.67 33.93
C ARG B 38 -29.13 14.03 32.74
N GLY B 39 -29.91 13.07 32.28
CA GLY B 39 -30.81 13.29 31.17
C GLY B 39 -32.21 13.64 31.65
N GLY B 40 -33.17 13.60 30.72
CA GLY B 40 -34.55 13.91 31.05
C GLY B 40 -35.19 14.62 29.86
N ARG B 41 -36.46 14.34 29.59
CA ARG B 41 -37.16 14.99 28.48
C ARG B 41 -37.30 16.49 28.73
N ASN B 42 -37.22 16.88 29.99
CA ASN B 42 -37.31 18.28 30.38
C ASN B 42 -36.16 19.11 29.81
N LEU B 43 -35.08 18.44 29.40
CA LEU B 43 -33.90 19.12 28.86
C LEU B 43 -33.98 19.32 27.35
N PHE B 44 -34.97 18.71 26.72
CA PHE B 44 -35.14 18.81 25.28
C PHE B 44 -35.22 20.26 24.75
N PRO B 45 -35.82 21.18 25.51
CA PRO B 45 -35.87 22.55 24.98
C PRO B 45 -34.48 23.18 24.83
N LEU B 46 -33.47 22.57 25.43
CA LEU B 46 -32.09 23.05 25.36
C LEU B 46 -31.34 22.56 24.12
N LEU B 47 -31.94 21.65 23.37
CA LEU B 47 -31.30 21.08 22.20
C LEU B 47 -30.92 22.09 21.13
N PRO B 48 -31.81 23.05 20.83
CA PRO B 48 -31.42 24.02 19.79
C PRO B 48 -30.10 24.74 20.13
N ASP B 49 -29.92 25.09 21.40
CA ASP B 49 -28.70 25.77 21.86
C ASP B 49 -27.51 24.82 21.80
N ALA B 50 -27.76 23.56 22.13
CA ALA B 50 -26.71 22.55 22.11
C ALA B 50 -26.26 22.31 20.66
N PHE B 51 -27.23 22.24 19.76
CA PHE B 51 -26.96 21.99 18.34
C PHE B 51 -26.72 23.27 17.54
N LYS B 52 -25.81 24.10 18.03
CA LYS B 52 -25.49 25.32 17.30
C LYS B 52 -24.74 24.98 16.00
N GLY B 53 -25.22 25.58 14.91
CA GLY B 53 -24.62 25.35 13.61
C GLY B 53 -25.05 24.07 12.92
N ILE B 54 -26.03 23.38 13.51
CA ILE B 54 -26.52 22.13 12.94
C ILE B 54 -27.89 22.33 12.31
N LYS B 55 -27.96 22.18 11.00
CA LYS B 55 -29.22 22.29 10.30
C LYS B 55 -29.63 20.90 9.86
N GLN B 56 -28.65 20.02 9.69
CA GLN B 56 -28.94 18.66 9.27
C GLN B 56 -28.02 17.67 9.96
N ILE B 57 -28.64 16.59 10.45
CA ILE B 57 -27.92 15.48 11.09
C ILE B 57 -28.09 14.35 10.10
N GLY B 58 -26.97 13.87 9.58
CA GLY B 58 -27.00 12.78 8.64
C GLY B 58 -26.67 11.50 9.38
N VAL B 59 -27.67 10.63 9.50
CA VAL B 59 -27.52 9.33 10.16
C VAL B 59 -27.16 8.36 9.04
N ILE B 60 -25.92 7.89 9.05
CA ILE B 60 -25.47 6.98 8.01
C ILE B 60 -25.57 5.53 8.48
N GLY B 61 -26.34 4.74 7.76
CA GLY B 61 -26.51 3.34 8.11
C GLY B 61 -27.91 3.05 8.59
N TRP B 62 -28.22 1.76 8.74
CA TRP B 62 -29.52 1.31 9.20
C TRP B 62 -29.37 -0.14 9.72
N GLY B 63 -28.47 -0.29 10.70
CA GLY B 63 -28.21 -1.58 11.31
C GLY B 63 -28.99 -1.64 12.61
N SER B 64 -28.31 -1.81 13.73
CA SER B 64 -28.99 -1.87 15.04
C SER B 64 -29.13 -0.49 15.73
N GLN B 65 -28.12 0.37 15.59
CA GLN B 65 -28.15 1.68 16.22
C GLN B 65 -28.94 2.75 15.46
N ALA B 66 -28.66 2.93 14.18
CA ALA B 66 -29.32 3.95 13.36
C ALA B 66 -30.84 4.04 13.45
N PRO B 67 -31.56 2.89 13.34
CA PRO B 67 -33.03 2.99 13.43
C PRO B 67 -33.48 3.63 14.76
N ALA B 68 -32.85 3.20 15.84
CA ALA B 68 -33.16 3.69 17.18
C ALA B 68 -32.77 5.14 17.38
N GLN B 69 -31.51 5.46 17.10
CA GLN B 69 -31.02 6.81 17.27
C GLN B 69 -31.73 7.84 16.42
N ALA B 70 -31.95 7.53 15.13
CA ALA B 70 -32.62 8.44 14.22
C ALA B 70 -34.02 8.81 14.74
N GLN B 71 -34.76 7.80 15.21
CA GLN B 71 -36.10 8.06 15.71
C GLN B 71 -36.14 8.81 17.02
N ASN B 72 -35.25 8.46 17.94
CA ASN B 72 -35.18 9.16 19.22
C ASN B 72 -34.80 10.62 19.01
N LEU B 73 -33.84 10.86 18.11
CA LEU B 73 -33.39 12.21 17.80
C LEU B 73 -34.54 13.03 17.21
N LYS B 74 -35.22 12.47 16.22
CA LYS B 74 -36.34 13.15 15.58
C LYS B 74 -37.44 13.45 16.60
N ASP B 75 -37.77 12.48 17.44
CA ASP B 75 -38.81 12.64 18.47
C ASP B 75 -38.42 13.75 19.44
N SER B 76 -37.16 13.78 19.85
CA SER B 76 -36.68 14.80 20.79
C SER B 76 -36.65 16.19 20.16
N LEU B 77 -36.22 16.27 18.90
CA LEU B 77 -36.15 17.54 18.19
C LEU B 77 -37.55 18.12 17.99
N THR B 78 -38.52 17.26 17.75
CA THR B 78 -39.91 17.68 17.56
C THR B 78 -40.46 18.28 18.85
N GLU B 79 -40.13 17.66 19.99
CA GLU B 79 -40.59 18.15 21.28
C GLU B 79 -39.90 19.46 21.61
N ALA B 80 -38.68 19.62 21.12
CA ALA B 80 -37.89 20.83 21.31
C ALA B 80 -38.34 21.89 20.30
N LYS B 81 -39.20 21.51 19.36
CA LYS B 81 -39.69 22.39 18.31
C LYS B 81 -38.53 22.93 17.47
N SER B 82 -37.58 22.04 17.20
CA SER B 82 -36.39 22.34 16.44
C SER B 82 -36.61 22.11 14.96
N ASP B 83 -35.91 22.88 14.15
CA ASP B 83 -35.99 22.78 12.69
C ASP B 83 -34.87 21.91 12.11
N VAL B 84 -34.08 21.27 12.97
CA VAL B 84 -33.00 20.40 12.50
C VAL B 84 -33.61 19.20 11.79
N VAL B 85 -33.04 18.84 10.65
CA VAL B 85 -33.51 17.71 9.86
C VAL B 85 -32.62 16.49 10.13
N VAL B 86 -33.26 15.34 10.35
CA VAL B 86 -32.56 14.09 10.57
C VAL B 86 -32.74 13.33 9.28
N LYS B 87 -31.65 13.17 8.54
CA LYS B 87 -31.67 12.49 7.24
C LYS B 87 -30.86 11.20 7.24
N ILE B 88 -31.49 10.13 6.79
CA ILE B 88 -30.86 8.82 6.71
C ILE B 88 -30.12 8.70 5.38
N GLY B 89 -28.85 8.29 5.44
CA GLY B 89 -28.02 8.11 4.25
C GLY B 89 -27.65 6.65 4.09
N LEU B 90 -28.02 6.06 2.96
CA LEU B 90 -27.75 4.66 2.67
C LEU B 90 -27.00 4.49 1.36
N ARG B 91 -26.21 3.42 1.28
CA ARG B 91 -25.41 3.15 0.09
C ARG B 91 -26.24 2.62 -1.07
N LYS B 92 -25.55 2.55 -2.22
CA LYS B 92 -26.07 2.07 -3.50
C LYS B 92 -27.55 1.66 -3.64
N GLY B 93 -27.81 0.35 -3.69
CA GLY B 93 -29.17 -0.13 -3.82
C GLY B 93 -29.49 -0.95 -2.58
N SER B 94 -29.33 -0.29 -1.44
CA SER B 94 -29.57 -0.90 -0.14
C SER B 94 -31.02 -1.30 0.06
N ASN B 95 -31.22 -2.43 0.75
CA ASN B 95 -32.55 -2.95 1.06
C ASN B 95 -33.15 -2.25 2.27
N SER B 96 -32.34 -1.40 2.92
CA SER B 96 -32.79 -0.67 4.09
C SER B 96 -33.65 0.55 3.80
N PHE B 97 -33.76 0.94 2.53
CA PHE B 97 -34.58 2.09 2.15
C PHE B 97 -36.04 1.87 2.55
N ALA B 98 -36.57 0.70 2.25
CA ALA B 98 -37.96 0.35 2.59
C ALA B 98 -38.18 0.43 4.10
N GLU B 99 -37.23 -0.12 4.84
CA GLU B 99 -37.26 -0.12 6.29
C GLU B 99 -37.23 1.30 6.86
N ALA B 100 -36.38 2.13 6.29
CA ALA B 100 -36.24 3.52 6.71
C ALA B 100 -37.56 4.26 6.46
N ARG B 101 -38.18 4.00 5.32
CA ARG B 101 -39.45 4.63 4.99
C ARG B 101 -40.51 4.20 6.01
N ALA B 102 -40.48 2.93 6.40
CA ALA B 102 -41.42 2.41 7.39
C ALA B 102 -41.25 3.11 8.73
N ALA B 103 -40.07 3.67 8.97
CA ALA B 103 -39.79 4.40 10.21
C ALA B 103 -40.09 5.90 10.06
N GLY B 104 -40.66 6.30 8.94
CA GLY B 104 -41.01 7.69 8.72
C GLY B 104 -40.02 8.55 7.96
N PHE B 105 -38.99 7.95 7.41
CA PHE B 105 -37.98 8.71 6.67
C PHE B 105 -38.23 8.51 5.18
N SER B 106 -38.33 9.60 4.45
CA SER B 106 -38.60 9.51 3.02
C SER B 106 -37.80 10.50 2.18
N GLU B 107 -37.64 10.17 0.90
CA GLU B 107 -36.94 11.00 -0.05
C GLU B 107 -37.71 12.29 -0.31
N GLU B 108 -39.03 12.20 -0.49
CA GLU B 108 -39.84 13.38 -0.76
C GLU B 108 -39.79 14.43 0.35
N ASN B 109 -39.53 13.99 1.58
CA ASN B 109 -39.43 14.91 2.71
C ASN B 109 -37.97 15.25 3.01
N GLY B 110 -37.07 14.75 2.17
CA GLY B 110 -35.65 15.01 2.31
C GLY B 110 -35.01 14.41 3.54
N THR B 111 -35.61 13.35 4.07
CA THR B 111 -35.10 12.71 5.27
C THR B 111 -34.52 11.34 5.01
N LEU B 112 -34.36 11.00 3.74
CA LEU B 112 -33.80 9.73 3.30
C LEU B 112 -33.12 10.00 1.95
N GLY B 113 -31.89 9.55 1.81
CA GLY B 113 -31.17 9.75 0.56
C GLY B 113 -29.91 8.95 0.45
N ASP B 114 -29.09 9.30 -0.54
CA ASP B 114 -27.84 8.62 -0.79
C ASP B 114 -26.84 8.92 0.32
N MET B 115 -26.06 7.92 0.66
CA MET B 115 -25.06 8.00 1.70
C MET B 115 -24.07 9.16 1.58
N TRP B 116 -23.39 9.24 0.44
CA TRP B 116 -22.39 10.26 0.19
C TRP B 116 -22.99 11.64 0.12
N GLU B 117 -24.14 11.76 -0.52
CA GLU B 117 -24.84 13.03 -0.63
C GLU B 117 -25.29 13.47 0.76
N THR B 118 -25.69 12.52 1.60
CA THR B 118 -26.13 12.84 2.94
C THR B 118 -24.96 13.33 3.78
N ILE B 119 -23.82 12.67 3.66
CA ILE B 119 -22.61 13.08 4.40
C ILE B 119 -22.21 14.51 4.01
N SER B 120 -22.19 14.79 2.71
CA SER B 120 -21.81 16.10 2.18
C SER B 120 -22.64 17.26 2.70
N GLY B 121 -23.96 17.07 2.82
CA GLY B 121 -24.82 18.13 3.27
C GLY B 121 -25.10 18.20 4.76
N SER B 122 -24.50 17.29 5.53
CA SER B 122 -24.75 17.25 6.97
C SER B 122 -23.75 18.00 7.82
N ASP B 123 -24.24 18.55 8.93
CA ASP B 123 -23.44 19.31 9.89
C ASP B 123 -22.91 18.40 11.00
N LEU B 124 -23.64 17.32 11.24
CA LEU B 124 -23.31 16.31 12.22
C LEU B 124 -23.59 15.00 11.50
N VAL B 125 -22.54 14.22 11.29
CA VAL B 125 -22.64 12.95 10.59
C VAL B 125 -22.47 11.81 11.59
N LEU B 126 -23.50 11.00 11.76
CA LEU B 126 -23.46 9.86 12.69
C LEU B 126 -23.09 8.65 11.83
N LEU B 127 -21.85 8.19 11.97
CA LEU B 127 -21.37 7.06 11.19
C LEU B 127 -21.78 5.74 11.86
N LEU B 128 -23.00 5.31 11.55
CA LEU B 128 -23.56 4.10 12.14
C LEU B 128 -23.63 2.93 11.18
N ILE B 129 -22.49 2.67 10.54
CA ILE B 129 -22.34 1.54 9.63
C ILE B 129 -21.43 0.56 10.37
N SER B 130 -21.31 -0.67 9.87
CA SER B 130 -20.48 -1.67 10.51
C SER B 130 -19.08 -1.14 10.71
N ASP B 131 -18.46 -1.51 11.82
CA ASP B 131 -17.11 -1.06 12.14
C ASP B 131 -16.09 -1.45 11.07
N SER B 132 -16.21 -2.66 10.54
CA SER B 132 -15.27 -3.09 9.51
C SER B 132 -15.46 -2.25 8.23
N ALA B 133 -16.69 -1.86 7.94
CA ALA B 133 -16.98 -1.03 6.78
C ALA B 133 -16.35 0.35 6.99
N GLN B 134 -16.39 0.85 8.23
CA GLN B 134 -15.78 2.14 8.55
C GLN B 134 -14.28 2.05 8.28
N ALA B 135 -13.68 0.96 8.75
CA ALA B 135 -12.26 0.72 8.57
C ALA B 135 -11.84 0.71 7.09
N ASP B 136 -12.66 0.13 6.24
CA ASP B 136 -12.36 0.04 4.81
C ASP B 136 -12.87 1.17 3.92
N ASN B 137 -13.58 2.14 4.50
CA ASN B 137 -14.12 3.24 3.71
C ASN B 137 -14.04 4.61 4.35
N TYR B 138 -13.26 4.75 5.41
CA TYR B 138 -13.18 6.05 6.08
C TYR B 138 -12.69 7.20 5.20
N GLU B 139 -11.81 6.91 4.23
CA GLU B 139 -11.28 7.96 3.35
C GLU B 139 -12.38 8.60 2.51
N LYS B 140 -13.33 7.79 2.07
CA LYS B 140 -14.44 8.27 1.28
C LYS B 140 -15.36 9.10 2.18
N VAL B 141 -15.53 8.67 3.43
CA VAL B 141 -16.38 9.38 4.40
C VAL B 141 -15.79 10.74 4.71
N PHE B 142 -14.50 10.76 5.02
CA PHE B 142 -13.77 11.98 5.35
C PHE B 142 -13.80 13.00 4.20
N SER B 143 -13.60 12.54 2.97
CA SER B 143 -13.59 13.43 1.80
C SER B 143 -14.92 14.15 1.55
N HIS B 144 -16.01 13.61 2.09
CA HIS B 144 -17.32 14.21 1.92
C HIS B 144 -17.74 15.15 3.06
N MET B 145 -16.93 15.21 4.10
CA MET B 145 -17.19 16.08 5.26
C MET B 145 -16.86 17.55 4.92
N LYS B 146 -17.78 18.44 5.25
CA LYS B 146 -17.57 19.87 5.03
C LYS B 146 -16.57 20.37 6.04
N PRO B 147 -15.83 21.43 5.72
CA PRO B 147 -14.86 21.94 6.70
C PRO B 147 -15.66 22.40 7.94
N ASN B 148 -15.14 22.10 9.10
CA ASN B 148 -15.77 22.44 10.37
C ASN B 148 -17.14 21.80 10.59
N SER B 149 -17.32 20.61 10.04
CA SER B 149 -18.54 19.84 10.27
C SER B 149 -18.13 18.90 11.42
N ILE B 150 -19.06 18.08 11.92
CA ILE B 150 -18.74 17.20 13.03
C ILE B 150 -19.04 15.76 12.72
N LEU B 151 -18.07 14.90 12.99
CA LEU B 151 -18.22 13.48 12.77
C LEU B 151 -18.51 12.84 14.11
N GLY B 152 -19.63 12.12 14.17
CA GLY B 152 -20.02 11.44 15.39
C GLY B 152 -20.00 9.94 15.20
N LEU B 153 -19.34 9.27 16.14
CA LEU B 153 -19.22 7.80 16.18
C LEU B 153 -19.94 7.33 17.44
N SER B 154 -20.42 6.10 17.43
CA SER B 154 -21.06 5.52 18.62
C SER B 154 -20.18 4.38 19.17
N HIS B 155 -18.92 4.39 18.73
CA HIS B 155 -17.91 3.41 19.12
C HIS B 155 -16.53 3.95 18.70
N GLY B 156 -15.50 3.70 19.49
CA GLY B 156 -14.17 4.19 19.16
C GLY B 156 -13.33 3.32 18.25
N PHE B 157 -13.93 2.25 17.72
CA PHE B 157 -13.27 1.30 16.83
C PHE B 157 -12.43 1.95 15.73
N LEU B 158 -13.01 2.92 15.03
CA LEU B 158 -12.31 3.58 13.93
C LEU B 158 -10.97 4.20 14.35
N LEU B 159 -10.90 4.79 15.53
CA LEU B 159 -9.63 5.35 15.99
C LEU B 159 -8.62 4.20 16.14
N GLY B 160 -9.04 3.09 16.74
CA GLY B 160 -8.16 1.96 16.92
C GLY B 160 -7.62 1.49 15.58
N HIS B 161 -8.49 1.47 14.58
CA HIS B 161 -8.05 1.06 13.27
C HIS B 161 -7.04 2.07 12.69
N LEU B 162 -7.33 3.36 12.79
CA LEU B 162 -6.44 4.39 12.27
C LEU B 162 -5.09 4.31 12.97
N GLN B 163 -5.12 4.06 14.27
CA GLN B 163 -3.91 3.91 15.05
C GLN B 163 -3.03 2.80 14.48
N SER B 164 -3.65 1.69 14.06
CA SER B 164 -2.90 0.58 13.50
C SER B 164 -2.21 0.97 12.20
N LEU B 165 -2.69 2.04 11.59
CA LEU B 165 -2.13 2.56 10.34
C LEU B 165 -1.27 3.78 10.59
N GLY B 166 -1.14 4.16 11.86
CA GLY B 166 -0.37 5.34 12.23
C GLY B 166 -1.07 6.59 11.74
N GLN B 167 -2.39 6.52 11.56
CA GLN B 167 -3.17 7.65 11.09
C GLN B 167 -4.11 8.21 12.16
N ASP B 168 -4.78 9.31 11.80
CA ASP B 168 -5.75 10.01 12.65
C ASP B 168 -6.78 10.66 11.73
N PHE B 169 -7.79 11.28 12.32
CA PHE B 169 -8.86 11.94 11.58
C PHE B 169 -8.33 13.22 10.94
N PRO B 170 -9.07 13.76 9.95
CA PRO B 170 -8.67 15.00 9.26
C PRO B 170 -8.62 16.18 10.24
N LYS B 171 -7.71 17.12 10.02
CA LYS B 171 -7.59 18.28 10.90
C LYS B 171 -8.48 19.49 10.54
N ASN B 172 -9.61 19.21 9.90
CA ASN B 172 -10.54 20.27 9.53
C ASN B 172 -11.95 19.98 10.02
N ILE B 173 -12.11 18.92 10.80
CA ILE B 173 -13.42 18.54 11.35
C ILE B 173 -13.30 18.19 12.83
N SER B 174 -14.44 18.22 13.52
CA SER B 174 -14.50 17.84 14.92
C SER B 174 -14.93 16.36 14.91
N VAL B 175 -14.49 15.62 15.92
CA VAL B 175 -14.79 14.21 16.05
C VAL B 175 -15.25 13.96 17.48
N ILE B 176 -16.45 13.46 17.62
CA ILE B 176 -17.04 13.18 18.93
C ILE B 176 -17.66 11.79 18.91
N ALA B 177 -18.09 11.32 20.07
CA ALA B 177 -18.75 10.02 20.16
C ALA B 177 -19.78 10.03 21.26
N VAL B 178 -20.88 9.34 21.01
CA VAL B 178 -21.97 9.13 21.96
C VAL B 178 -22.24 7.64 21.78
N CYS B 179 -21.82 6.88 22.78
CA CYS B 179 -21.92 5.44 22.74
C CYS B 179 -22.92 4.87 23.73
N PRO B 180 -24.12 4.49 23.25
CA PRO B 180 -25.15 3.91 24.12
C PRO B 180 -24.63 2.58 24.69
N LYS B 181 -24.67 2.44 26.00
CA LYS B 181 -24.23 1.21 26.66
C LYS B 181 -25.42 0.23 26.72
N GLY B 182 -25.89 -0.16 25.54
CA GLY B 182 -27.01 -1.07 25.40
C GLY B 182 -27.30 -1.22 23.92
N MET B 183 -27.99 -2.29 23.54
CA MET B 183 -28.33 -2.52 22.13
C MET B 183 -29.27 -1.48 21.57
N GLY B 184 -29.14 -1.18 20.28
CA GLY B 184 -29.98 -0.21 19.61
C GLY B 184 -31.47 -0.40 19.88
N PRO B 185 -32.03 -1.62 19.71
CA PRO B 185 -33.46 -1.81 19.97
C PRO B 185 -33.90 -1.39 21.38
N SER B 186 -32.99 -1.48 22.35
CA SER B 186 -33.31 -1.10 23.73
C SER B 186 -33.28 0.43 23.86
N VAL B 187 -32.43 1.08 23.06
CA VAL B 187 -32.33 2.54 23.06
C VAL B 187 -33.70 3.10 22.63
N ARG B 188 -34.29 2.51 21.60
CA ARG B 188 -35.58 2.96 21.10
C ARG B 188 -36.72 2.61 22.06
N ARG B 189 -36.82 1.32 22.41
CA ARG B 189 -37.87 0.82 23.28
C ARG B 189 -37.99 1.56 24.62
N LEU B 190 -36.87 1.73 25.33
CA LEU B 190 -36.89 2.43 26.60
C LEU B 190 -37.29 3.91 26.43
N TYR B 191 -36.84 4.53 25.34
CA TYR B 191 -37.16 5.92 25.05
C TYR B 191 -38.68 6.04 24.88
N VAL B 192 -39.26 5.12 24.12
CA VAL B 192 -40.70 5.09 23.89
C VAL B 192 -41.44 4.91 25.22
N GLN B 193 -40.96 3.98 26.04
CA GLN B 193 -41.59 3.72 27.33
C GLN B 193 -41.43 4.91 28.28
N GLY B 194 -40.44 5.75 28.04
CA GLY B 194 -40.20 6.89 28.91
C GLY B 194 -40.90 8.18 28.54
N LYS B 195 -41.71 8.14 27.48
CA LYS B 195 -42.38 9.34 26.99
C LYS B 195 -43.29 10.10 27.96
N GLU B 196 -44.02 9.37 28.80
CA GLU B 196 -44.93 10.01 29.74
C GLU B 196 -44.43 10.12 31.19
N VAL B 197 -43.17 9.76 31.42
CA VAL B 197 -42.57 9.82 32.76
C VAL B 197 -41.27 10.64 32.80
N ASN B 198 -41.17 11.61 31.89
CA ASN B 198 -40.01 12.49 31.77
C ASN B 198 -38.76 11.79 31.23
N GLY B 199 -38.99 10.69 30.52
CA GLY B 199 -37.90 9.95 29.90
C GLY B 199 -37.40 8.66 30.52
N ALA B 200 -36.80 7.86 29.65
CA ALA B 200 -36.17 6.60 29.99
C ALA B 200 -35.22 6.31 28.83
N GLY B 201 -34.19 5.50 29.07
CA GLY B 201 -33.25 5.19 28.01
C GLY B 201 -32.09 4.34 28.48
N ILE B 202 -31.02 4.40 27.69
CA ILE B 202 -29.79 3.65 27.92
C ILE B 202 -28.70 4.68 28.23
N ASN B 203 -27.96 4.47 29.32
CA ASN B 203 -26.88 5.37 29.67
C ASN B 203 -25.87 5.35 28.53
N SER B 204 -25.21 6.47 28.29
CA SER B 204 -24.23 6.53 27.22
C SER B 204 -22.96 7.20 27.70
N SER B 205 -21.85 6.87 27.04
CA SER B 205 -20.60 7.52 27.33
C SER B 205 -20.39 8.48 26.16
N PHE B 206 -19.67 9.57 26.38
CA PHE B 206 -19.38 10.52 25.30
C PHE B 206 -17.92 10.89 25.31
N ALA B 207 -17.42 11.28 24.14
CA ALA B 207 -16.02 11.65 23.99
C ALA B 207 -15.91 12.75 22.96
N VAL B 208 -14.89 13.57 23.11
CA VAL B 208 -14.58 14.64 22.17
C VAL B 208 -13.11 14.42 21.83
N HIS B 209 -12.87 13.84 20.65
CA HIS B 209 -11.54 13.53 20.17
C HIS B 209 -10.88 14.78 19.56
N GLN B 210 -11.66 15.53 18.80
CA GLN B 210 -11.21 16.75 18.12
C GLN B 210 -12.34 17.76 18.20
N ASP B 211 -12.00 19.02 18.41
CA ASP B 211 -12.98 20.10 18.53
C ASP B 211 -12.41 21.34 17.83
N VAL B 212 -12.92 21.64 16.65
CA VAL B 212 -12.46 22.77 15.85
C VAL B 212 -12.82 24.15 16.44
N ASP B 213 -14.07 24.31 16.85
CA ASP B 213 -14.54 25.61 17.30
C ASP B 213 -15.22 25.75 18.68
N GLY B 214 -15.25 24.67 19.46
CA GLY B 214 -15.88 24.73 20.77
C GLY B 214 -17.33 24.29 20.83
N ARG B 215 -17.84 23.79 19.71
CA ARG B 215 -19.22 23.33 19.67
C ARG B 215 -19.32 21.84 20.00
N ALA B 216 -18.21 21.12 19.86
CA ALA B 216 -18.18 19.67 20.06
C ALA B 216 -18.82 19.08 21.30
N THR B 217 -18.48 19.61 22.48
CA THR B 217 -19.02 19.09 23.73
C THR B 217 -20.54 19.12 23.82
N ASP B 218 -21.13 20.29 23.56
CA ASP B 218 -22.57 20.44 23.63
C ASP B 218 -23.33 19.68 22.54
N VAL B 219 -22.73 19.52 21.37
CA VAL B 219 -23.36 18.74 20.30
C VAL B 219 -23.42 17.27 20.75
N ALA B 220 -22.35 16.78 21.37
CA ALA B 220 -22.31 15.39 21.84
C ALA B 220 -23.32 15.20 22.96
N LEU B 221 -23.32 16.11 23.94
CA LEU B 221 -24.26 16.03 25.05
C LEU B 221 -25.70 16.14 24.58
N GLY B 222 -25.97 17.03 23.63
CA GLY B 222 -27.31 17.16 23.09
C GLY B 222 -27.76 15.87 22.45
N TRP B 223 -26.86 15.28 21.67
CA TRP B 223 -27.10 14.01 20.97
C TRP B 223 -27.46 12.93 22.00
N SER B 224 -26.66 12.83 23.06
CA SER B 224 -26.88 11.84 24.10
C SER B 224 -28.20 12.05 24.83
N ILE B 225 -28.45 13.28 25.25
CA ILE B 225 -29.69 13.60 25.93
C ILE B 225 -30.90 13.30 25.03
N ALA B 226 -30.79 13.64 23.74
CA ALA B 226 -31.86 13.38 22.79
C ALA B 226 -32.13 11.89 22.57
N LEU B 227 -31.14 11.06 22.83
CA LEU B 227 -31.32 9.61 22.68
C LEU B 227 -32.11 9.07 23.86
N GLY B 228 -32.14 9.84 24.95
CA GLY B 228 -32.83 9.44 26.17
C GLY B 228 -31.91 8.96 27.29
N SER B 229 -30.61 9.19 27.16
CA SER B 229 -29.63 8.74 28.17
C SER B 229 -29.96 9.21 29.58
N PRO B 230 -30.21 8.26 30.51
CA PRO B 230 -30.52 8.66 31.90
C PRO B 230 -29.33 9.46 32.47
N PHE B 231 -28.13 9.03 32.13
CA PHE B 231 -26.94 9.76 32.50
C PHE B 231 -25.88 9.47 31.44
N THR B 232 -25.08 10.49 31.19
CA THR B 232 -24.02 10.44 30.21
C THR B 232 -22.73 10.71 30.96
N PHE B 233 -21.76 9.83 30.76
CA PHE B 233 -20.46 9.94 31.42
C PHE B 233 -19.39 10.13 30.36
N ALA B 234 -18.28 10.75 30.76
CA ALA B 234 -17.19 11.06 29.86
C ALA B 234 -16.17 9.96 29.74
N THR B 235 -15.61 9.85 28.54
CA THR B 235 -14.58 8.86 28.26
C THR B 235 -13.83 9.38 27.04
N THR B 236 -12.98 8.55 26.47
CA THR B 236 -12.23 8.89 25.28
C THR B 236 -12.53 7.79 24.26
N LEU B 237 -12.25 8.06 22.99
CA LEU B 237 -12.47 7.05 21.95
C LEU B 237 -11.71 5.75 22.27
N GLU B 238 -10.47 5.87 22.76
CA GLU B 238 -9.67 4.69 23.07
C GLU B 238 -10.14 3.91 24.31
N GLN B 239 -10.50 4.62 25.37
CA GLN B 239 -11.01 3.96 26.57
C GLN B 239 -12.30 3.25 26.20
N GLU B 240 -13.09 3.87 25.32
CA GLU B 240 -14.34 3.29 24.88
C GLU B 240 -14.12 2.03 24.07
N TYR B 241 -13.28 2.06 23.03
CA TYR B 241 -13.11 0.82 22.26
C TYR B 241 -12.48 -0.31 23.10
N LYS B 242 -11.53 0.04 23.97
CA LYS B 242 -10.90 -0.97 24.81
C LYS B 242 -11.90 -1.66 25.73
N SER B 243 -12.76 -0.89 26.38
CA SER B 243 -13.76 -1.46 27.28
C SER B 243 -14.91 -2.11 26.55
N ASP B 244 -15.33 -1.49 25.45
CA ASP B 244 -16.47 -1.93 24.68
C ASP B 244 -16.29 -3.22 23.87
N ILE B 245 -15.25 -3.28 23.05
CA ILE B 245 -15.01 -4.50 22.26
C ILE B 245 -14.79 -5.67 23.24
N PHE B 246 -14.14 -5.39 24.36
CA PHE B 246 -13.88 -6.39 25.39
C PHE B 246 -15.18 -6.82 26.09
N GLY B 247 -15.99 -5.86 26.52
CA GLY B 247 -17.20 -6.15 27.27
C GLY B 247 -18.21 -7.04 26.61
N GLU B 248 -18.40 -6.84 25.31
CA GLU B 248 -19.36 -7.65 24.55
C GLU B 248 -18.88 -9.09 24.43
N ARG B 249 -17.57 -9.28 24.34
CA ARG B 249 -16.98 -10.61 24.26
C ARG B 249 -16.99 -11.23 25.66
N GLY B 250 -16.98 -10.35 26.67
CA GLY B 250 -17.01 -10.74 28.06
C GLY B 250 -18.43 -10.99 28.58
N ILE B 251 -18.73 -10.48 29.77
CA ILE B 251 -20.02 -10.69 30.42
C ILE B 251 -21.28 -10.38 29.60
N LEU B 252 -21.22 -9.33 28.79
CA LEU B 252 -22.38 -8.90 28.03
C LEU B 252 -22.99 -9.89 27.05
N LEU B 253 -22.16 -10.59 26.28
CA LEU B 253 -22.68 -11.55 25.30
C LEU B 253 -21.90 -12.87 25.28
N GLY B 254 -20.63 -12.80 24.90
CA GLY B 254 -19.82 -13.99 24.80
C GLY B 254 -19.74 -14.85 26.04
N ALA B 255 -19.37 -14.24 27.16
CA ALA B 255 -19.24 -14.98 28.41
C ALA B 255 -20.55 -15.54 28.95
N VAL B 256 -21.62 -14.75 28.90
CA VAL B 256 -22.91 -15.25 29.40
C VAL B 256 -23.38 -16.43 28.56
N HIS B 257 -23.15 -16.36 27.25
CA HIS B 257 -23.54 -17.45 26.37
C HIS B 257 -22.69 -18.70 26.75
N GLY B 258 -21.38 -18.54 26.86
CA GLY B 258 -20.52 -19.66 27.23
C GLY B 258 -20.93 -20.29 28.55
N ILE B 259 -21.26 -19.46 29.53
CA ILE B 259 -21.70 -19.90 30.84
C ILE B 259 -22.95 -20.78 30.77
N VAL B 260 -24.00 -20.28 30.13
CA VAL B 260 -25.23 -21.06 30.05
C VAL B 260 -25.05 -22.36 29.28
N GLU B 261 -24.20 -22.37 28.26
CA GLU B 261 -23.97 -23.59 27.49
C GLU B 261 -23.25 -24.62 28.34
N CYS B 262 -22.21 -24.18 29.04
CA CYS B 262 -21.43 -25.09 29.87
C CYS B 262 -22.22 -25.63 31.07
N LEU B 263 -23.00 -24.76 31.71
CA LEU B 263 -23.81 -25.17 32.86
C LEU B 263 -25.01 -26.03 32.44
N PHE B 264 -25.65 -25.70 31.31
CA PHE B 264 -26.76 -26.54 30.83
C PHE B 264 -26.25 -27.98 30.62
N ARG B 265 -25.06 -28.11 30.04
CA ARG B 265 -24.44 -29.41 29.77
C ARG B 265 -24.13 -30.13 31.09
N ARG B 266 -23.55 -29.41 32.05
CA ARG B 266 -23.22 -30.00 33.35
C ARG B 266 -24.47 -30.50 34.07
N TYR B 267 -25.48 -29.62 34.15
CA TYR B 267 -26.71 -29.95 34.83
C TYR B 267 -27.42 -31.15 34.22
N THR B 268 -27.50 -31.20 32.89
CA THR B 268 -28.14 -32.33 32.24
C THR B 268 -27.30 -33.60 32.44
N GLU B 269 -25.97 -33.47 32.40
CA GLU B 269 -25.08 -34.63 32.63
C GLU B 269 -25.32 -35.21 34.04
N SER B 270 -25.61 -34.32 34.99
CA SER B 270 -25.87 -34.66 36.39
C SER B 270 -27.26 -35.27 36.60
N GLY B 271 -28.10 -35.28 35.58
CA GLY B 271 -29.42 -35.87 35.72
C GLY B 271 -30.57 -34.89 35.70
N MET B 272 -30.29 -33.59 35.59
CA MET B 272 -31.35 -32.60 35.55
C MET B 272 -32.05 -32.68 34.19
N SER B 273 -33.36 -32.51 34.19
CA SER B 273 -34.12 -32.55 32.95
C SER B 273 -33.71 -31.31 32.14
N GLU B 274 -33.87 -31.37 30.83
CA GLU B 274 -33.53 -30.24 29.99
C GLU B 274 -34.35 -29.00 30.36
N ASP B 275 -35.63 -29.18 30.67
CA ASP B 275 -36.51 -28.08 31.04
C ASP B 275 -35.90 -27.35 32.22
N LEU B 276 -35.56 -28.10 33.27
CA LEU B 276 -34.97 -27.52 34.47
C LEU B 276 -33.57 -26.98 34.27
N ALA B 277 -32.79 -27.63 33.41
CA ALA B 277 -31.43 -27.18 33.14
C ALA B 277 -31.45 -25.82 32.43
N TYR B 278 -32.41 -25.62 31.54
CA TYR B 278 -32.56 -24.36 30.82
C TYR B 278 -33.05 -23.31 31.80
N LYS B 279 -34.04 -23.67 32.62
CA LYS B 279 -34.57 -22.74 33.62
C LYS B 279 -33.49 -22.30 34.61
N ASN B 280 -32.71 -23.27 35.09
CA ASN B 280 -31.68 -23.00 36.07
C ASN B 280 -30.46 -22.28 35.53
N THR B 281 -30.41 -22.06 34.22
CA THR B 281 -29.30 -21.35 33.60
C THR B 281 -29.78 -20.04 32.96
N VAL B 282 -30.37 -20.15 31.78
CA VAL B 282 -30.84 -18.99 31.04
C VAL B 282 -31.95 -18.20 31.74
N GLU B 283 -33.02 -18.88 32.14
CA GLU B 283 -34.14 -18.21 32.78
C GLU B 283 -33.71 -17.57 34.10
N CYS B 284 -32.89 -18.29 34.84
CA CYS B 284 -32.36 -17.82 36.12
C CYS B 284 -31.55 -16.52 35.94
N ILE B 285 -30.59 -16.54 35.03
CA ILE B 285 -29.73 -15.38 34.80
C ILE B 285 -30.47 -14.16 34.24
N THR B 286 -31.25 -14.36 33.18
CA THR B 286 -31.96 -13.27 32.51
C THR B 286 -33.19 -12.75 33.23
N GLY B 287 -33.67 -13.52 34.20
CA GLY B 287 -34.83 -13.15 34.98
C GLY B 287 -34.49 -12.65 36.36
N VAL B 288 -34.67 -13.51 37.36
CA VAL B 288 -34.44 -13.13 38.75
C VAL B 288 -33.04 -12.58 39.07
N ILE B 289 -31.99 -13.20 38.55
CA ILE B 289 -30.65 -12.69 38.80
C ILE B 289 -30.51 -11.24 38.25
N SER B 290 -30.92 -11.04 37.01
CA SER B 290 -30.86 -9.71 36.40
C SER B 290 -31.72 -8.69 37.15
N LYS B 291 -32.93 -9.09 37.51
CA LYS B 291 -33.82 -8.19 38.24
C LYS B 291 -33.21 -7.78 39.58
N THR B 292 -32.60 -8.73 40.28
CA THR B 292 -31.99 -8.44 41.58
C THR B 292 -30.80 -7.50 41.44
N ILE B 293 -29.91 -7.80 40.50
CA ILE B 293 -28.74 -6.97 40.30
C ILE B 293 -29.12 -5.58 39.80
N SER B 294 -30.14 -5.51 38.94
CA SER B 294 -30.60 -4.25 38.36
C SER B 294 -30.97 -3.17 39.38
N THR B 295 -31.78 -3.53 40.36
CA THR B 295 -32.24 -2.57 41.36
C THR B 295 -31.73 -2.72 42.80
N LYS B 296 -31.26 -3.92 43.17
CA LYS B 296 -30.75 -4.17 44.51
C LYS B 296 -29.23 -4.44 44.55
N GLY B 297 -28.68 -5.08 43.52
CA GLY B 297 -27.26 -5.35 43.50
C GLY B 297 -26.86 -6.80 43.71
N MET B 298 -25.60 -7.09 43.45
CA MET B 298 -25.02 -8.43 43.60
C MET B 298 -24.99 -8.90 45.06
N LEU B 299 -24.72 -7.96 45.97
CA LEU B 299 -24.66 -8.30 47.39
C LEU B 299 -26.01 -8.75 47.87
N ALA B 300 -27.04 -8.02 47.45
CA ALA B 300 -28.41 -8.32 47.81
C ALA B 300 -28.78 -9.70 47.29
N LEU B 301 -28.29 -10.02 46.10
CA LEU B 301 -28.57 -11.31 45.50
C LEU B 301 -27.98 -12.43 46.36
N TYR B 302 -26.73 -12.26 46.76
CA TYR B 302 -26.06 -13.23 47.59
C TYR B 302 -26.80 -13.36 48.92
N ASN B 303 -27.11 -12.22 49.53
CA ASN B 303 -27.78 -12.18 50.83
C ASN B 303 -29.17 -12.81 50.87
N SER B 304 -29.83 -12.90 49.72
CA SER B 304 -31.17 -13.48 49.62
C SER B 304 -31.14 -15.01 49.62
N LEU B 305 -29.96 -15.58 49.43
CA LEU B 305 -29.80 -17.02 49.40
C LEU B 305 -29.85 -17.59 50.81
N SER B 306 -30.30 -18.83 50.91
CA SER B 306 -30.36 -19.51 52.19
C SER B 306 -28.90 -19.83 52.50
N GLU B 307 -28.64 -20.36 53.70
CA GLU B 307 -27.28 -20.69 54.05
C GLU B 307 -26.71 -21.78 53.15
N GLU B 308 -27.55 -22.70 52.69
CA GLU B 308 -27.10 -23.77 51.79
C GLU B 308 -26.83 -23.14 50.42
N GLY B 309 -27.69 -22.19 50.04
CA GLY B 309 -27.51 -21.51 48.77
C GLY B 309 -26.19 -20.74 48.71
N LYS B 310 -25.86 -20.06 49.81
CA LYS B 310 -24.62 -19.30 49.89
C LYS B 310 -23.41 -20.21 49.73
N LYS B 311 -23.47 -21.41 50.31
CA LYS B 311 -22.36 -22.35 50.19
C LYS B 311 -22.21 -22.81 48.73
N ASP B 312 -23.33 -23.04 48.05
CA ASP B 312 -23.26 -23.47 46.65
C ASP B 312 -22.74 -22.31 45.81
N PHE B 313 -23.20 -21.11 46.14
CA PHE B 313 -22.77 -19.90 45.45
C PHE B 313 -21.26 -19.77 45.60
N GLN B 314 -20.77 -19.95 46.82
CA GLN B 314 -19.35 -19.83 47.08
C GLN B 314 -18.51 -20.86 46.33
N ALA B 315 -18.99 -22.09 46.27
CA ALA B 315 -18.28 -23.15 45.56
C ALA B 315 -18.17 -22.77 44.07
N ALA B 316 -19.25 -22.27 43.50
CA ALA B 316 -19.25 -21.86 42.09
C ALA B 316 -18.35 -20.64 41.87
N TYR B 317 -18.48 -19.65 42.73
CA TYR B 317 -17.70 -18.41 42.63
C TYR B 317 -16.20 -18.67 42.78
N SER B 318 -15.85 -19.35 43.86
CA SER B 318 -14.46 -19.67 44.16
C SER B 318 -13.76 -20.45 43.05
N ALA B 319 -14.50 -21.32 42.37
CA ALA B 319 -13.92 -22.13 41.30
C ALA B 319 -13.91 -21.44 39.94
N SER B 320 -14.87 -20.53 39.72
CA SER B 320 -15.02 -19.86 38.42
C SER B 320 -14.31 -18.53 38.21
N TYR B 321 -14.02 -17.84 39.30
CA TYR B 321 -13.40 -16.53 39.25
C TYR B 321 -12.13 -16.38 38.41
N TYR B 322 -11.09 -17.15 38.73
CA TYR B 322 -9.84 -17.04 38.00
C TYR B 322 -9.90 -17.59 36.58
N PRO B 323 -10.52 -18.76 36.36
CA PRO B 323 -10.59 -19.26 34.97
C PRO B 323 -11.29 -18.18 34.09
N SER B 324 -12.33 -17.55 34.63
CA SER B 324 -13.04 -16.49 33.93
C SER B 324 -12.10 -15.31 33.66
N MET B 325 -11.36 -14.90 34.69
CA MET B 325 -10.40 -13.80 34.54
C MET B 325 -9.36 -14.11 33.48
N ASP B 326 -8.90 -15.35 33.42
CA ASP B 326 -7.91 -15.79 32.45
C ASP B 326 -8.33 -15.36 31.03
N ILE B 327 -9.55 -15.75 30.66
CA ILE B 327 -10.06 -15.42 29.32
C ILE B 327 -10.33 -13.92 29.15
N LEU B 328 -10.88 -13.28 30.17
CA LEU B 328 -11.16 -11.84 30.10
C LEU B 328 -9.87 -11.05 29.87
N TYR B 329 -8.83 -11.43 30.60
CA TYR B 329 -7.49 -10.81 30.57
C TYR B 329 -6.94 -10.91 29.15
N GLU B 330 -6.99 -12.11 28.58
CA GLU B 330 -6.54 -12.38 27.21
C GLU B 330 -7.32 -11.52 26.21
N CYS B 331 -8.65 -11.54 26.33
CA CYS B 331 -9.53 -10.79 25.45
C CYS B 331 -9.21 -9.30 25.50
N TYR B 332 -9.14 -8.75 26.71
CA TYR B 332 -8.83 -7.34 26.86
C TYR B 332 -7.54 -6.96 26.14
N GLU B 333 -6.48 -7.71 26.37
CA GLU B 333 -5.20 -7.42 25.76
C GLU B 333 -5.21 -7.53 24.25
N ASP B 334 -5.99 -8.46 23.69
CA ASP B 334 -6.10 -8.60 22.23
C ASP B 334 -6.84 -7.39 21.66
N VAL B 335 -7.75 -6.83 22.44
CA VAL B 335 -8.50 -5.65 22.03
C VAL B 335 -7.60 -4.41 22.08
N ALA B 336 -6.84 -4.26 23.16
CA ALA B 336 -5.97 -3.09 23.31
C ALA B 336 -4.78 -3.10 22.36
N SER B 337 -4.27 -4.28 22.05
CA SER B 337 -3.10 -4.41 21.17
C SER B 337 -3.38 -4.12 19.70
N GLY B 338 -4.62 -4.31 19.28
CA GLY B 338 -5.00 -4.11 17.89
C GLY B 338 -5.31 -5.44 17.20
N SER B 339 -4.94 -6.55 17.82
CA SER B 339 -5.20 -7.86 17.23
C SER B 339 -6.68 -8.09 16.91
N GLU B 340 -7.56 -7.86 17.88
CA GLU B 340 -8.99 -8.09 17.70
C GLU B 340 -9.63 -7.15 16.69
N ILE B 341 -9.23 -5.89 16.71
CA ILE B 341 -9.78 -4.93 15.75
C ILE B 341 -9.45 -5.38 14.33
N ARG B 342 -8.20 -5.77 14.10
CA ARG B 342 -7.79 -6.23 12.77
C ARG B 342 -8.59 -7.49 12.37
N SER B 343 -8.83 -8.40 13.32
CA SER B 343 -9.58 -9.61 13.04
C SER B 343 -11.01 -9.28 12.59
N VAL B 344 -11.60 -8.27 13.21
CA VAL B 344 -12.96 -7.84 12.87
C VAL B 344 -13.00 -7.22 11.46
N VAL B 345 -11.97 -6.44 11.13
CA VAL B 345 -11.90 -5.83 9.81
C VAL B 345 -11.79 -6.93 8.74
N LEU B 346 -10.91 -7.89 8.95
CA LEU B 346 -10.75 -8.97 7.99
C LEU B 346 -12.02 -9.84 7.91
N ALA B 347 -12.68 -10.07 9.05
CA ALA B 347 -13.90 -10.88 9.08
C ALA B 347 -14.97 -10.27 8.17
N GLY B 348 -15.06 -8.93 8.18
CA GLY B 348 -16.04 -8.26 7.36
C GLY B 348 -15.82 -8.52 5.88
N ARG B 349 -14.57 -8.65 5.46
CA ARG B 349 -14.24 -8.91 4.06
C ARG B 349 -14.57 -10.34 3.65
N ARG B 350 -14.51 -11.28 4.59
CA ARG B 350 -14.81 -12.67 4.30
C ARG B 350 -16.31 -12.94 4.16
N PHE B 351 -17.12 -11.92 4.41
CA PHE B 351 -18.56 -12.03 4.26
C PHE B 351 -18.86 -12.11 2.75
N TYR B 352 -17.88 -11.76 1.94
CA TYR B 352 -18.00 -11.78 0.48
C TYR B 352 -16.94 -12.64 -0.16
N GLU B 353 -17.18 -13.07 -1.38
CA GLU B 353 -16.25 -13.91 -2.10
C GLU B 353 -15.02 -13.11 -2.54
N LYS B 354 -13.86 -13.70 -2.33
CA LYS B 354 -12.60 -13.12 -2.75
C LYS B 354 -11.55 -14.24 -2.75
N GLU B 355 -10.48 -14.01 -3.48
CA GLU B 355 -9.36 -14.95 -3.59
C GLU B 355 -9.75 -16.36 -4.00
N GLY B 356 -10.87 -16.48 -4.71
CA GLY B 356 -11.33 -17.77 -5.18
C GLY B 356 -11.99 -18.61 -4.11
N LEU B 357 -12.23 -18.01 -2.95
CA LEU B 357 -12.87 -18.66 -1.81
C LEU B 357 -14.32 -18.21 -1.65
N PRO B 358 -15.14 -19.03 -0.98
CA PRO B 358 -16.55 -18.70 -0.76
C PRO B 358 -16.74 -17.54 0.21
N ALA B 359 -17.96 -17.03 0.25
CA ALA B 359 -18.34 -15.97 1.17
C ALA B 359 -18.83 -16.70 2.44
N PHE B 360 -18.55 -16.13 3.60
CA PHE B 360 -18.92 -16.72 4.87
C PHE B 360 -19.66 -15.77 5.80
N PRO B 361 -20.93 -15.47 5.48
CA PRO B 361 -21.66 -14.57 6.36
C PRO B 361 -21.89 -15.32 7.69
N MET B 362 -22.19 -14.57 8.75
CA MET B 362 -22.43 -15.21 10.04
C MET B 362 -23.63 -16.14 9.96
N GLY B 363 -23.55 -17.25 10.70
CA GLY B 363 -24.61 -18.23 10.73
C GLY B 363 -25.45 -18.05 11.97
N LYS B 364 -26.36 -18.99 12.20
CA LYS B 364 -27.25 -18.97 13.36
C LYS B 364 -26.61 -19.64 14.56
N ILE B 365 -26.83 -19.07 15.75
CA ILE B 365 -26.26 -19.62 16.97
C ILE B 365 -27.30 -20.21 17.91
N ASP B 366 -28.56 -20.25 17.51
CA ASP B 366 -29.62 -20.74 18.39
C ASP B 366 -30.44 -21.93 17.90
N GLN B 367 -29.86 -22.79 17.08
CA GLN B 367 -30.56 -23.95 16.56
C GLN B 367 -30.10 -25.27 17.18
N THR B 368 -29.20 -25.16 18.16
CA THR B 368 -28.67 -26.30 18.88
C THR B 368 -29.60 -26.73 20.04
N ARG B 369 -29.24 -27.86 20.64
CA ARG B 369 -30.01 -28.46 21.72
C ARG B 369 -30.63 -27.54 22.77
N MET B 370 -29.82 -26.81 23.53
CA MET B 370 -30.37 -26.00 24.60
C MET B 370 -31.31 -24.90 24.17
N TRP B 371 -31.13 -24.38 22.95
CA TRP B 371 -31.97 -23.32 22.44
C TRP B 371 -33.30 -23.84 21.94
N LYS B 372 -33.28 -25.06 21.42
CA LYS B 372 -34.52 -25.70 20.99
C LYS B 372 -35.33 -25.98 22.28
N VAL B 373 -34.64 -26.34 23.36
CA VAL B 373 -35.31 -26.58 24.64
C VAL B 373 -35.92 -25.26 25.11
N GLY B 374 -35.16 -24.18 24.97
CA GLY B 374 -35.64 -22.87 25.37
C GLY B 374 -36.93 -22.47 24.69
N GLU B 375 -37.07 -22.80 23.41
CA GLU B 375 -38.29 -22.48 22.66
C GLU B 375 -39.45 -23.20 23.33
N LYS B 376 -39.21 -24.45 23.75
CA LYS B 376 -40.23 -25.25 24.40
C LYS B 376 -40.56 -24.66 25.77
N VAL B 377 -39.54 -24.25 26.51
CA VAL B 377 -39.72 -23.67 27.82
C VAL B 377 -40.56 -22.38 27.76
N ARG B 378 -40.24 -21.52 26.81
CA ARG B 378 -40.97 -20.26 26.68
C ARG B 378 -42.39 -20.42 26.16
N SER B 379 -42.67 -21.51 25.44
CA SER B 379 -43.99 -21.73 24.89
C SER B 379 -45.06 -21.92 25.98
N VAL B 380 -44.65 -22.35 27.16
CA VAL B 380 -45.59 -22.54 28.28
C VAL B 380 -45.24 -21.65 29.47
N ARG B 381 -44.36 -20.69 29.28
CA ARG B 381 -43.97 -19.79 30.37
C ARG B 381 -45.07 -18.78 30.66
N PRO B 382 -45.53 -18.72 31.91
CA PRO B 382 -46.58 -17.77 32.25
C PRO B 382 -46.02 -16.35 32.25
N ALA B 383 -46.90 -15.38 32.07
CA ALA B 383 -46.49 -13.98 32.07
C ALA B 383 -45.87 -13.57 33.41
N GLY B 384 -44.82 -12.77 33.34
CA GLY B 384 -44.16 -12.29 34.54
C GLY B 384 -43.24 -13.28 35.21
N ASP B 385 -43.02 -14.43 34.56
CA ASP B 385 -42.15 -15.46 35.12
C ASP B 385 -40.72 -15.00 34.89
N LEU B 386 -39.95 -14.98 35.98
CA LEU B 386 -38.54 -14.59 35.98
C LEU B 386 -37.57 -15.74 36.31
N GLY B 387 -38.07 -16.97 36.24
CA GLY B 387 -37.26 -18.14 36.47
C GLY B 387 -36.88 -18.46 37.90
N PRO B 388 -36.19 -19.58 38.10
CA PRO B 388 -35.76 -20.02 39.43
C PRO B 388 -34.44 -19.37 39.82
N LEU B 389 -34.18 -19.28 41.11
CA LEU B 389 -32.91 -18.74 41.55
C LEU B 389 -32.10 -19.96 41.91
N TYR B 390 -31.18 -20.34 41.02
CA TYR B 390 -30.30 -21.49 41.20
C TYR B 390 -28.96 -20.95 41.72
N PRO B 391 -28.64 -21.18 43.01
CA PRO B 391 -27.40 -20.70 43.63
C PRO B 391 -26.08 -20.92 42.89
N PHE B 392 -25.87 -22.13 42.37
CA PHE B 392 -24.62 -22.43 41.67
C PHE B 392 -24.47 -21.54 40.44
N THR B 393 -25.56 -21.37 39.70
CA THR B 393 -25.55 -20.54 38.50
C THR B 393 -25.22 -19.09 38.86
N ALA B 394 -25.83 -18.59 39.94
CA ALA B 394 -25.57 -17.24 40.40
C ALA B 394 -24.08 -17.06 40.71
N GLY B 395 -23.48 -18.07 41.33
CA GLY B 395 -22.07 -18.00 41.69
C GLY B 395 -21.14 -17.88 40.50
N VAL B 396 -21.41 -18.67 39.45
CA VAL B 396 -20.59 -18.63 38.24
C VAL B 396 -20.73 -17.26 37.56
N TYR B 397 -21.97 -16.83 37.38
CA TYR B 397 -22.28 -15.57 36.71
C TYR B 397 -21.71 -14.35 37.44
N VAL B 398 -21.96 -14.27 38.75
CA VAL B 398 -21.45 -13.15 39.53
C VAL B 398 -19.94 -13.18 39.57
N ALA B 399 -19.34 -14.37 39.63
CA ALA B 399 -17.88 -14.48 39.65
C ALA B 399 -17.29 -13.87 38.37
N LEU B 400 -17.90 -14.17 37.23
CA LEU B 400 -17.39 -13.64 35.96
C LEU B 400 -17.61 -12.12 35.89
N MET B 401 -18.76 -11.68 36.39
CA MET B 401 -19.08 -10.26 36.45
C MET B 401 -18.00 -9.53 37.27
N MET B 402 -17.71 -10.06 38.45
CA MET B 402 -16.69 -9.47 39.33
C MET B 402 -15.27 -9.54 38.73
N ALA B 403 -14.97 -10.61 38.01
CA ALA B 403 -13.64 -10.76 37.39
C ALA B 403 -13.46 -9.72 36.29
N GLN B 404 -14.53 -9.46 35.53
CA GLN B 404 -14.49 -8.45 34.48
C GLN B 404 -14.26 -7.06 35.09
N ILE B 405 -14.98 -6.77 36.17
CA ILE B 405 -14.83 -5.50 36.89
C ILE B 405 -13.37 -5.33 37.30
N GLU B 406 -12.76 -6.38 37.85
CA GLU B 406 -11.36 -6.32 38.28
C GLU B 406 -10.40 -6.09 37.13
N ILE B 407 -10.64 -6.77 36.01
CA ILE B 407 -9.77 -6.59 34.84
C ILE B 407 -9.84 -5.14 34.39
N LEU B 408 -11.02 -4.58 34.28
CA LEU B 408 -11.17 -3.19 33.87
C LEU B 408 -10.55 -2.22 34.87
N ARG B 409 -10.61 -2.57 36.16
CA ARG B 409 -10.01 -1.73 37.20
C ARG B 409 -8.50 -1.72 37.02
N LYS B 410 -7.91 -2.90 36.93
CA LYS B 410 -6.46 -3.03 36.76
C LYS B 410 -5.95 -2.46 35.42
N LYS B 411 -6.82 -2.39 34.42
CA LYS B 411 -6.45 -1.86 33.12
C LYS B 411 -6.71 -0.35 33.00
N GLY B 412 -7.12 0.25 34.12
CA GLY B 412 -7.33 1.68 34.20
C GLY B 412 -8.62 2.38 33.85
N HIS B 413 -9.74 1.68 33.85
CA HIS B 413 -11.02 2.30 33.49
C HIS B 413 -11.76 2.93 34.66
N SER B 414 -12.57 3.95 34.36
CA SER B 414 -13.36 4.66 35.36
C SER B 414 -14.53 3.79 35.80
N TYR B 415 -14.99 4.01 37.03
CA TYR B 415 -16.13 3.25 37.54
C TYR B 415 -17.42 3.39 36.75
N SER B 416 -17.71 4.57 36.21
CA SER B 416 -18.96 4.71 35.44
C SER B 416 -18.90 3.81 34.23
N GLU B 417 -17.73 3.74 33.60
CA GLU B 417 -17.55 2.91 32.42
C GLU B 417 -17.55 1.43 32.80
N ILE B 418 -16.84 1.07 33.86
CA ILE B 418 -16.79 -0.31 34.32
C ILE B 418 -18.19 -0.85 34.67
N ILE B 419 -18.94 -0.09 35.47
CA ILE B 419 -20.26 -0.50 35.90
C ILE B 419 -21.25 -0.64 34.76
N ASN B 420 -21.20 0.25 33.77
CA ASN B 420 -22.11 0.17 32.65
C ASN B 420 -21.78 -1.00 31.74
N GLU B 421 -20.49 -1.18 31.46
CA GLU B 421 -19.99 -2.23 30.59
C GLU B 421 -20.02 -3.62 31.22
N SER B 422 -20.07 -3.71 32.54
CA SER B 422 -20.02 -4.99 33.23
C SER B 422 -21.24 -5.41 34.02
N VAL B 423 -22.12 -4.44 34.32
CA VAL B 423 -23.31 -4.70 35.13
C VAL B 423 -24.62 -4.18 34.55
N ILE B 424 -24.75 -2.86 34.53
CA ILE B 424 -25.98 -2.23 34.05
C ILE B 424 -26.45 -2.67 32.67
N GLU B 425 -25.57 -2.64 31.68
CA GLU B 425 -25.99 -3.03 30.34
C GLU B 425 -26.51 -4.47 30.28
N ALA B 426 -25.87 -5.37 31.00
CA ALA B 426 -26.28 -6.77 31.00
C ALA B 426 -27.70 -6.95 31.52
N VAL B 427 -27.97 -6.36 32.67
CA VAL B 427 -29.27 -6.50 33.30
C VAL B 427 -30.43 -5.64 32.81
N ASP B 428 -30.12 -4.43 32.35
CA ASP B 428 -31.16 -3.51 31.89
C ASP B 428 -31.39 -3.50 30.39
N SER B 429 -30.37 -3.83 29.62
CA SER B 429 -30.49 -3.82 28.17
C SER B 429 -30.52 -5.17 27.46
N LEU B 430 -29.51 -5.98 27.73
CA LEU B 430 -29.33 -7.23 27.03
C LEU B 430 -30.09 -8.46 27.47
N ASN B 431 -29.95 -8.81 28.73
CA ASN B 431 -30.62 -9.99 29.26
C ASN B 431 -32.10 -10.06 28.98
N PRO B 432 -32.81 -8.92 29.06
CA PRO B 432 -34.26 -8.99 28.78
C PRO B 432 -34.56 -9.61 27.43
N PHE B 433 -33.67 -9.40 26.45
CA PHE B 433 -33.87 -9.97 25.12
C PHE B 433 -33.67 -11.49 25.07
N MET B 434 -32.75 -12.00 25.88
CA MET B 434 -32.50 -13.44 25.92
C MET B 434 -33.64 -14.10 26.69
N HIS B 435 -34.18 -13.40 27.68
CA HIS B 435 -35.32 -13.92 28.41
C HIS B 435 -36.49 -14.00 27.43
N ALA B 436 -36.62 -12.98 26.59
CA ALA B 436 -37.71 -12.92 25.61
C ALA B 436 -37.67 -13.97 24.52
N ARG B 437 -36.50 -14.20 23.92
CA ARG B 437 -36.42 -15.16 22.84
C ARG B 437 -35.08 -15.87 22.57
N GLY B 438 -34.31 -16.13 23.62
CA GLY B 438 -33.07 -16.86 23.45
C GLY B 438 -31.85 -16.02 23.16
N VAL B 439 -30.71 -16.69 23.06
CA VAL B 439 -29.42 -16.04 22.84
C VAL B 439 -29.32 -15.19 21.56
N SER B 440 -29.92 -15.65 20.46
CA SER B 440 -29.84 -14.89 19.21
C SER B 440 -30.56 -13.55 19.29
N PHE B 441 -31.71 -13.53 19.95
CA PHE B 441 -32.50 -12.30 20.09
C PHE B 441 -31.68 -11.23 20.84
N MET B 442 -30.72 -11.67 21.64
CA MET B 442 -29.87 -10.75 22.37
C MET B 442 -28.63 -10.44 21.52
N VAL B 443 -27.84 -11.47 21.22
CA VAL B 443 -26.61 -11.33 20.45
C VAL B 443 -26.76 -10.67 19.08
N ASP B 444 -27.67 -11.20 18.26
CA ASP B 444 -27.83 -10.71 16.91
C ASP B 444 -28.49 -9.35 16.72
N ASN B 445 -28.97 -8.78 17.81
CA ASN B 445 -29.55 -7.43 17.79
C ASN B 445 -28.48 -6.38 18.11
N CYS B 446 -27.26 -6.84 18.37
CA CYS B 446 -26.13 -5.96 18.64
C CYS B 446 -25.37 -5.79 17.33
N SER B 447 -24.31 -5.01 17.34
CA SER B 447 -23.54 -4.72 16.12
C SER B 447 -22.83 -5.92 15.51
N THR B 448 -22.37 -5.75 14.27
CA THR B 448 -21.61 -6.79 13.57
C THR B 448 -20.40 -7.16 14.42
N THR B 449 -19.70 -6.15 14.96
CA THR B 449 -18.52 -6.38 15.79
C THR B 449 -18.84 -7.22 17.04
N ALA B 450 -19.96 -6.92 17.68
CA ALA B 450 -20.40 -7.64 18.88
C ALA B 450 -20.81 -9.08 18.56
N ARG B 451 -21.47 -9.26 17.41
CA ARG B 451 -21.93 -10.57 16.97
C ARG B 451 -20.74 -11.49 16.69
N LEU B 452 -19.72 -10.95 16.03
CA LEU B 452 -18.51 -11.70 15.73
C LEU B 452 -17.80 -12.02 17.05
N GLY B 453 -17.70 -11.01 17.93
CA GLY B 453 -17.03 -11.20 19.21
C GLY B 453 -17.67 -12.28 20.08
N SER B 454 -18.99 -12.27 20.15
CA SER B 454 -19.72 -13.25 20.94
C SER B 454 -19.42 -14.66 20.40
N ARG B 455 -19.46 -14.82 19.08
CA ARG B 455 -19.19 -16.12 18.46
C ARG B 455 -17.76 -16.61 18.70
N LYS B 456 -16.81 -15.68 18.70
CA LYS B 456 -15.41 -16.03 18.90
C LYS B 456 -15.01 -16.34 20.33
N TRP B 457 -15.66 -15.68 21.28
CA TRP B 457 -15.30 -15.84 22.66
C TRP B 457 -16.18 -16.71 23.55
N ALA B 458 -17.48 -16.82 23.22
CA ALA B 458 -18.35 -17.68 24.00
C ALA B 458 -17.74 -19.08 24.15
N PRO B 459 -17.23 -19.67 23.04
CA PRO B 459 -16.64 -21.00 23.14
C PRO B 459 -15.47 -21.08 24.13
N ARG B 460 -14.70 -20.00 24.23
CA ARG B 460 -13.53 -19.92 25.13
C ARG B 460 -13.95 -20.00 26.60
N PHE B 461 -15.02 -19.28 26.94
CA PHE B 461 -15.52 -19.31 28.31
C PHE B 461 -16.10 -20.67 28.66
N ASP B 462 -16.84 -21.24 27.73
CA ASP B 462 -17.42 -22.56 27.90
C ASP B 462 -16.30 -23.58 28.21
N TYR B 463 -15.31 -23.65 27.32
CA TYR B 463 -14.22 -24.59 27.49
C TYR B 463 -13.42 -24.41 28.78
N ILE B 464 -13.03 -23.18 29.12
CA ILE B 464 -12.25 -22.99 30.34
C ILE B 464 -13.05 -23.31 31.60
N LEU B 465 -14.34 -22.97 31.62
CA LEU B 465 -15.16 -23.26 32.78
C LEU B 465 -15.32 -24.77 32.90
N SER B 466 -15.53 -25.44 31.78
CA SER B 466 -15.65 -26.89 31.76
C SER B 466 -14.36 -27.58 32.22
N GLN B 467 -13.23 -27.14 31.68
CA GLN B 467 -11.93 -27.73 31.96
C GLN B 467 -11.29 -27.42 33.30
N GLN B 468 -11.50 -26.21 33.81
CA GLN B 468 -10.88 -25.79 35.05
C GLN B 468 -11.84 -25.59 36.22
N ALA B 469 -12.79 -24.68 36.07
CA ALA B 469 -13.74 -24.38 37.15
C ALA B 469 -14.56 -25.57 37.63
N LEU B 470 -15.28 -26.21 36.72
CA LEU B 470 -16.14 -27.33 37.07
C LEU B 470 -15.36 -28.54 37.52
N VAL B 471 -14.18 -28.72 36.95
CA VAL B 471 -13.31 -29.83 37.32
C VAL B 471 -12.87 -29.58 38.78
N ALA B 472 -12.57 -28.33 39.14
CA ALA B 472 -12.15 -28.01 40.50
C ALA B 472 -13.27 -28.33 41.49
N VAL B 473 -14.52 -28.02 41.11
CA VAL B 473 -15.67 -28.32 41.97
C VAL B 473 -15.80 -29.85 42.17
N ASP B 474 -15.69 -30.58 41.07
CA ASP B 474 -15.79 -32.04 41.12
C ASP B 474 -14.64 -32.69 41.90
N ASN B 475 -13.51 -32.00 41.98
CA ASN B 475 -12.33 -32.47 42.70
C ASN B 475 -12.32 -32.03 44.15
N GLY B 476 -13.36 -31.31 44.58
CA GLY B 476 -13.45 -30.86 45.95
C GLY B 476 -12.50 -29.74 46.34
N ALA B 477 -12.20 -28.83 45.41
CA ALA B 477 -11.31 -27.70 45.67
C ALA B 477 -11.81 -26.91 46.85
N PRO B 478 -10.91 -26.53 47.77
CA PRO B 478 -11.37 -25.77 48.92
C PRO B 478 -11.85 -24.39 48.48
N ILE B 479 -12.73 -23.79 49.28
CA ILE B 479 -13.27 -22.48 49.01
C ILE B 479 -12.16 -21.48 49.28
N ASN B 480 -11.93 -20.57 48.34
CA ASN B 480 -10.93 -19.51 48.49
C ASN B 480 -11.62 -18.44 49.35
N GLN B 481 -11.41 -18.51 50.66
CA GLN B 481 -12.06 -17.60 51.60
C GLN B 481 -11.76 -16.12 51.39
N ASP B 482 -10.51 -15.80 51.06
CA ASP B 482 -10.14 -14.41 50.83
C ASP B 482 -10.89 -13.85 49.62
N LEU B 483 -11.05 -14.69 48.59
CA LEU B 483 -11.76 -14.28 47.39
C LEU B 483 -13.20 -13.96 47.75
N ILE B 484 -13.84 -14.85 48.50
CA ILE B 484 -15.23 -14.64 48.90
C ILE B 484 -15.35 -13.40 49.78
N SER B 485 -14.43 -13.26 50.71
CA SER B 485 -14.39 -12.12 51.61
C SER B 485 -14.28 -10.81 50.79
N ASN B 486 -13.40 -10.80 49.79
CA ASN B 486 -13.22 -9.62 48.94
C ASN B 486 -14.45 -9.30 48.09
N PHE B 487 -15.19 -10.33 47.70
CA PHE B 487 -16.42 -10.12 46.93
C PHE B 487 -17.42 -9.39 47.83
N LEU B 488 -17.53 -9.84 49.07
CA LEU B 488 -18.48 -9.25 50.02
C LEU B 488 -18.16 -7.82 50.44
N SER B 489 -16.88 -7.47 50.45
CA SER B 489 -16.44 -6.13 50.84
C SER B 489 -16.03 -5.25 49.67
N ASP B 490 -16.18 -5.75 48.45
CA ASP B 490 -15.76 -5.00 47.27
C ASP B 490 -16.46 -3.64 47.14
N PRO B 491 -15.67 -2.57 46.92
CA PRO B 491 -16.22 -1.21 46.80
C PRO B 491 -17.16 -0.97 45.62
N VAL B 492 -17.13 -1.85 44.64
CA VAL B 492 -17.99 -1.69 43.47
C VAL B 492 -19.48 -1.79 43.83
N HIS B 493 -19.80 -2.52 44.88
CA HIS B 493 -21.19 -2.68 45.26
C HIS B 493 -21.86 -1.37 45.64
N GLU B 494 -21.17 -0.57 46.44
CA GLU B 494 -21.73 0.72 46.84
C GLU B 494 -21.80 1.63 45.63
N ALA B 495 -20.78 1.55 44.77
CA ALA B 495 -20.73 2.35 43.55
C ALA B 495 -21.91 2.01 42.64
N ILE B 496 -22.24 0.72 42.55
CA ILE B 496 -23.35 0.26 41.73
C ILE B 496 -24.64 0.84 42.27
N GLY B 497 -24.74 0.92 43.59
CA GLY B 497 -25.92 1.48 44.23
C GLY B 497 -26.11 2.95 43.89
N VAL B 498 -25.01 3.70 43.88
CA VAL B 498 -25.03 5.12 43.54
C VAL B 498 -25.55 5.30 42.11
N CYS B 499 -25.03 4.50 41.18
CA CYS B 499 -25.46 4.61 39.79
C CYS B 499 -26.94 4.26 39.63
N ALA B 500 -27.39 3.27 40.40
CA ALA B 500 -28.77 2.82 40.35
C ALA B 500 -29.75 3.94 40.74
N GLN B 501 -29.30 4.89 41.55
CA GLN B 501 -30.15 6.01 41.96
C GLN B 501 -30.50 6.89 40.77
N LEU B 502 -29.65 6.86 39.75
CA LEU B 502 -29.85 7.64 38.54
C LEU B 502 -30.73 6.89 37.52
N ARG B 503 -31.07 5.65 37.85
CA ARG B 503 -31.88 4.82 36.97
C ARG B 503 -33.39 5.05 37.07
N PRO B 504 -34.04 5.38 35.94
CA PRO B 504 -35.48 5.61 35.93
C PRO B 504 -36.19 4.34 36.38
N SER B 505 -37.35 4.48 36.99
CA SER B 505 -38.12 3.34 37.44
C SER B 505 -38.95 2.80 36.27
N VAL B 506 -38.25 2.37 35.22
CA VAL B 506 -38.86 1.83 34.01
C VAL B 506 -38.02 0.61 33.60
N ASP B 507 -38.68 -0.52 33.43
CA ASP B 507 -38.01 -1.74 33.05
C ASP B 507 -38.42 -1.99 31.60
N ILE B 508 -37.45 -2.33 30.76
CA ILE B 508 -37.73 -2.56 29.35
C ILE B 508 -38.71 -3.69 29.11
N SER B 509 -39.69 -3.40 28.28
CA SER B 509 -40.75 -4.34 27.92
C SER B 509 -40.47 -4.90 26.53
N VAL B 510 -40.05 -6.15 26.50
CA VAL B 510 -39.74 -6.82 25.24
C VAL B 510 -40.35 -8.22 25.21
N THR B 511 -40.98 -8.57 24.10
CA THR B 511 -41.56 -9.90 23.91
C THR B 511 -40.97 -10.48 22.63
N ALA B 512 -41.28 -11.75 22.35
CA ALA B 512 -40.78 -12.43 21.15
C ALA B 512 -41.14 -11.74 19.83
N ASP B 513 -42.33 -11.15 19.77
CA ASP B 513 -42.80 -10.47 18.55
C ASP B 513 -42.48 -8.97 18.52
N ALA B 514 -41.40 -8.57 19.18
CA ALA B 514 -41.01 -7.16 19.20
C ALA B 514 -40.79 -6.68 17.75
N ASP B 515 -41.33 -5.51 17.42
CA ASP B 515 -41.19 -4.96 16.08
C ASP B 515 -40.07 -3.90 15.97
N PHE B 516 -39.39 -3.63 17.08
CA PHE B 516 -38.31 -2.64 17.11
C PHE B 516 -36.92 -3.27 17.03
N VAL B 517 -36.86 -4.55 16.65
CA VAL B 517 -35.59 -5.25 16.53
C VAL B 517 -35.16 -5.24 15.05
N ARG B 518 -34.01 -5.84 14.74
CA ARG B 518 -33.55 -5.89 13.35
C ARG B 518 -34.63 -6.59 12.56
N PRO B 519 -34.88 -6.13 11.34
CA PRO B 519 -35.89 -6.70 10.44
C PRO B 519 -35.80 -8.23 10.30
N GLU B 520 -34.58 -8.73 10.15
CA GLU B 520 -34.34 -10.15 9.99
C GLU B 520 -34.69 -10.95 11.24
N LEU B 521 -34.77 -10.30 12.40
CA LEU B 521 -35.09 -10.98 13.65
C LEU B 521 -36.55 -10.88 14.08
N ARG B 522 -37.34 -10.10 13.37
CA ARG B 522 -38.76 -9.95 13.72
C ARG B 522 -39.50 -11.25 13.44
N GLN B 523 -40.26 -11.72 14.42
CA GLN B 523 -41.02 -12.96 14.27
C GLN B 523 -42.47 -12.73 14.63
N ALA B 524 -43.19 -13.83 14.81
CA ALA B 524 -44.59 -13.82 15.19
C ALA B 524 -44.68 -14.13 16.70
N THR C 13 31.21 4.95 -6.05
CA THR C 13 31.90 5.39 -7.27
C THR C 13 32.72 4.24 -7.90
N THR C 14 34.04 4.37 -7.93
CA THR C 14 34.91 3.33 -8.49
C THR C 14 35.25 2.38 -7.34
N PHE C 15 34.43 1.33 -7.18
CA PHE C 15 34.66 0.36 -6.11
C PHE C 15 35.88 -0.51 -6.38
N ASP C 16 36.65 -0.78 -5.32
CA ASP C 16 37.85 -1.60 -5.41
C ASP C 16 37.44 -3.05 -5.48
N PHE C 17 37.80 -3.70 -6.58
CA PHE C 17 37.47 -5.08 -6.77
C PHE C 17 38.75 -5.87 -6.86
N ASP C 18 38.62 -7.17 -6.64
CA ASP C 18 39.73 -8.09 -6.73
C ASP C 18 39.25 -9.38 -7.39
N SER C 19 39.89 -9.68 -8.51
CA SER C 19 39.59 -10.84 -9.30
C SER C 19 40.58 -11.96 -9.00
N SER C 20 40.06 -13.18 -8.87
CA SER C 20 40.85 -14.37 -8.61
C SER C 20 41.13 -15.12 -9.92
N VAL C 21 40.40 -14.76 -10.96
CA VAL C 21 40.51 -15.40 -12.26
C VAL C 21 41.12 -14.49 -13.34
N PHE C 22 40.74 -13.22 -13.32
CA PHE C 22 41.19 -12.26 -14.32
C PHE C 22 42.24 -11.24 -13.86
N LYS C 23 42.92 -10.66 -14.85
CA LYS C 23 43.98 -9.67 -14.67
C LYS C 23 43.39 -8.27 -14.58
N LYS C 24 43.69 -7.59 -13.49
CA LYS C 24 43.24 -6.21 -13.25
C LYS C 24 44.31 -5.34 -13.91
N GLU C 25 43.91 -4.23 -14.51
CA GLU C 25 44.83 -3.36 -15.22
C GLU C 25 44.58 -1.91 -14.85
N LYS C 26 45.65 -1.16 -14.56
CA LYS C 26 45.52 0.24 -14.20
C LYS C 26 45.51 1.10 -15.46
N VAL C 27 44.61 2.08 -15.47
CA VAL C 27 44.48 3.03 -16.57
C VAL C 27 44.47 4.40 -15.87
N THR C 28 45.27 5.33 -16.36
CA THR C 28 45.33 6.64 -15.74
C THR C 28 44.64 7.62 -16.69
N LEU C 29 43.54 8.19 -16.23
CA LEU C 29 42.78 9.13 -17.02
C LEU C 29 42.78 10.48 -16.31
N SER C 30 43.51 11.43 -16.88
CA SER C 30 43.61 12.78 -16.32
C SER C 30 44.08 12.75 -14.85
N GLY C 31 45.20 12.06 -14.62
CA GLY C 31 45.74 11.98 -13.27
C GLY C 31 44.99 11.09 -12.29
N HIS C 32 43.94 10.41 -12.77
CA HIS C 32 43.15 9.53 -11.91
C HIS C 32 43.39 8.08 -12.30
N ASP C 33 43.82 7.28 -11.34
CA ASP C 33 44.07 5.87 -11.57
C ASP C 33 42.76 5.12 -11.42
N GLU C 34 42.39 4.37 -12.45
CA GLU C 34 41.18 3.58 -12.42
C GLU C 34 41.59 2.18 -12.87
N TYR C 35 40.96 1.16 -12.30
CA TYR C 35 41.28 -0.22 -12.64
C TYR C 35 40.23 -0.82 -13.54
N ILE C 36 40.68 -1.44 -14.62
CA ILE C 36 39.81 -2.08 -15.60
C ILE C 36 40.27 -3.50 -15.88
N VAL C 37 39.46 -4.22 -16.62
CA VAL C 37 39.77 -5.59 -17.01
C VAL C 37 39.63 -5.67 -18.52
N ARG C 38 40.77 -5.84 -19.19
CA ARG C 38 40.82 -5.94 -20.64
C ARG C 38 40.19 -7.26 -21.09
N GLY C 39 39.44 -7.19 -22.18
CA GLY C 39 38.78 -8.35 -22.72
C GLY C 39 39.64 -9.06 -23.76
N GLY C 40 39.02 -9.95 -24.52
CA GLY C 40 39.73 -10.69 -25.54
C GLY C 40 39.27 -12.14 -25.56
N ARG C 41 39.14 -12.71 -26.74
CA ARG C 41 38.70 -14.10 -26.90
C ARG C 41 39.68 -15.07 -26.25
N ASN C 42 40.93 -14.64 -26.08
CA ASN C 42 41.96 -15.47 -25.47
C ASN C 42 41.63 -15.78 -24.01
N LEU C 43 40.78 -14.96 -23.41
CA LEU C 43 40.36 -15.13 -22.02
C LEU C 43 39.22 -16.11 -21.83
N PHE C 44 38.61 -16.54 -22.92
CA PHE C 44 37.48 -17.47 -22.85
C PHE C 44 37.76 -18.79 -22.12
N PRO C 45 38.98 -19.35 -22.23
CA PRO C 45 39.24 -20.60 -21.50
C PRO C 45 39.12 -20.45 -19.97
N LEU C 46 39.10 -19.21 -19.49
CA LEU C 46 38.97 -18.92 -18.05
C LEU C 46 37.51 -18.85 -17.61
N LEU C 47 36.57 -18.84 -18.55
CA LEU C 47 35.16 -18.74 -18.20
C LEU C 47 34.66 -19.79 -17.21
N PRO C 48 35.05 -21.08 -17.39
CA PRO C 48 34.59 -22.10 -16.44
C PRO C 48 34.96 -21.78 -14.98
N ASP C 49 36.17 -21.28 -14.78
CA ASP C 49 36.66 -20.92 -13.46
C ASP C 49 35.95 -19.66 -12.92
N ALA C 50 35.64 -18.73 -13.80
CA ALA C 50 34.95 -17.50 -13.40
C ALA C 50 33.51 -17.83 -12.99
N PHE C 51 32.90 -18.74 -13.74
CA PHE C 51 31.53 -19.16 -13.49
C PHE C 51 31.40 -20.29 -12.48
N LYS C 52 32.00 -20.09 -11.30
CA LYS C 52 31.93 -21.09 -10.24
C LYS C 52 30.47 -21.28 -9.83
N GLY C 53 30.05 -22.54 -9.72
CA GLY C 53 28.70 -22.83 -9.31
C GLY C 53 27.62 -22.52 -10.33
N ILE C 54 28.01 -22.17 -11.54
CA ILE C 54 27.04 -21.86 -12.58
C ILE C 54 26.86 -23.02 -13.54
N LYS C 55 25.65 -23.58 -13.58
CA LYS C 55 25.31 -24.66 -14.50
C LYS C 55 24.33 -24.13 -15.54
N GLN C 56 23.52 -23.16 -15.13
CA GLN C 56 22.54 -22.54 -16.01
C GLN C 56 22.44 -21.04 -15.80
N ILE C 57 22.50 -20.31 -16.91
CA ILE C 57 22.35 -18.87 -16.93
C ILE C 57 20.97 -18.67 -17.54
N GLY C 58 20.06 -18.07 -16.77
CA GLY C 58 18.72 -17.82 -17.27
C GLY C 58 18.64 -16.40 -17.79
N VAL C 59 18.41 -16.24 -19.08
CA VAL C 59 18.28 -14.92 -19.70
C VAL C 59 16.80 -14.67 -19.83
N ILE C 60 16.31 -13.74 -19.01
CA ILE C 60 14.91 -13.41 -18.94
C ILE C 60 14.62 -12.19 -19.83
N GLY C 61 13.70 -12.38 -20.78
CA GLY C 61 13.34 -11.32 -21.68
C GLY C 61 13.86 -11.58 -23.09
N TRP C 62 13.46 -10.72 -24.02
CA TRP C 62 13.87 -10.81 -25.39
C TRP C 62 13.63 -9.43 -26.02
N GLY C 63 14.22 -8.40 -25.41
CA GLY C 63 14.09 -7.05 -25.90
C GLY C 63 15.29 -6.75 -26.78
N SER C 64 16.04 -5.70 -26.47
CA SER C 64 17.20 -5.34 -27.27
C SER C 64 18.48 -5.98 -26.78
N GLN C 65 18.58 -6.20 -25.48
CA GLN C 65 19.77 -6.79 -24.89
C GLN C 65 19.83 -8.31 -24.90
N ALA C 66 18.76 -8.97 -24.46
CA ALA C 66 18.74 -10.43 -24.36
C ALA C 66 19.17 -11.23 -25.59
N PRO C 67 18.66 -10.89 -26.79
CA PRO C 67 19.09 -11.67 -27.95
C PRO C 67 20.59 -11.64 -28.19
N ALA C 68 21.18 -10.46 -28.00
CA ALA C 68 22.62 -10.26 -28.19
C ALA C 68 23.44 -10.97 -27.11
N GLN C 69 23.12 -10.67 -25.85
CA GLN C 69 23.83 -11.26 -24.72
C GLN C 69 23.73 -12.79 -24.69
N ALA C 70 22.54 -13.35 -24.94
CA ALA C 70 22.34 -14.80 -24.91
C ALA C 70 23.22 -15.49 -25.96
N GLN C 71 23.23 -14.93 -27.17
CA GLN C 71 24.05 -15.50 -28.25
C GLN C 71 25.55 -15.34 -28.00
N ASN C 72 25.97 -14.17 -27.53
CA ASN C 72 27.39 -13.93 -27.25
C ASN C 72 27.85 -14.88 -26.15
N LEU C 73 27.05 -15.01 -25.09
CA LEU C 73 27.36 -15.90 -23.99
C LEU C 73 27.47 -17.33 -24.51
N LYS C 74 26.49 -17.77 -25.30
CA LYS C 74 26.49 -19.11 -25.86
C LYS C 74 27.74 -19.38 -26.70
N ASP C 75 28.10 -18.40 -27.53
CA ASP C 75 29.27 -18.52 -28.39
C ASP C 75 30.56 -18.62 -27.59
N SER C 76 30.71 -17.74 -26.60
CA SER C 76 31.89 -17.73 -25.75
C SER C 76 32.04 -19.00 -24.93
N LEU C 77 30.93 -19.51 -24.41
CA LEU C 77 30.91 -20.73 -23.59
C LEU C 77 31.28 -21.94 -24.45
N THR C 78 30.81 -21.94 -25.68
CA THR C 78 31.11 -23.00 -26.63
C THR C 78 32.60 -23.02 -26.90
N GLU C 79 33.16 -21.83 -27.11
CA GLU C 79 34.58 -21.64 -27.37
C GLU C 79 35.39 -22.15 -26.16
N ALA C 80 34.88 -21.88 -24.96
CA ALA C 80 35.54 -22.29 -23.72
C ALA C 80 35.30 -23.75 -23.36
N LYS C 81 34.52 -24.45 -24.19
CA LYS C 81 34.17 -25.86 -23.96
C LYS C 81 33.48 -25.99 -22.59
N SER C 82 32.61 -25.03 -22.29
CA SER C 82 31.87 -24.99 -21.05
C SER C 82 30.56 -25.75 -21.15
N ASP C 83 30.16 -26.34 -20.02
CA ASP C 83 28.92 -27.11 -19.89
C ASP C 83 27.74 -26.24 -19.42
N VAL C 84 27.97 -24.94 -19.28
CA VAL C 84 26.94 -24.00 -18.84
C VAL C 84 25.87 -23.88 -19.92
N VAL C 85 24.62 -23.98 -19.50
CA VAL C 85 23.48 -23.86 -20.42
C VAL C 85 22.91 -22.44 -20.32
N VAL C 86 22.65 -21.83 -21.47
CA VAL C 86 22.06 -20.51 -21.51
C VAL C 86 20.62 -20.75 -21.91
N LYS C 87 19.70 -20.45 -21.00
CA LYS C 87 18.27 -20.64 -21.20
C LYS C 87 17.45 -19.35 -21.18
N ILE C 88 16.64 -19.15 -22.21
CA ILE C 88 15.78 -17.97 -22.33
C ILE C 88 14.45 -18.24 -21.63
N GLY C 89 14.03 -17.31 -20.77
CA GLY C 89 12.76 -17.42 -20.05
C GLY C 89 11.83 -16.27 -20.45
N LEU C 90 10.64 -16.61 -20.90
CA LEU C 90 9.64 -15.64 -21.33
C LEU C 90 8.30 -15.93 -20.66
N ARG C 91 7.45 -14.93 -20.55
CA ARG C 91 6.17 -15.15 -19.92
C ARG C 91 5.15 -15.80 -20.85
N LYS C 92 4.23 -16.51 -20.22
CA LYS C 92 3.13 -17.25 -20.84
C LYS C 92 2.82 -17.06 -22.33
N GLY C 93 2.14 -15.97 -22.66
CA GLY C 93 1.75 -15.76 -24.04
C GLY C 93 2.68 -15.00 -24.96
N SER C 94 3.89 -14.73 -24.49
CA SER C 94 4.88 -13.97 -25.26
C SER C 94 5.04 -14.35 -26.73
N ASN C 95 5.06 -13.33 -27.57
CA ASN C 95 5.24 -13.51 -29.00
C ASN C 95 6.71 -13.69 -29.35
N SER C 96 7.58 -13.47 -28.36
CA SER C 96 9.01 -13.61 -28.55
C SER C 96 9.45 -15.06 -28.59
N PHE C 97 8.58 -15.98 -28.22
CA PHE C 97 8.94 -17.40 -28.20
C PHE C 97 9.40 -17.81 -29.59
N ALA C 98 8.63 -17.41 -30.60
CA ALA C 98 8.96 -17.74 -31.99
C ALA C 98 10.26 -17.06 -32.41
N GLU C 99 10.48 -15.86 -31.90
CA GLU C 99 11.69 -15.10 -32.20
C GLU C 99 12.92 -15.78 -31.58
N ALA C 100 12.74 -16.30 -30.36
CA ALA C 100 13.81 -17.00 -29.66
C ALA C 100 14.16 -18.29 -30.41
N ARG C 101 13.15 -19.02 -30.88
CA ARG C 101 13.37 -20.24 -31.66
C ARG C 101 14.11 -19.94 -32.96
N ALA C 102 13.82 -18.80 -33.57
CA ALA C 102 14.48 -18.37 -34.81
C ALA C 102 15.95 -18.15 -34.54
N ALA C 103 16.27 -17.64 -33.34
CA ALA C 103 17.65 -17.40 -32.94
C ALA C 103 18.34 -18.69 -32.41
N GLY C 104 17.62 -19.81 -32.44
CA GLY C 104 18.20 -21.08 -32.00
C GLY C 104 17.97 -21.53 -30.58
N PHE C 105 16.97 -21.00 -29.92
CA PHE C 105 16.68 -21.39 -28.53
C PHE C 105 15.33 -22.07 -28.55
N SER C 106 15.28 -23.32 -28.10
CA SER C 106 14.03 -24.04 -28.11
C SER C 106 13.81 -24.88 -26.88
N GLU C 107 12.58 -25.33 -26.75
CA GLU C 107 12.14 -26.19 -25.67
C GLU C 107 12.80 -27.57 -25.81
N GLU C 108 13.00 -28.03 -27.05
CA GLU C 108 13.63 -29.32 -27.33
C GLU C 108 15.03 -29.47 -26.71
N ASN C 109 15.85 -28.44 -26.87
CA ASN C 109 17.22 -28.47 -26.33
C ASN C 109 17.31 -27.92 -24.91
N GLY C 110 16.17 -27.49 -24.38
CA GLY C 110 16.11 -26.96 -23.03
C GLY C 110 16.74 -25.59 -22.85
N THR C 111 16.74 -24.79 -23.89
CA THR C 111 17.33 -23.46 -23.86
C THR C 111 16.30 -22.36 -24.01
N LEU C 112 15.02 -22.73 -23.93
CA LEU C 112 13.90 -21.80 -24.02
C LEU C 112 12.81 -22.35 -23.10
N GLY C 113 12.20 -21.50 -22.30
CA GLY C 113 11.15 -21.93 -21.39
C GLY C 113 10.42 -20.78 -20.75
N ASP C 114 9.56 -21.12 -19.79
CA ASP C 114 8.76 -20.15 -19.05
C ASP C 114 9.72 -19.32 -18.19
N MET C 115 9.44 -18.04 -18.04
CA MET C 115 10.33 -17.19 -17.26
C MET C 115 10.47 -17.53 -15.78
N TRP C 116 9.37 -17.85 -15.10
CA TRP C 116 9.43 -18.17 -13.68
C TRP C 116 10.17 -19.47 -13.44
N GLU C 117 9.90 -20.46 -14.29
CA GLU C 117 10.55 -21.76 -14.20
C GLU C 117 12.03 -21.58 -14.53
N THR C 118 12.34 -20.68 -15.47
CA THR C 118 13.71 -20.42 -15.85
C THR C 118 14.45 -19.73 -14.69
N ILE C 119 13.80 -18.77 -14.04
CA ILE C 119 14.43 -18.08 -12.91
C ILE C 119 14.77 -19.05 -11.77
N SER C 120 13.81 -19.91 -11.39
CA SER C 120 14.02 -20.85 -10.28
C SER C 120 15.11 -21.90 -10.48
N GLY C 121 15.40 -22.24 -11.73
CA GLY C 121 16.43 -23.23 -12.01
C GLY C 121 17.77 -22.65 -12.42
N SER C 122 17.86 -21.33 -12.48
CA SER C 122 19.08 -20.65 -12.90
C SER C 122 20.02 -20.27 -11.76
N ASP C 123 21.32 -20.33 -12.01
CA ASP C 123 22.32 -19.99 -11.02
C ASP C 123 22.70 -18.52 -11.19
N LEU C 124 22.59 -18.04 -12.43
CA LEU C 124 22.81 -16.65 -12.78
C LEU C 124 21.56 -16.25 -13.56
N VAL C 125 20.81 -15.29 -13.04
CA VAL C 125 19.58 -14.80 -13.67
C VAL C 125 19.82 -13.39 -14.21
N LEU C 126 19.78 -13.23 -15.53
CA LEU C 126 19.99 -11.93 -16.19
C LEU C 126 18.59 -11.37 -16.43
N LEU C 127 18.23 -10.35 -15.65
CA LEU C 127 16.92 -9.71 -15.74
C LEU C 127 16.92 -8.67 -16.84
N LEU C 128 16.70 -9.14 -18.07
CA LEU C 128 16.71 -8.32 -19.27
C LEU C 128 15.33 -8.03 -19.83
N ILE C 129 14.46 -7.54 -18.96
CA ILE C 129 13.09 -7.16 -19.30
C ILE C 129 13.03 -5.65 -19.09
N SER C 130 11.96 -5.01 -19.54
CA SER C 130 11.82 -3.57 -19.39
C SER C 130 12.02 -3.14 -17.95
N ASP C 131 12.66 -2.00 -17.76
CA ASP C 131 12.91 -1.47 -16.42
C ASP C 131 11.63 -1.26 -15.63
N SER C 132 10.58 -0.76 -16.29
CA SER C 132 9.30 -0.56 -15.62
C SER C 132 8.70 -1.92 -15.22
N ALA C 133 8.90 -2.95 -16.05
CA ALA C 133 8.40 -4.27 -15.72
C ALA C 133 9.14 -4.77 -14.46
N GLN C 134 10.43 -4.46 -14.35
CA GLN C 134 11.24 -4.86 -13.19
C GLN C 134 10.69 -4.21 -11.92
N ALA C 135 10.43 -2.91 -12.03
CA ALA C 135 9.90 -2.12 -10.92
C ALA C 135 8.57 -2.66 -10.40
N ASP C 136 7.73 -3.11 -11.33
CA ASP C 136 6.40 -3.63 -11.02
C ASP C 136 6.31 -5.14 -10.77
N ASN C 137 7.42 -5.86 -10.93
CA ASN C 137 7.39 -7.32 -10.74
C ASN C 137 8.58 -7.92 -10.00
N TYR C 138 9.39 -7.09 -9.36
CA TYR C 138 10.58 -7.60 -8.68
C TYR C 138 10.30 -8.61 -7.56
N GLU C 139 9.20 -8.45 -6.85
CA GLU C 139 8.87 -9.39 -5.77
C GLU C 139 8.74 -10.82 -6.30
N LYS C 140 8.07 -10.99 -7.43
CA LYS C 140 7.91 -12.33 -7.98
C LYS C 140 9.23 -12.89 -8.51
N VAL C 141 10.07 -12.02 -9.06
CA VAL C 141 11.37 -12.44 -9.56
C VAL C 141 12.21 -12.92 -8.37
N PHE C 142 12.24 -12.11 -7.31
CA PHE C 142 12.98 -12.44 -6.11
C PHE C 142 12.52 -13.75 -5.48
N SER C 143 11.21 -13.95 -5.37
CA SER C 143 10.64 -15.15 -4.77
C SER C 143 11.03 -16.44 -5.47
N HIS C 144 11.40 -16.34 -6.75
CA HIS C 144 11.82 -17.51 -7.52
C HIS C 144 13.32 -17.80 -7.50
N MET C 145 14.11 -16.87 -6.94
CA MET C 145 15.56 -17.04 -6.86
C MET C 145 15.92 -18.09 -5.82
N LYS C 146 16.88 -18.94 -6.14
CA LYS C 146 17.36 -19.98 -5.23
C LYS C 146 18.27 -19.32 -4.20
N PRO C 147 18.41 -19.93 -3.02
CA PRO C 147 19.29 -19.29 -2.04
C PRO C 147 20.72 -19.33 -2.64
N ASN C 148 21.46 -18.25 -2.43
CA ASN C 148 22.82 -18.12 -2.94
C ASN C 148 22.94 -18.26 -4.47
N SER C 149 21.93 -17.76 -5.18
CA SER C 149 22.00 -17.70 -6.63
C SER C 149 22.37 -16.24 -6.88
N ILE C 150 22.58 -15.88 -8.13
CA ILE C 150 23.00 -14.52 -8.45
C ILE C 150 22.06 -13.81 -9.43
N LEU C 151 21.65 -12.61 -9.07
CA LEU C 151 20.79 -11.81 -9.93
C LEU C 151 21.70 -10.84 -10.65
N GLY C 152 21.61 -10.83 -11.97
CA GLY C 152 22.41 -9.94 -12.78
C GLY C 152 21.54 -8.95 -13.54
N LEU C 153 21.90 -7.68 -13.44
CA LEU C 153 21.17 -6.61 -14.13
C LEU C 153 22.12 -5.96 -15.13
N SER C 154 21.58 -5.34 -16.17
CA SER C 154 22.41 -4.63 -17.13
C SER C 154 22.13 -3.14 -17.03
N HIS C 155 21.50 -2.75 -15.92
CA HIS C 155 21.14 -1.36 -15.63
C HIS C 155 20.82 -1.31 -14.13
N GLY C 156 21.22 -0.25 -13.45
CA GLY C 156 20.95 -0.13 -12.02
C GLY C 156 19.59 0.50 -11.66
N PHE C 157 18.72 0.68 -12.66
CA PHE C 157 17.38 1.27 -12.49
C PHE C 157 16.60 0.67 -11.31
N LEU C 158 16.59 -0.66 -11.21
CA LEU C 158 15.84 -1.36 -10.16
C LEU C 158 16.25 -0.91 -8.75
N LEU C 159 17.54 -0.64 -8.54
CA LEU C 159 17.99 -0.18 -7.23
C LEU C 159 17.36 1.19 -6.99
N GLY C 160 17.38 2.05 -8.00
CA GLY C 160 16.79 3.37 -7.87
C GLY C 160 15.31 3.29 -7.49
N HIS C 161 14.61 2.35 -8.10
CA HIS C 161 13.20 2.18 -7.78
C HIS C 161 13.02 1.68 -6.36
N LEU C 162 13.81 0.68 -5.96
CA LEU C 162 13.71 0.12 -4.62
C LEU C 162 13.98 1.18 -3.58
N GLN C 163 14.95 2.03 -3.88
CA GLN C 163 15.32 3.13 -3.00
C GLN C 163 14.15 4.08 -2.78
N SER C 164 13.33 4.28 -3.80
CA SER C 164 12.19 5.19 -3.68
C SER C 164 11.12 4.59 -2.74
N LEU C 165 11.25 3.29 -2.47
CA LEU C 165 10.33 2.57 -1.60
C LEU C 165 11.00 2.23 -0.28
N GLY C 166 12.25 2.69 -0.10
CA GLY C 166 13.00 2.41 1.11
C GLY C 166 13.37 0.94 1.25
N GLN C 167 13.45 0.25 0.12
CA GLN C 167 13.78 -1.17 0.11
C GLN C 167 15.13 -1.46 -0.54
N ASP C 168 15.52 -2.74 -0.50
CA ASP C 168 16.76 -3.22 -1.06
C ASP C 168 16.49 -4.64 -1.54
N PHE C 169 17.49 -5.26 -2.15
CA PHE C 169 17.36 -6.63 -2.64
C PHE C 169 17.31 -7.61 -1.48
N PRO C 170 16.84 -8.84 -1.72
CA PRO C 170 16.76 -9.84 -0.64
C PRO C 170 18.17 -10.17 -0.15
N LYS C 171 18.30 -10.62 1.09
CA LYS C 171 19.61 -10.93 1.67
C LYS C 171 20.05 -12.39 1.61
N ASN C 172 19.51 -13.11 0.63
CA ASN C 172 19.84 -14.51 0.42
C ASN C 172 20.46 -14.71 -0.94
N ILE C 173 20.63 -13.63 -1.70
CA ILE C 173 21.21 -13.69 -3.05
C ILE C 173 22.31 -12.63 -3.29
N SER C 174 23.11 -12.88 -4.32
CA SER C 174 24.14 -11.94 -4.75
C SER C 174 23.47 -11.11 -5.87
N VAL C 175 23.90 -9.86 -6.02
CA VAL C 175 23.35 -8.95 -7.01
C VAL C 175 24.53 -8.25 -7.68
N ILE C 176 24.62 -8.43 -9.00
CA ILE C 176 25.68 -7.85 -9.80
C ILE C 176 25.09 -7.18 -11.06
N ALA C 177 25.92 -6.44 -11.78
CA ALA C 177 25.48 -5.82 -13.02
C ALA C 177 26.62 -5.75 -14.00
N VAL C 178 26.31 -6.00 -15.26
CA VAL C 178 27.25 -5.90 -16.36
C VAL C 178 26.41 -5.09 -17.35
N CYS C 179 26.82 -3.85 -17.55
CA CYS C 179 26.09 -2.91 -18.37
C CYS C 179 26.83 -2.49 -19.63
N PRO C 180 26.45 -3.08 -20.78
CA PRO C 180 27.11 -2.71 -22.05
C PRO C 180 26.80 -1.24 -22.36
N LYS C 181 27.85 -0.46 -22.59
CA LYS C 181 27.68 0.95 -22.94
C LYS C 181 27.50 1.00 -24.46
N GLY C 182 26.39 0.44 -24.91
CA GLY C 182 26.07 0.38 -26.33
C GLY C 182 24.78 -0.39 -26.46
N MET C 183 24.11 -0.22 -27.60
CA MET C 183 22.85 -0.90 -27.83
C MET C 183 23.05 -2.40 -28.04
N GLY C 184 22.06 -3.19 -27.63
CA GLY C 184 22.13 -4.63 -27.76
C GLY C 184 22.57 -5.10 -29.14
N PRO C 185 21.93 -4.63 -30.22
CA PRO C 185 22.32 -5.05 -31.57
C PRO C 185 23.81 -4.84 -31.87
N SER C 186 24.40 -3.81 -31.29
CA SER C 186 25.82 -3.52 -31.51
C SER C 186 26.71 -4.49 -30.71
N VAL C 187 26.21 -4.93 -29.56
CA VAL C 187 26.92 -5.88 -28.71
C VAL C 187 27.09 -7.19 -29.50
N ARG C 188 26.03 -7.61 -30.18
CA ARG C 188 26.09 -8.82 -30.98
C ARG C 188 26.94 -8.64 -32.23
N ARG C 189 26.67 -7.58 -32.99
CA ARG C 189 27.41 -7.33 -34.22
C ARG C 189 28.93 -7.23 -34.06
N LEU C 190 29.39 -6.40 -33.14
CA LEU C 190 30.82 -6.24 -32.90
C LEU C 190 31.47 -7.56 -32.45
N TYR C 191 30.75 -8.31 -31.62
CA TYR C 191 31.25 -9.59 -31.15
C TYR C 191 31.46 -10.53 -32.34
N VAL C 192 30.52 -10.54 -33.27
CA VAL C 192 30.62 -11.38 -34.47
C VAL C 192 31.79 -10.92 -35.36
N GLN C 193 31.92 -9.62 -35.56
CA GLN C 193 33.00 -9.06 -36.39
C GLN C 193 34.40 -9.28 -35.81
N GLY C 194 34.50 -9.47 -34.50
CA GLY C 194 35.80 -9.69 -33.90
C GLY C 194 36.19 -11.14 -33.69
N LYS C 195 35.37 -12.08 -34.16
CA LYS C 195 35.63 -13.50 -33.98
C LYS C 195 36.98 -14.01 -34.46
N GLU C 196 37.53 -13.41 -35.51
CA GLU C 196 38.83 -13.83 -36.06
C GLU C 196 39.99 -12.88 -35.73
N VAL C 197 39.71 -11.81 -34.98
CA VAL C 197 40.74 -10.86 -34.60
C VAL C 197 40.92 -10.76 -33.08
N ASN C 198 40.65 -11.86 -32.40
CA ASN C 198 40.78 -11.97 -30.95
C ASN C 198 39.76 -11.18 -30.14
N GLY C 199 38.64 -10.85 -30.78
CA GLY C 199 37.59 -10.14 -30.09
C GLY C 199 37.34 -8.69 -30.44
N ALA C 200 36.06 -8.34 -30.31
CA ALA C 200 35.53 -7.01 -30.54
C ALA C 200 34.18 -7.00 -29.82
N GLY C 201 33.73 -5.81 -29.44
CA GLY C 201 32.47 -5.70 -28.75
C GLY C 201 32.27 -4.29 -28.23
N ILE C 202 31.44 -4.19 -27.19
CA ILE C 202 31.08 -2.93 -26.54
C ILE C 202 31.61 -2.90 -25.11
N ASN C 203 32.26 -1.81 -24.73
CA ASN C 203 32.80 -1.67 -23.39
C ASN C 203 31.65 -1.76 -22.39
N SER C 204 31.91 -2.34 -21.24
CA SER C 204 30.89 -2.50 -20.22
C SER C 204 31.35 -2.04 -18.85
N SER C 205 30.40 -1.57 -18.05
CA SER C 205 30.69 -1.22 -16.66
C SER C 205 30.17 -2.44 -15.88
N PHE C 206 30.72 -2.69 -14.71
CA PHE C 206 30.23 -3.81 -13.91
C PHE C 206 30.14 -3.35 -12.47
N ALA C 207 29.19 -3.91 -11.74
CA ALA C 207 29.00 -3.58 -10.34
C ALA C 207 28.67 -4.83 -9.55
N VAL C 208 29.03 -4.82 -8.27
CA VAL C 208 28.73 -5.90 -7.35
C VAL C 208 28.03 -5.22 -6.18
N HIS C 209 26.71 -5.30 -6.15
CA HIS C 209 25.91 -4.67 -5.10
C HIS C 209 25.87 -5.54 -3.82
N GLN C 210 25.71 -6.86 -4.01
CA GLN C 210 25.64 -7.82 -2.91
C GLN C 210 26.44 -9.03 -3.34
N ASP C 211 27.19 -9.59 -2.41
CA ASP C 211 28.03 -10.77 -2.68
C ASP C 211 27.94 -11.75 -1.49
N VAL C 212 27.15 -12.80 -1.65
CA VAL C 212 26.95 -13.78 -0.59
C VAL C 212 28.18 -14.61 -0.25
N ASP C 213 28.85 -15.16 -1.26
CA ASP C 213 29.95 -16.07 -1.01
C ASP C 213 31.30 -15.81 -1.69
N GLY C 214 31.46 -14.67 -2.37
CA GLY C 214 32.73 -14.38 -3.00
C GLY C 214 32.82 -14.73 -4.48
N ARG C 215 31.74 -15.27 -5.05
CA ARG C 215 31.72 -15.62 -6.47
C ARG C 215 31.31 -14.45 -7.37
N ALA C 216 30.58 -13.48 -6.80
CA ALA C 216 30.04 -12.36 -7.54
C ALA C 216 30.94 -11.60 -8.49
N THR C 217 32.12 -11.20 -8.03
CA THR C 217 33.03 -10.43 -8.88
C THR C 217 33.44 -11.13 -10.16
N ASP C 218 33.91 -12.35 -10.05
CA ASP C 218 34.34 -13.09 -11.24
C ASP C 218 33.18 -13.53 -12.12
N VAL C 219 31.99 -13.70 -11.53
CA VAL C 219 30.83 -14.05 -12.33
C VAL C 219 30.47 -12.83 -13.19
N ALA C 220 30.58 -11.64 -12.62
CA ALA C 220 30.28 -10.42 -13.37
C ALA C 220 31.32 -10.20 -14.47
N LEU C 221 32.60 -10.35 -14.11
CA LEU C 221 33.68 -10.19 -15.08
C LEU C 221 33.60 -11.23 -16.19
N GLY C 222 33.29 -12.47 -15.84
CA GLY C 222 33.18 -13.52 -16.84
C GLY C 222 32.07 -13.22 -17.81
N TRP C 223 30.94 -12.74 -17.29
CA TRP C 223 29.77 -12.39 -18.10
C TRP C 223 30.16 -11.25 -19.07
N SER C 224 30.80 -10.21 -18.54
CA SER C 224 31.22 -9.08 -19.34
C SER C 224 32.19 -9.48 -20.45
N ILE C 225 33.21 -10.24 -20.08
CA ILE C 225 34.21 -10.71 -21.04
C ILE C 225 33.58 -11.62 -22.10
N ALA C 226 32.61 -12.44 -21.69
CA ALA C 226 31.94 -13.35 -22.60
C ALA C 226 31.06 -12.58 -23.60
N LEU C 227 30.67 -11.36 -23.24
CA LEU C 227 29.87 -10.52 -24.11
C LEU C 227 30.78 -9.91 -25.19
N GLY C 228 32.08 -9.89 -24.94
CA GLY C 228 33.01 -9.31 -25.90
C GLY C 228 33.56 -7.93 -25.51
N SER C 229 33.29 -7.50 -24.28
CA SER C 229 33.74 -6.18 -23.82
C SER C 229 35.24 -5.95 -23.99
N PRO C 230 35.63 -4.95 -24.79
CA PRO C 230 37.06 -4.67 -24.99
C PRO C 230 37.70 -4.36 -23.63
N PHE C 231 36.98 -3.61 -22.80
CA PHE C 231 37.40 -3.34 -21.43
C PHE C 231 36.17 -3.15 -20.57
N THR C 232 36.30 -3.60 -19.34
CA THR C 232 35.22 -3.54 -18.35
C THR C 232 35.73 -2.68 -17.21
N PHE C 233 34.97 -1.65 -16.87
CA PHE C 233 35.35 -0.75 -15.79
C PHE C 233 34.37 -0.88 -14.62
N ALA C 234 34.85 -0.59 -13.42
CA ALA C 234 34.07 -0.69 -12.20
C ALA C 234 33.18 0.51 -11.95
N THR C 235 31.99 0.23 -11.40
CA THR C 235 31.03 1.26 -11.05
C THR C 235 30.11 0.63 -10.00
N THR C 236 29.02 1.32 -9.64
CA THR C 236 28.05 0.79 -8.68
C THR C 236 26.69 0.90 -9.36
N LEU C 237 25.69 0.20 -8.86
CA LEU C 237 24.36 0.27 -9.46
C LEU C 237 23.84 1.70 -9.53
N GLU C 238 24.09 2.49 -8.48
CA GLU C 238 23.61 3.87 -8.44
C GLU C 238 24.38 4.80 -9.37
N GLN C 239 25.71 4.68 -9.41
CA GLN C 239 26.51 5.50 -10.30
C GLN C 239 26.07 5.22 -11.73
N GLU C 240 25.78 3.96 -12.00
CA GLU C 240 25.36 3.51 -13.32
C GLU C 240 23.99 4.07 -13.71
N TYR C 241 22.98 3.94 -12.86
CA TYR C 241 21.68 4.46 -13.28
C TYR C 241 21.68 5.97 -13.43
N LYS C 242 22.42 6.66 -12.57
CA LYS C 242 22.52 8.11 -12.63
C LYS C 242 23.14 8.59 -13.96
N SER C 243 24.24 7.98 -14.37
CA SER C 243 24.91 8.37 -15.60
C SER C 243 24.20 7.86 -16.83
N ASP C 244 23.65 6.65 -16.71
CA ASP C 244 22.98 5.99 -17.82
C ASP C 244 21.63 6.53 -18.25
N ILE C 245 20.71 6.67 -17.30
CA ILE C 245 19.39 7.21 -17.62
C ILE C 245 19.57 8.62 -18.16
N PHE C 246 20.52 9.36 -17.59
CA PHE C 246 20.86 10.71 -18.01
C PHE C 246 21.51 10.74 -19.43
N GLY C 247 22.53 9.92 -19.63
CA GLY C 247 23.25 9.87 -20.89
C GLY C 247 22.39 9.61 -22.12
N GLU C 248 21.46 8.68 -22.03
CA GLU C 248 20.60 8.39 -23.18
C GLU C 248 19.67 9.56 -23.53
N ARG C 249 19.29 10.33 -22.51
CA ARG C 249 18.42 11.50 -22.69
C ARG C 249 19.29 12.64 -23.19
N GLY C 250 20.57 12.57 -22.87
CA GLY C 250 21.55 13.54 -23.29
C GLY C 250 22.13 13.25 -24.68
N ILE C 251 23.43 13.37 -24.80
CA ILE C 251 24.16 13.22 -26.08
C ILE C 251 23.87 11.93 -26.87
N LEU C 252 23.73 10.80 -26.18
CA LEU C 252 23.51 9.53 -26.85
C LEU C 252 22.31 9.43 -27.76
N LEU C 253 21.15 9.90 -27.29
CA LEU C 253 19.92 9.82 -28.08
C LEU C 253 19.12 11.12 -28.11
N GLY C 254 18.60 11.51 -26.96
CA GLY C 254 17.77 12.70 -26.88
C GLY C 254 18.34 13.99 -27.46
N ALA C 255 19.50 14.39 -26.94
CA ALA C 255 20.17 15.61 -27.39
C ALA C 255 20.59 15.63 -28.86
N VAL C 256 21.15 14.52 -29.36
CA VAL C 256 21.55 14.49 -30.77
C VAL C 256 20.34 14.58 -31.68
N HIS C 257 19.23 13.96 -31.27
CA HIS C 257 18.01 14.04 -32.05
C HIS C 257 17.54 15.49 -32.05
N GLY C 258 17.52 16.12 -30.88
CA GLY C 258 17.08 17.50 -30.79
C GLY C 258 17.97 18.41 -31.62
N ILE C 259 19.27 18.16 -31.58
CA ILE C 259 20.25 18.96 -32.33
C ILE C 259 20.01 18.90 -33.82
N VAL C 260 19.87 17.70 -34.37
CA VAL C 260 19.66 17.58 -35.80
C VAL C 260 18.31 18.16 -36.26
N GLU C 261 17.27 18.01 -35.44
CA GLU C 261 15.96 18.55 -35.78
C GLU C 261 16.02 20.08 -35.85
N CYS C 262 16.62 20.69 -34.85
CA CYS C 262 16.73 22.14 -34.77
C CYS C 262 17.63 22.72 -35.87
N LEU C 263 18.75 22.05 -36.14
CA LEU C 263 19.66 22.53 -37.16
C LEU C 263 19.10 22.31 -38.57
N PHE C 264 18.43 21.19 -38.79
CA PHE C 264 17.82 20.91 -40.09
C PHE C 264 16.85 22.05 -40.44
N ARG C 265 16.01 22.41 -39.47
CA ARG C 265 15.02 23.46 -39.62
C ARG C 265 15.69 24.79 -39.91
N ARG C 266 16.73 25.11 -39.14
CA ARG C 266 17.47 26.35 -39.33
C ARG C 266 18.12 26.41 -40.73
N TYR C 267 18.74 25.31 -41.15
CA TYR C 267 19.39 25.26 -42.45
C TYR C 267 18.39 25.41 -43.57
N THR C 268 17.26 24.71 -43.50
CA THR C 268 16.25 24.83 -44.55
C THR C 268 15.65 26.24 -44.56
N GLU C 269 15.56 26.89 -43.41
CA GLU C 269 15.01 28.25 -43.33
C GLU C 269 15.93 29.24 -44.02
N SER C 270 17.24 28.99 -43.92
CA SER C 270 18.26 29.86 -44.51
C SER C 270 18.37 29.73 -46.03
N GLY C 271 17.66 28.75 -46.60
CA GLY C 271 17.70 28.54 -48.04
C GLY C 271 18.42 27.28 -48.47
N MET C 272 19.00 26.56 -47.52
CA MET C 272 19.69 25.31 -47.82
C MET C 272 18.69 24.23 -48.23
N SER C 273 19.02 23.46 -49.24
CA SER C 273 18.13 22.41 -49.70
C SER C 273 17.96 21.36 -48.61
N GLU C 274 16.83 20.65 -48.64
CA GLU C 274 16.55 19.61 -47.67
C GLU C 274 17.64 18.55 -47.72
N ASP C 275 18.09 18.22 -48.93
CA ASP C 275 19.14 17.23 -49.13
C ASP C 275 20.41 17.67 -48.39
N LEU C 276 20.88 18.87 -48.66
CA LEU C 276 22.07 19.38 -48.01
C LEU C 276 21.89 19.65 -46.52
N ALA C 277 20.69 20.00 -46.11
CA ALA C 277 20.42 20.25 -44.70
C ALA C 277 20.51 18.93 -43.92
N TYR C 278 20.06 17.84 -44.54
CA TYR C 278 20.11 16.51 -43.90
C TYR C 278 21.57 16.05 -43.83
N LYS C 279 22.29 16.16 -44.94
CA LYS C 279 23.69 15.78 -45.00
C LYS C 279 24.56 16.56 -44.01
N ASN C 280 24.31 17.85 -43.91
CA ASN C 280 25.06 18.74 -43.01
C ASN C 280 24.71 18.58 -41.54
N THR C 281 23.68 17.77 -41.25
CA THR C 281 23.30 17.51 -39.87
C THR C 281 23.50 16.03 -39.53
N VAL C 282 22.57 15.19 -39.96
CA VAL C 282 22.60 13.75 -39.68
C VAL C 282 23.82 13.02 -40.23
N GLU C 283 24.04 13.14 -41.54
CA GLU C 283 25.18 12.48 -42.19
C GLU C 283 26.50 12.95 -41.61
N CYS C 284 26.60 14.27 -41.41
CA CYS C 284 27.77 14.90 -40.85
C CYS C 284 28.12 14.33 -39.49
N ILE C 285 27.18 14.36 -38.56
CA ILE C 285 27.42 13.87 -37.20
C ILE C 285 27.68 12.36 -37.14
N THR C 286 26.84 11.57 -37.82
CA THR C 286 26.95 10.11 -37.79
C THR C 286 28.04 9.52 -38.67
N GLY C 287 28.61 10.34 -39.55
CA GLY C 287 29.67 9.88 -40.44
C GLY C 287 31.03 10.41 -40.01
N VAL C 288 31.52 11.40 -40.73
CA VAL C 288 32.84 11.95 -40.46
C VAL C 288 33.09 12.45 -39.04
N ILE C 289 32.12 13.13 -38.42
CA ILE C 289 32.30 13.61 -37.05
C ILE C 289 32.55 12.42 -36.10
N SER C 290 31.70 11.41 -36.17
CA SER C 290 31.83 10.22 -35.33
C SER C 290 33.15 9.49 -35.60
N LYS C 291 33.53 9.32 -36.87
CA LYS C 291 34.79 8.66 -37.21
C LYS C 291 36.00 9.41 -36.63
N THR C 292 36.01 10.72 -36.79
CA THR C 292 37.10 11.52 -36.28
C THR C 292 37.20 11.41 -34.76
N ILE C 293 36.07 11.53 -34.08
CA ILE C 293 36.06 11.44 -32.63
C ILE C 293 36.42 10.03 -32.14
N SER C 294 35.95 9.02 -32.87
CA SER C 294 36.16 7.62 -32.54
C SER C 294 37.65 7.24 -32.39
N THR C 295 38.45 7.62 -33.38
CA THR C 295 39.86 7.26 -33.36
C THR C 295 40.90 8.39 -33.21
N LYS C 296 40.51 9.63 -33.48
CA LYS C 296 41.42 10.79 -33.35
C LYS C 296 41.06 11.73 -32.21
N GLY C 297 39.76 11.94 -31.98
CA GLY C 297 39.32 12.81 -30.91
C GLY C 297 38.65 14.10 -31.35
N MET C 298 38.09 14.82 -30.37
CA MET C 298 37.40 16.09 -30.60
C MET C 298 38.38 17.19 -31.01
N LEU C 299 39.56 17.20 -30.39
CA LEU C 299 40.58 18.19 -30.71
C LEU C 299 41.01 18.06 -32.15
N ALA C 300 41.25 16.83 -32.58
CA ALA C 300 41.64 16.55 -33.95
C ALA C 300 40.56 17.03 -34.92
N LEU C 301 39.30 16.84 -34.54
CA LEU C 301 38.18 17.27 -35.37
C LEU C 301 38.25 18.79 -35.56
N TYR C 302 38.50 19.51 -34.47
CA TYR C 302 38.60 20.95 -34.50
C TYR C 302 39.77 21.40 -35.38
N ASN C 303 40.91 20.73 -35.21
CA ASN C 303 42.13 21.06 -35.96
C ASN C 303 42.11 20.73 -37.45
N SER C 304 41.19 19.86 -37.87
CA SER C 304 41.05 19.48 -39.28
C SER C 304 40.21 20.52 -40.03
N LEU C 305 39.70 21.48 -39.27
CA LEU C 305 38.89 22.56 -39.82
C LEU C 305 39.80 23.70 -40.29
N SER C 306 39.34 24.41 -41.30
CA SER C 306 40.08 25.54 -41.84
C SER C 306 39.91 26.67 -40.82
N GLU C 307 40.61 27.77 -41.01
CA GLU C 307 40.47 28.89 -40.07
C GLU C 307 39.05 29.46 -40.08
N GLU C 308 38.39 29.38 -41.23
CA GLU C 308 37.01 29.86 -41.35
C GLU C 308 36.09 28.83 -40.70
N GLY C 309 36.44 27.55 -40.82
CA GLY C 309 35.65 26.48 -40.24
C GLY C 309 35.70 26.61 -38.73
N LYS C 310 36.88 26.93 -38.22
CA LYS C 310 37.08 27.11 -36.79
C LYS C 310 36.23 28.25 -36.24
N LYS C 311 36.07 29.32 -37.03
CA LYS C 311 35.25 30.45 -36.62
C LYS C 311 33.78 30.03 -36.52
N ASP C 312 33.30 29.26 -37.50
CA ASP C 312 31.93 28.78 -37.49
C ASP C 312 31.75 27.81 -36.33
N PHE C 313 32.75 26.97 -36.11
CA PHE C 313 32.71 26.02 -35.01
C PHE C 313 32.61 26.78 -33.70
N GLN C 314 33.46 27.79 -33.53
CA GLN C 314 33.47 28.59 -32.31
C GLN C 314 32.15 29.31 -32.07
N ALA C 315 31.54 29.84 -33.13
CA ALA C 315 30.27 30.54 -32.98
C ALA C 315 29.22 29.58 -32.42
N ALA C 316 29.13 28.39 -33.00
CA ALA C 316 28.19 27.37 -32.56
C ALA C 316 28.48 26.90 -31.13
N TYR C 317 29.74 26.64 -30.83
CA TYR C 317 30.17 26.15 -29.52
C TYR C 317 29.93 27.18 -28.42
N SER C 318 30.39 28.39 -28.67
CA SER C 318 30.25 29.49 -27.71
C SER C 318 28.79 29.78 -27.35
N ALA C 319 27.90 29.60 -28.32
CA ALA C 319 26.49 29.89 -28.13
C ALA C 319 25.67 28.72 -27.61
N SER C 320 26.08 27.50 -27.94
CA SER C 320 25.34 26.29 -27.56
C SER C 320 25.73 25.62 -26.26
N TYR C 321 26.96 25.82 -25.78
CA TYR C 321 27.43 25.17 -24.57
C TYR C 321 26.55 25.28 -23.32
N TYR C 322 26.29 26.49 -22.89
CA TYR C 322 25.49 26.70 -21.70
C TYR C 322 24.03 26.28 -21.84
N PRO C 323 23.36 26.62 -22.97
CA PRO C 323 21.96 26.17 -23.09
C PRO C 323 21.87 24.64 -23.05
N SER C 324 22.88 23.98 -23.61
CA SER C 324 22.92 22.52 -23.60
C SER C 324 23.08 22.05 -22.15
N MET C 325 24.01 22.67 -21.44
CA MET C 325 24.27 22.34 -20.05
C MET C 325 23.03 22.54 -19.18
N ASP C 326 22.25 23.58 -19.47
CA ASP C 326 21.02 23.89 -18.74
C ASP C 326 20.11 22.67 -18.68
N ILE C 327 19.80 22.12 -19.85
CA ILE C 327 18.92 20.96 -19.94
C ILE C 327 19.58 19.71 -19.37
N LEU C 328 20.88 19.54 -19.61
CA LEU C 328 21.63 18.37 -19.13
C LEU C 328 21.60 18.29 -17.60
N TYR C 329 21.83 19.43 -16.97
CA TYR C 329 21.86 19.62 -15.51
C TYR C 329 20.48 19.25 -14.94
N GLU C 330 19.42 19.76 -15.57
CA GLU C 330 18.05 19.48 -15.18
C GLU C 330 17.77 17.98 -15.27
N CYS C 331 18.11 17.39 -16.41
CA CYS C 331 17.90 15.97 -16.65
C CYS C 331 18.64 15.13 -15.60
N TYR C 332 19.91 15.43 -15.39
CA TYR C 332 20.72 14.69 -14.43
C TYR C 332 20.06 14.70 -13.06
N GLU C 333 19.62 15.88 -12.61
CA GLU C 333 19.00 15.98 -11.30
C GLU C 333 17.67 15.27 -11.15
N ASP C 334 16.88 15.21 -12.23
CA ASP C 334 15.60 14.51 -12.23
C ASP C 334 15.87 13.02 -12.16
N VAL C 335 16.99 12.56 -12.73
CA VAL C 335 17.36 11.15 -12.71
C VAL C 335 17.84 10.75 -11.32
N ALA C 336 18.72 11.55 -10.73
CA ALA C 336 19.25 11.23 -9.42
C ALA C 336 18.23 11.36 -8.29
N SER C 337 17.27 12.28 -8.44
CA SER C 337 16.25 12.50 -7.40
C SER C 337 15.20 11.39 -7.30
N GLY C 338 15.00 10.66 -8.39
CA GLY C 338 14.00 9.61 -8.43
C GLY C 338 12.82 10.01 -9.29
N SER C 339 12.73 11.29 -9.64
CA SER C 339 11.64 11.80 -10.47
C SER C 339 11.50 11.08 -11.80
N GLU C 340 12.59 11.01 -12.54
CA GLU C 340 12.61 10.39 -13.86
C GLU C 340 12.32 8.88 -13.80
N ILE C 341 12.90 8.19 -12.83
CA ILE C 341 12.69 6.77 -12.67
C ILE C 341 11.20 6.53 -12.46
N ARG C 342 10.57 7.32 -11.60
CA ARG C 342 9.14 7.17 -11.35
C ARG C 342 8.33 7.43 -12.62
N SER C 343 8.71 8.42 -13.40
CA SER C 343 8.01 8.72 -14.64
C SER C 343 8.08 7.54 -15.61
N VAL C 344 9.22 6.84 -15.62
CA VAL C 344 9.38 5.69 -16.51
C VAL C 344 8.46 4.55 -16.07
N VAL C 345 8.37 4.36 -14.75
CA VAL C 345 7.52 3.31 -14.16
C VAL C 345 6.06 3.56 -14.54
N LEU C 346 5.60 4.80 -14.36
CA LEU C 346 4.22 5.14 -14.68
C LEU C 346 3.96 5.06 -16.20
N ALA C 347 4.92 5.49 -16.99
CA ALA C 347 4.79 5.45 -18.45
C ALA C 347 4.55 4.02 -18.95
N GLY C 348 5.22 3.05 -18.32
CA GLY C 348 5.05 1.67 -18.71
C GLY C 348 3.64 1.17 -18.48
N ARG C 349 3.00 1.63 -17.42
CA ARG C 349 1.63 1.24 -17.12
C ARG C 349 0.63 1.86 -18.09
N ARG C 350 0.96 3.05 -18.60
CA ARG C 350 0.08 3.74 -19.54
C ARG C 350 0.10 3.08 -20.92
N PHE C 351 0.98 2.11 -21.13
CA PHE C 351 1.04 1.38 -22.40
C PHE C 351 -0.24 0.53 -22.52
N TYR C 352 -0.95 0.36 -21.41
CA TYR C 352 -2.17 -0.43 -21.38
C TYR C 352 -3.33 0.38 -20.83
N GLU C 353 -4.54 -0.05 -21.15
CA GLU C 353 -5.74 0.63 -20.67
C GLU C 353 -5.93 0.45 -19.17
N LYS C 354 -6.35 1.53 -18.53
CA LYS C 354 -6.63 1.54 -17.10
C LYS C 354 -7.37 2.85 -16.79
N GLU C 355 -8.10 2.87 -15.68
CA GLU C 355 -8.83 4.06 -15.22
C GLU C 355 -9.81 4.66 -16.24
N GLY C 356 -10.30 3.81 -17.13
CA GLY C 356 -11.24 4.25 -18.15
C GLY C 356 -10.59 5.08 -19.24
N LEU C 357 -9.27 5.04 -19.32
CA LEU C 357 -8.53 5.79 -20.33
C LEU C 357 -7.91 4.84 -21.35
N PRO C 358 -7.57 5.33 -22.54
CA PRO C 358 -6.98 4.48 -23.58
C PRO C 358 -5.53 4.10 -23.27
N ALA C 359 -5.01 3.15 -24.02
CA ALA C 359 -3.62 2.72 -23.90
C ALA C 359 -2.81 3.65 -24.80
N PHE C 360 -1.59 3.96 -24.37
CA PHE C 360 -0.71 4.86 -25.11
C PHE C 360 0.69 4.32 -25.32
N PRO C 361 0.82 3.32 -26.21
CA PRO C 361 2.16 2.78 -26.48
C PRO C 361 2.95 3.86 -27.24
N MET C 362 4.28 3.74 -27.22
CA MET C 362 5.10 4.72 -27.91
C MET C 362 4.80 4.76 -29.40
N GLY C 363 4.82 5.96 -29.96
CA GLY C 363 4.57 6.12 -31.38
C GLY C 363 5.87 6.23 -32.16
N LYS C 364 5.75 6.51 -33.45
CA LYS C 364 6.90 6.65 -34.34
C LYS C 364 7.49 8.05 -34.30
N ILE C 365 8.82 8.12 -34.38
CA ILE C 365 9.51 9.39 -34.33
C ILE C 365 10.22 9.76 -35.64
N ASP C 366 10.07 8.94 -36.67
CA ASP C 366 10.76 9.18 -37.94
C ASP C 366 9.86 9.27 -39.17
N GLN C 367 8.63 9.72 -38.98
CA GLN C 367 7.71 9.82 -40.10
C GLN C 367 7.49 11.26 -40.57
N THR C 368 8.24 12.17 -39.98
CA THR C 368 8.17 13.58 -40.29
C THR C 368 9.06 13.88 -41.52
N ARG C 369 8.87 15.07 -42.10
CA ARG C 369 9.60 15.49 -43.29
C ARG C 369 11.11 15.24 -43.27
N MET C 370 11.80 15.70 -42.24
CA MET C 370 13.24 15.52 -42.12
C MET C 370 13.71 14.07 -42.32
N TRP C 371 12.98 13.12 -41.75
CA TRP C 371 13.35 11.72 -41.86
C TRP C 371 12.97 11.12 -43.19
N LYS C 372 11.92 11.67 -43.80
CA LYS C 372 11.48 11.24 -45.11
C LYS C 372 12.57 11.65 -46.11
N VAL C 373 13.11 12.85 -45.92
CA VAL C 373 14.20 13.37 -46.74
C VAL C 373 15.39 12.42 -46.53
N GLY C 374 15.60 12.02 -45.28
CA GLY C 374 16.69 11.09 -44.98
C GLY C 374 16.60 9.80 -45.78
N GLU C 375 15.39 9.29 -45.96
CA GLU C 375 15.19 8.07 -46.72
C GLU C 375 15.69 8.29 -48.15
N LYS C 376 15.42 9.49 -48.68
CA LYS C 376 15.83 9.87 -50.03
C LYS C 376 17.34 10.01 -50.17
N VAL C 377 17.95 10.70 -49.22
CA VAL C 377 19.40 10.90 -49.21
C VAL C 377 20.11 9.54 -49.21
N ARG C 378 19.64 8.63 -48.38
CA ARG C 378 20.25 7.31 -48.27
C ARG C 378 20.07 6.41 -49.50
N SER C 379 18.94 6.54 -50.19
CA SER C 379 18.64 5.74 -51.37
C SER C 379 19.62 5.94 -52.52
N VAL C 380 20.31 7.07 -52.52
CA VAL C 380 21.28 7.37 -53.55
C VAL C 380 22.67 7.62 -52.98
N ARG C 381 22.87 7.28 -51.70
CA ARG C 381 24.16 7.47 -51.04
C ARG C 381 25.17 6.40 -51.45
N PRO C 382 26.36 6.82 -51.92
CA PRO C 382 27.38 5.85 -52.33
C PRO C 382 28.00 5.13 -51.13
N ALA C 383 28.57 3.96 -51.38
CA ALA C 383 29.20 3.17 -50.34
C ALA C 383 30.42 3.88 -49.81
N GLY C 384 30.58 3.85 -48.49
CA GLY C 384 31.72 4.48 -47.87
C GLY C 384 31.52 5.96 -47.63
N ASP C 385 30.40 6.51 -48.10
CA ASP C 385 30.12 7.94 -47.91
C ASP C 385 29.90 8.18 -46.42
N LEU C 386 30.64 9.13 -45.87
CA LEU C 386 30.51 9.46 -44.47
C LEU C 386 30.06 10.90 -44.25
N GLY C 387 29.40 11.44 -45.26
CA GLY C 387 28.85 12.77 -45.19
C GLY C 387 29.81 13.95 -45.21
N PRO C 388 29.27 15.18 -45.22
CA PRO C 388 30.08 16.39 -45.25
C PRO C 388 30.48 16.83 -43.84
N LEU C 389 31.55 17.62 -43.75
CA LEU C 389 32.00 18.12 -42.47
C LEU C 389 31.58 19.59 -42.42
N TYR C 390 30.41 19.84 -41.83
CA TYR C 390 29.86 21.20 -41.71
C TYR C 390 30.27 21.71 -40.33
N PRO C 391 31.22 22.67 -40.28
CA PRO C 391 31.75 23.25 -39.04
C PRO C 391 30.74 23.69 -37.99
N PHE C 392 29.66 24.36 -38.41
CA PHE C 392 28.66 24.82 -37.46
C PHE C 392 28.02 23.65 -36.68
N THR C 393 27.65 22.60 -37.42
CA THR C 393 27.05 21.41 -36.82
C THR C 393 28.03 20.77 -35.83
N ALA C 394 29.30 20.72 -36.21
CA ALA C 394 30.34 20.17 -35.34
C ALA C 394 30.43 20.97 -34.04
N GLY C 395 30.32 22.30 -34.14
CA GLY C 395 30.41 23.15 -32.98
C GLY C 395 29.30 22.90 -31.98
N VAL C 396 28.08 22.72 -32.47
CA VAL C 396 26.93 22.47 -31.61
C VAL C 396 27.06 21.09 -30.94
N TYR C 397 27.33 20.08 -31.77
CA TYR C 397 27.47 18.70 -31.31
C TYR C 397 28.60 18.58 -30.28
N VAL C 398 29.76 19.12 -30.59
CA VAL C 398 30.87 19.04 -29.66
C VAL C 398 30.60 19.86 -28.40
N ALA C 399 29.85 20.95 -28.52
CA ALA C 399 29.52 21.76 -27.34
C ALA C 399 28.65 20.96 -26.37
N LEU C 400 27.66 20.23 -26.90
CA LEU C 400 26.79 19.44 -26.03
C LEU C 400 27.55 18.26 -25.43
N MET C 401 28.45 17.68 -26.21
CA MET C 401 29.26 16.55 -25.74
C MET C 401 30.12 16.99 -24.55
N MET C 402 30.77 18.14 -24.71
CA MET C 402 31.63 18.70 -23.68
C MET C 402 30.85 19.13 -22.43
N ALA C 403 29.65 19.70 -22.63
CA ALA C 403 28.79 20.12 -21.52
C ALA C 403 28.37 18.89 -20.71
N GLN C 404 28.06 17.79 -21.39
CA GLN C 404 27.66 16.56 -20.71
C GLN C 404 28.80 16.03 -19.86
N ILE C 405 30.00 16.08 -20.43
CA ILE C 405 31.21 15.65 -19.75
C ILE C 405 31.42 16.44 -18.47
N GLU C 406 31.23 17.76 -18.55
CA GLU C 406 31.40 18.62 -17.38
C GLU C 406 30.36 18.33 -16.29
N ILE C 407 29.10 18.13 -16.70
CA ILE C 407 28.01 17.82 -15.76
C ILE C 407 28.36 16.54 -15.01
N LEU C 408 28.73 15.49 -15.76
CA LEU C 408 29.08 14.21 -15.16
C LEU C 408 30.29 14.35 -14.24
N ARG C 409 31.25 15.21 -14.61
CA ARG C 409 32.43 15.45 -13.80
C ARG C 409 32.05 16.10 -12.47
N LYS C 410 31.30 17.19 -12.55
CA LYS C 410 30.87 17.93 -11.37
C LYS C 410 29.91 17.12 -10.49
N LYS C 411 29.28 16.12 -11.09
CA LYS C 411 28.37 15.22 -10.37
C LYS C 411 29.06 13.97 -9.80
N GLY C 412 30.41 13.94 -9.88
CA GLY C 412 31.18 12.87 -9.31
C GLY C 412 31.43 11.56 -10.00
N HIS C 413 31.29 11.52 -11.31
CA HIS C 413 31.52 10.27 -12.04
C HIS C 413 32.98 10.09 -12.45
N SER C 414 33.41 8.85 -12.60
CA SER C 414 34.77 8.55 -13.00
C SER C 414 34.94 8.82 -14.49
N TYR C 415 36.18 9.02 -14.92
CA TYR C 415 36.44 9.26 -16.35
C TYR C 415 36.04 8.11 -17.27
N SER C 416 36.21 6.86 -16.83
CA SER C 416 35.83 5.71 -17.65
C SER C 416 34.33 5.73 -17.96
N GLU C 417 33.54 6.02 -16.93
CA GLU C 417 32.10 6.07 -17.05
C GLU C 417 31.71 7.27 -17.91
N ILE C 418 32.28 8.44 -17.60
CA ILE C 418 31.99 9.66 -18.34
C ILE C 418 32.27 9.47 -19.85
N ILE C 419 33.46 8.99 -20.16
CA ILE C 419 33.88 8.81 -21.56
C ILE C 419 33.03 7.83 -22.36
N ASN C 420 32.64 6.71 -21.77
CA ASN C 420 31.82 5.76 -22.49
C ASN C 420 30.42 6.31 -22.70
N GLU C 421 29.88 6.91 -21.65
CA GLU C 421 28.53 7.47 -21.66
C GLU C 421 28.37 8.75 -22.49
N SER C 422 29.46 9.48 -22.67
CA SER C 422 29.39 10.75 -23.40
C SER C 422 30.07 10.82 -24.77
N VAL C 423 30.99 9.89 -25.02
CA VAL C 423 31.77 9.89 -26.26
C VAL C 423 31.80 8.57 -27.04
N ILE C 424 32.47 7.57 -26.48
CA ILE C 424 32.61 6.28 -27.15
C ILE C 424 31.31 5.64 -27.60
N GLU C 425 30.34 5.53 -26.70
CA GLU C 425 29.09 4.90 -27.07
C GLU C 425 28.41 5.57 -28.27
N ALA C 426 28.40 6.90 -28.26
CA ALA C 426 27.78 7.66 -29.33
C ALA C 426 28.41 7.37 -30.70
N VAL C 427 29.73 7.43 -30.75
CA VAL C 427 30.45 7.24 -32.01
C VAL C 427 30.71 5.81 -32.48
N ASP C 428 30.89 4.86 -31.55
CA ASP C 428 31.16 3.47 -31.89
C ASP C 428 29.95 2.55 -31.91
N SER C 429 28.91 2.90 -31.17
CA SER C 429 27.73 2.06 -31.08
C SER C 429 26.44 2.60 -31.70
N LEU C 430 26.04 3.79 -31.25
CA LEU C 430 24.77 4.36 -31.69
C LEU C 430 24.69 5.08 -33.02
N ASN C 431 25.54 6.09 -33.23
CA ASN C 431 25.51 6.87 -34.46
C ASN C 431 25.55 6.04 -35.73
N PRO C 432 26.32 4.92 -35.74
CA PRO C 432 26.36 4.09 -36.95
C PRO C 432 24.94 3.63 -37.38
N PHE C 433 24.02 3.44 -36.43
CA PHE C 433 22.66 3.02 -36.75
C PHE C 433 21.82 4.14 -37.39
N MET C 434 22.01 5.38 -36.93
CA MET C 434 21.29 6.52 -37.49
C MET C 434 21.82 6.81 -38.90
N HIS C 435 23.12 6.62 -39.08
CA HIS C 435 23.74 6.77 -40.40
C HIS C 435 23.13 5.71 -41.32
N ALA C 436 22.91 4.52 -40.78
CA ALA C 436 22.35 3.39 -41.49
C ALA C 436 20.89 3.56 -41.90
N ARG C 437 20.05 4.03 -40.99
CA ARG C 437 18.64 4.16 -41.33
C ARG C 437 17.84 5.18 -40.53
N GLY C 438 18.47 6.27 -40.13
CA GLY C 438 17.76 7.32 -39.43
C GLY C 438 17.67 7.19 -37.92
N VAL C 439 17.03 8.17 -37.31
CA VAL C 439 16.89 8.28 -35.86
C VAL C 439 16.22 7.10 -35.16
N SER C 440 15.20 6.51 -35.79
CA SER C 440 14.49 5.40 -35.17
C SER C 440 15.36 4.14 -35.08
N PHE C 441 16.16 3.87 -36.12
CA PHE C 441 17.02 2.70 -36.15
C PHE C 441 18.01 2.77 -35.00
N MET C 442 18.33 3.99 -34.56
CA MET C 442 19.23 4.17 -33.44
C MET C 442 18.41 4.10 -32.15
N VAL C 443 17.53 5.08 -31.97
CA VAL C 443 16.70 5.18 -30.77
C VAL C 443 15.88 3.95 -30.37
N ASP C 444 15.09 3.44 -31.30
CA ASP C 444 14.22 2.31 -31.03
C ASP C 444 14.86 0.94 -30.88
N ASN C 445 16.17 0.89 -31.11
CA ASN C 445 16.92 -0.35 -30.92
C ASN C 445 17.54 -0.35 -29.51
N CYS C 446 17.23 0.68 -28.75
CA CYS C 446 17.68 0.81 -27.37
C CYS C 446 16.49 0.40 -26.48
N SER C 447 16.68 0.39 -25.17
CA SER C 447 15.65 -0.06 -24.22
C SER C 447 14.41 0.82 -24.18
N THR C 448 13.36 0.30 -23.55
CA THR C 448 12.12 1.03 -23.37
C THR C 448 12.41 2.33 -22.61
N THR C 449 13.28 2.24 -21.60
CA THR C 449 13.65 3.39 -20.78
C THR C 449 14.35 4.45 -21.64
N ALA C 450 15.28 4.01 -22.49
CA ALA C 450 15.99 4.93 -23.35
C ALA C 450 15.07 5.54 -24.40
N ARG C 451 14.15 4.73 -24.93
CA ARG C 451 13.19 5.16 -25.95
C ARG C 451 12.27 6.27 -25.42
N LEU C 452 11.77 6.06 -24.19
CA LEU C 452 10.93 7.05 -23.53
C LEU C 452 11.74 8.32 -23.27
N GLY C 453 12.97 8.14 -22.78
CA GLY C 453 13.86 9.25 -22.48
C GLY C 453 14.18 10.13 -23.67
N SER C 454 14.47 9.49 -24.81
CA SER C 454 14.78 10.21 -26.02
C SER C 454 13.58 11.07 -26.41
N ARG C 455 12.39 10.50 -26.33
CA ARG C 455 11.18 11.21 -26.70
C ARG C 455 10.86 12.38 -25.77
N LYS C 456 11.14 12.22 -24.49
CA LYS C 456 10.89 13.25 -23.52
C LYS C 456 11.87 14.41 -23.54
N TRP C 457 13.14 14.12 -23.82
CA TRP C 457 14.16 15.16 -23.79
C TRP C 457 14.64 15.79 -25.09
N ALA C 458 14.54 15.08 -26.21
CA ALA C 458 14.95 15.64 -27.50
C ALA C 458 14.24 17.00 -27.72
N PRO C 459 12.92 17.07 -27.46
CA PRO C 459 12.20 18.34 -27.66
C PRO C 459 12.77 19.50 -26.84
N ARG C 460 13.30 19.17 -25.66
CA ARG C 460 13.89 20.16 -24.76
C ARG C 460 15.15 20.80 -25.35
N PHE C 461 16.03 19.95 -25.89
CA PHE C 461 17.27 20.43 -26.49
C PHE C 461 16.97 21.26 -27.73
N ASP C 462 16.03 20.79 -28.56
CA ASP C 462 15.61 21.48 -29.78
C ASP C 462 15.17 22.91 -29.39
N TYR C 463 14.20 23.00 -28.48
CA TYR C 463 13.69 24.29 -28.06
C TYR C 463 14.71 25.20 -27.45
N ILE C 464 15.54 24.71 -26.54
CA ILE C 464 16.51 25.60 -25.90
C ILE C 464 17.60 26.07 -26.85
N LEU C 465 17.98 25.24 -27.81
CA LEU C 465 19.00 25.64 -28.78
C LEU C 465 18.45 26.71 -29.71
N SER C 466 17.20 26.55 -30.13
CA SER C 466 16.53 27.52 -31.00
C SER C 466 16.31 28.85 -30.28
N GLN C 467 15.75 28.79 -29.07
CA GLN C 467 15.44 29.97 -28.27
C GLN C 467 16.62 30.75 -27.74
N GLN C 468 17.70 30.05 -27.40
CA GLN C 468 18.88 30.69 -26.83
C GLN C 468 20.16 30.67 -27.68
N ALA C 469 20.64 29.48 -28.00
CA ALA C 469 21.88 29.35 -28.78
C ALA C 469 21.87 30.07 -30.14
N LEU C 470 20.91 29.69 -30.98
CA LEU C 470 20.80 30.24 -32.33
C LEU C 470 20.43 31.73 -32.36
N VAL C 471 19.64 32.17 -31.40
CA VAL C 471 19.27 33.58 -31.31
C VAL C 471 20.55 34.38 -31.03
N ALA C 472 21.42 33.84 -30.17
CA ALA C 472 22.70 34.48 -29.82
C ALA C 472 23.58 34.59 -31.06
N VAL C 473 23.64 33.51 -31.84
CA VAL C 473 24.42 33.50 -33.06
C VAL C 473 23.87 34.55 -34.03
N ASP C 474 22.54 34.58 -34.18
CA ASP C 474 21.89 35.53 -35.07
C ASP C 474 21.93 36.98 -34.59
N ASN C 475 22.30 37.19 -33.33
CA ASN C 475 22.43 38.52 -32.77
C ASN C 475 23.89 38.96 -32.71
N GLY C 476 24.75 38.17 -33.31
CA GLY C 476 26.17 38.48 -33.33
C GLY C 476 26.82 38.47 -31.96
N ALA C 477 26.37 37.56 -31.09
CA ALA C 477 26.91 37.45 -29.75
C ALA C 477 28.40 37.20 -29.85
N PRO C 478 29.19 37.77 -28.93
CA PRO C 478 30.64 37.55 -28.98
C PRO C 478 31.03 36.12 -28.61
N ILE C 479 32.16 35.67 -29.12
CA ILE C 479 32.66 34.34 -28.84
C ILE C 479 33.27 34.37 -27.44
N ASN C 480 32.89 33.40 -26.64
CA ASN C 480 33.38 33.27 -25.29
C ASN C 480 34.74 32.58 -25.38
N GLN C 481 35.80 33.38 -25.40
CA GLN C 481 37.15 32.84 -25.51
C GLN C 481 37.56 31.89 -24.40
N ASP C 482 37.04 32.12 -23.20
CA ASP C 482 37.35 31.24 -22.08
C ASP C 482 36.84 29.83 -22.33
N LEU C 483 35.64 29.74 -22.92
CA LEU C 483 35.04 28.45 -23.24
C LEU C 483 35.88 27.73 -24.27
N ILE C 484 36.28 28.45 -25.30
CA ILE C 484 37.08 27.88 -26.38
C ILE C 484 38.45 27.40 -25.87
N SER C 485 39.12 28.23 -25.08
CA SER C 485 40.43 27.87 -24.52
C SER C 485 40.29 26.65 -23.64
N ASN C 486 39.24 26.62 -22.83
CA ASN C 486 39.02 25.48 -21.94
C ASN C 486 38.71 24.20 -22.72
N PHE C 487 38.04 24.34 -23.85
CA PHE C 487 37.75 23.18 -24.69
C PHE C 487 39.08 22.64 -25.22
N LEU C 488 39.92 23.55 -25.69
CA LEU C 488 41.22 23.20 -26.25
C LEU C 488 42.20 22.61 -25.23
N SER C 489 42.08 23.01 -23.97
CA SER C 489 42.97 22.52 -22.93
C SER C 489 42.34 21.47 -22.02
N ASP C 490 41.06 21.16 -22.25
CA ASP C 490 40.35 20.20 -21.44
C ASP C 490 41.10 18.87 -21.32
N PRO C 491 41.34 18.39 -20.08
CA PRO C 491 42.05 17.13 -19.86
C PRO C 491 41.31 15.87 -20.33
N VAL C 492 40.04 16.00 -20.70
CA VAL C 492 39.27 14.85 -21.18
C VAL C 492 39.78 14.32 -22.53
N HIS C 493 40.38 15.20 -23.33
CA HIS C 493 40.86 14.81 -24.65
C HIS C 493 41.99 13.78 -24.56
N GLU C 494 42.92 13.98 -23.63
CA GLU C 494 44.01 13.06 -23.45
C GLU C 494 43.47 11.74 -22.91
N ALA C 495 42.52 11.82 -22.00
CA ALA C 495 41.90 10.63 -21.42
C ALA C 495 41.16 9.81 -22.48
N ILE C 496 40.52 10.49 -23.43
CA ILE C 496 39.82 9.81 -24.50
C ILE C 496 40.81 9.09 -25.39
N GLY C 497 42.01 9.67 -25.52
CA GLY C 497 43.04 9.04 -26.31
C GLY C 497 43.52 7.75 -25.65
N VAL C 498 43.67 7.79 -24.33
CA VAL C 498 44.11 6.64 -23.56
C VAL C 498 43.09 5.51 -23.74
N CYS C 499 41.81 5.85 -23.61
CA CYS C 499 40.73 4.86 -23.76
C CYS C 499 40.71 4.27 -25.16
N ALA C 500 41.02 5.10 -26.15
CA ALA C 500 41.04 4.67 -27.55
C ALA C 500 42.13 3.64 -27.83
N GLN C 501 43.14 3.56 -26.97
CA GLN C 501 44.22 2.60 -27.13
C GLN C 501 43.69 1.19 -26.89
N LEU C 502 42.70 1.08 -26.02
CA LEU C 502 42.08 -0.19 -25.69
C LEU C 502 41.02 -0.62 -26.71
N ARG C 503 40.73 0.26 -27.66
CA ARG C 503 39.73 0.00 -28.70
C ARG C 503 40.23 -0.85 -29.85
N PRO C 504 39.58 -2.01 -30.09
CA PRO C 504 40.03 -2.87 -31.18
C PRO C 504 39.84 -2.08 -32.49
N SER C 505 40.66 -2.41 -33.49
CA SER C 505 40.58 -1.75 -34.80
C SER C 505 39.46 -2.41 -35.63
N VAL C 506 38.24 -2.33 -35.11
CA VAL C 506 37.06 -2.89 -35.75
C VAL C 506 35.96 -1.84 -35.67
N ASP C 507 35.34 -1.54 -36.81
CA ASP C 507 34.26 -0.56 -36.88
C ASP C 507 33.01 -1.34 -37.22
N ILE C 508 31.97 -1.10 -36.44
CA ILE C 508 30.73 -1.82 -36.65
C ILE C 508 30.21 -1.64 -38.07
N SER C 509 29.74 -2.75 -38.62
CA SER C 509 29.18 -2.82 -39.95
C SER C 509 27.66 -2.99 -39.79
N VAL C 510 26.91 -1.95 -40.13
CA VAL C 510 25.44 -1.95 -40.01
C VAL C 510 24.81 -1.40 -41.29
N THR C 511 23.87 -2.15 -41.86
CA THR C 511 23.16 -1.73 -43.06
C THR C 511 21.67 -1.55 -42.69
N ALA C 512 20.88 -1.09 -43.64
CA ALA C 512 19.44 -0.90 -43.41
C ALA C 512 18.69 -2.22 -43.22
N ASP C 513 19.17 -3.29 -43.85
CA ASP C 513 18.53 -4.61 -43.74
C ASP C 513 19.15 -5.53 -42.67
N ALA C 514 19.75 -4.91 -41.66
CA ALA C 514 20.40 -5.63 -40.55
C ALA C 514 19.42 -6.62 -39.92
N ASP C 515 19.88 -7.85 -39.73
CA ASP C 515 19.09 -8.93 -39.16
C ASP C 515 19.22 -9.01 -37.64
N PHE C 516 20.19 -8.29 -37.10
CA PHE C 516 20.48 -8.30 -35.68
C PHE C 516 19.76 -7.23 -34.84
N VAL C 517 18.80 -6.54 -35.44
CA VAL C 517 18.03 -5.50 -34.76
C VAL C 517 16.69 -6.05 -34.30
N ARG C 518 15.93 -5.24 -33.56
CA ARG C 518 14.62 -5.67 -33.07
C ARG C 518 13.81 -6.12 -34.27
N PRO C 519 13.04 -7.22 -34.11
CA PRO C 519 12.21 -7.78 -35.17
C PRO C 519 11.28 -6.74 -35.83
N GLU C 520 10.67 -5.89 -35.02
CA GLU C 520 9.77 -4.85 -35.52
C GLU C 520 10.51 -3.74 -36.28
N LEU C 521 11.83 -3.80 -36.27
CA LEU C 521 12.65 -2.82 -36.96
C LEU C 521 13.39 -3.44 -38.15
N ARG C 522 13.29 -4.75 -38.29
CA ARG C 522 13.95 -5.45 -39.37
C ARG C 522 13.32 -5.11 -40.72
N GLN C 523 14.18 -4.84 -41.69
CA GLN C 523 13.77 -4.50 -43.05
C GLN C 523 13.81 -5.79 -43.88
N ALA C 524 13.02 -5.84 -44.95
CA ALA C 524 12.99 -7.01 -45.82
C ALA C 524 14.21 -7.01 -46.77
N ALA D 12 -14.48 11.89 -3.01
CA ALA D 12 -15.30 13.05 -3.36
C ALA D 12 -14.68 13.93 -4.44
N THR D 13 -15.54 14.41 -5.34
CA THR D 13 -15.12 15.30 -6.41
C THR D 13 -15.75 16.66 -6.09
N THR D 14 -16.89 16.63 -5.41
CA THR D 14 -17.61 17.84 -5.00
C THR D 14 -17.32 18.12 -3.53
N PHE D 15 -17.24 19.40 -3.18
CA PHE D 15 -16.94 19.83 -1.81
C PHE D 15 -17.89 20.93 -1.35
N ASP D 16 -18.66 20.63 -0.32
CA ASP D 16 -19.62 21.57 0.25
C ASP D 16 -18.95 22.28 1.43
N PHE D 17 -19.55 23.36 1.90
CA PHE D 17 -19.00 24.15 3.00
C PHE D 17 -20.11 24.99 3.61
N ASP D 18 -19.77 25.71 4.68
CA ASP D 18 -20.71 26.56 5.39
C ASP D 18 -20.15 27.98 5.58
N SER D 19 -21.01 28.96 5.41
CA SER D 19 -20.65 30.35 5.62
C SER D 19 -21.73 30.99 6.49
N SER D 20 -21.31 31.74 7.49
CA SER D 20 -22.23 32.44 8.36
C SER D 20 -22.27 33.93 7.97
N VAL D 21 -21.44 34.31 6.99
CA VAL D 21 -21.33 35.69 6.51
C VAL D 21 -21.83 35.81 5.07
N PHE D 22 -21.33 34.94 4.20
CA PHE D 22 -21.69 34.97 2.79
C PHE D 22 -22.80 33.99 2.39
N LYS D 23 -23.45 34.30 1.28
CA LYS D 23 -24.51 33.47 0.74
C LYS D 23 -23.95 32.38 -0.14
N LYS D 24 -24.42 31.16 0.08
CA LYS D 24 -24.00 30.01 -0.70
C LYS D 24 -25.09 29.73 -1.73
N GLU D 25 -24.66 29.46 -2.96
CA GLU D 25 -25.57 29.17 -4.07
C GLU D 25 -25.17 27.85 -4.67
N LYS D 26 -26.14 27.19 -5.29
CA LYS D 26 -25.90 25.90 -5.91
C LYS D 26 -25.95 26.02 -7.42
N VAL D 27 -24.99 25.37 -8.09
CA VAL D 27 -24.93 25.34 -9.53
C VAL D 27 -24.92 23.84 -9.87
N THR D 28 -25.68 23.47 -10.89
CA THR D 28 -25.74 22.08 -11.28
C THR D 28 -25.02 21.92 -12.60
N LEU D 29 -23.85 21.31 -12.52
CA LEU D 29 -23.02 21.10 -13.69
C LEU D 29 -23.08 19.65 -14.12
N SER D 30 -23.77 19.40 -15.21
CA SER D 30 -23.91 18.05 -15.75
C SER D 30 -24.48 17.12 -14.68
N GLY D 31 -25.56 17.56 -14.03
CA GLY D 31 -26.20 16.76 -13.01
C GLY D 31 -25.49 16.74 -11.68
N HIS D 32 -24.35 17.41 -11.59
CA HIS D 32 -23.59 17.46 -10.34
C HIS D 32 -23.77 18.81 -9.66
N ASP D 33 -24.39 18.81 -8.50
CA ASP D 33 -24.58 20.05 -7.76
C ASP D 33 -23.23 20.39 -7.17
N GLU D 34 -22.85 21.67 -7.23
CA GLU D 34 -21.60 22.18 -6.68
C GLU D 34 -21.96 23.53 -6.06
N TYR D 35 -21.45 23.80 -4.88
CA TYR D 35 -21.76 25.04 -4.17
C TYR D 35 -20.72 26.14 -4.32
N ILE D 36 -21.18 27.34 -4.64
CA ILE D 36 -20.33 28.48 -4.87
C ILE D 36 -20.81 29.73 -4.14
N VAL D 37 -19.96 30.75 -4.15
CA VAL D 37 -20.28 32.05 -3.54
C VAL D 37 -19.95 33.07 -4.63
N ARG D 38 -20.98 33.76 -5.11
CA ARG D 38 -20.81 34.78 -6.15
C ARG D 38 -20.17 36.02 -5.55
N GLY D 39 -19.41 36.73 -6.36
CA GLY D 39 -18.73 37.93 -5.89
C GLY D 39 -19.50 39.19 -6.20
N GLY D 40 -18.86 40.34 -5.94
CA GLY D 40 -19.49 41.63 -6.20
C GLY D 40 -19.02 42.66 -5.19
N ARG D 41 -18.93 43.94 -5.61
CA ARG D 41 -18.51 45.01 -4.71
C ARG D 41 -19.54 45.25 -3.60
N ASN D 42 -20.80 44.93 -3.86
CA ASN D 42 -21.86 45.09 -2.87
C ASN D 42 -21.61 44.22 -1.63
N LEU D 43 -20.74 43.21 -1.79
CA LEU D 43 -20.41 42.29 -0.71
C LEU D 43 -19.27 42.74 0.19
N PHE D 44 -18.58 43.84 -0.17
CA PHE D 44 -17.46 44.33 0.64
C PHE D 44 -17.77 44.70 2.10
N PRO D 45 -19.00 45.19 2.39
CA PRO D 45 -19.28 45.53 3.79
C PRO D 45 -19.25 44.30 4.71
N LEU D 46 -19.32 43.11 4.12
CA LEU D 46 -19.32 41.85 4.87
C LEU D 46 -17.93 41.41 5.28
N LEU D 47 -16.92 42.05 4.71
CA LEU D 47 -15.53 41.72 4.99
C LEU D 47 -15.11 41.84 6.45
N PRO D 48 -15.56 42.88 7.16
CA PRO D 48 -15.16 42.98 8.56
C PRO D 48 -15.56 41.73 9.37
N ASP D 49 -16.75 41.21 9.11
CA ASP D 49 -17.24 40.01 9.79
C ASP D 49 -16.42 38.79 9.38
N ALA D 50 -16.15 38.70 8.08
CA ALA D 50 -15.37 37.59 7.52
C ALA D 50 -13.97 37.55 8.12
N PHE D 51 -13.39 38.72 8.38
CA PHE D 51 -12.04 38.82 8.93
C PHE D 51 -11.97 39.04 10.44
N LYS D 52 -12.99 38.60 11.15
CA LYS D 52 -13.01 38.73 12.60
C LYS D 52 -11.72 38.12 13.15
N GLY D 53 -11.09 38.82 14.07
CA GLY D 53 -9.87 38.30 14.67
C GLY D 53 -8.62 38.61 13.86
N ILE D 54 -8.78 39.29 12.72
CA ILE D 54 -7.64 39.67 11.88
C ILE D 54 -7.45 41.18 11.88
N LYS D 55 -6.29 41.63 12.35
CA LYS D 55 -5.94 43.03 12.37
C LYS D 55 -4.94 43.36 11.26
N GLN D 56 -4.08 42.39 10.94
CA GLN D 56 -3.07 42.54 9.91
C GLN D 56 -2.96 41.31 9.02
N ILE D 57 -2.91 41.56 7.72
CA ILE D 57 -2.76 40.51 6.69
C ILE D 57 -1.37 40.73 6.09
N GLY D 58 -0.49 39.78 6.29
CA GLY D 58 0.87 39.87 5.77
C GLY D 58 1.00 39.18 4.44
N VAL D 59 1.12 39.98 3.38
CA VAL D 59 1.27 39.46 2.02
C VAL D 59 2.77 39.29 1.83
N ILE D 60 3.20 38.05 1.77
CA ILE D 60 4.62 37.71 1.63
C ILE D 60 4.99 37.46 0.18
N GLY D 61 5.96 38.24 -0.32
CA GLY D 61 6.42 38.12 -1.68
C GLY D 61 5.89 39.27 -2.53
N TRP D 62 6.33 39.33 -3.78
CA TRP D 62 5.91 40.38 -4.71
C TRP D 62 6.23 39.90 -6.13
N GLY D 63 5.66 38.74 -6.47
CA GLY D 63 5.86 38.13 -7.79
C GLY D 63 4.76 38.55 -8.74
N SER D 64 3.91 37.62 -9.15
CA SER D 64 2.81 37.95 -10.06
C SER D 64 1.49 38.05 -9.30
N GLN D 65 1.34 37.23 -8.27
CA GLN D 65 0.12 37.22 -7.48
C GLN D 65 0.06 38.32 -6.43
N ALA D 66 1.10 38.45 -5.61
CA ALA D 66 1.12 39.44 -4.54
C ALA D 66 0.83 40.90 -4.92
N PRO D 67 1.41 41.40 -6.02
CA PRO D 67 1.14 42.78 -6.42
C PRO D 67 -0.34 43.02 -6.67
N ALA D 68 -0.97 42.07 -7.36
CA ALA D 68 -2.39 42.16 -7.68
C ALA D 68 -3.28 41.96 -6.46
N GLN D 69 -3.03 40.89 -5.70
CA GLN D 69 -3.79 40.57 -4.50
C GLN D 69 -3.67 41.61 -3.38
N ALA D 70 -2.46 42.08 -3.09
CA ALA D 70 -2.24 43.08 -2.05
C ALA D 70 -3.04 44.36 -2.33
N GLN D 71 -3.08 44.76 -3.61
CA GLN D 71 -3.81 45.96 -4.03
C GLN D 71 -5.32 45.76 -4.05
N ASN D 72 -5.79 44.60 -4.51
CA ASN D 72 -7.23 44.32 -4.54
C ASN D 72 -7.77 44.26 -3.11
N LEU D 73 -7.04 43.60 -2.22
CA LEU D 73 -7.44 43.48 -0.81
C LEU D 73 -7.56 44.85 -0.18
N LYS D 74 -6.49 45.63 -0.33
CA LYS D 74 -6.40 46.99 0.19
C LYS D 74 -7.57 47.83 -0.31
N ASP D 75 -7.81 47.80 -1.61
CA ASP D 75 -8.91 48.54 -2.22
C ASP D 75 -10.24 48.11 -1.62
N SER D 76 -10.46 46.80 -1.53
CA SER D 76 -11.68 46.24 -0.97
C SER D 76 -11.87 46.58 0.50
N LEU D 77 -10.80 46.52 1.29
CA LEU D 77 -10.88 46.83 2.71
C LEU D 77 -11.22 48.29 2.93
N THR D 78 -10.65 49.16 2.09
CA THR D 78 -10.92 50.60 2.19
C THR D 78 -12.40 50.86 1.86
N GLU D 79 -12.88 50.22 0.81
CA GLU D 79 -14.28 50.36 0.39
C GLU D 79 -15.21 49.84 1.50
N ALA D 80 -14.72 48.88 2.27
CA ALA D 80 -15.48 48.28 3.37
C ALA D 80 -15.30 49.06 4.67
N LYS D 81 -14.50 50.13 4.62
CA LYS D 81 -14.23 50.99 5.78
C LYS D 81 -13.55 50.24 6.93
N SER D 82 -12.94 49.12 6.58
CA SER D 82 -12.23 48.24 7.50
C SER D 82 -10.86 48.82 7.88
N ASP D 83 -10.43 48.56 9.10
CA ASP D 83 -9.13 49.04 9.57
C ASP D 83 -8.06 47.94 9.54
N VAL D 84 -8.34 46.86 8.81
CA VAL D 84 -7.39 45.77 8.68
C VAL D 84 -6.21 46.29 7.83
N VAL D 85 -5.00 46.09 8.34
CA VAL D 85 -3.78 46.54 7.67
C VAL D 85 -3.19 45.46 6.77
N VAL D 86 -2.89 45.83 5.52
CA VAL D 86 -2.28 44.92 4.56
C VAL D 86 -0.81 45.31 4.51
N LYS D 87 0.06 44.44 5.03
CA LYS D 87 1.48 44.71 5.06
C LYS D 87 2.26 43.74 4.17
N ILE D 88 3.18 44.29 3.38
CA ILE D 88 3.99 43.49 2.48
C ILE D 88 5.28 43.09 3.15
N GLY D 89 5.61 41.81 3.06
CA GLY D 89 6.83 41.29 3.65
C GLY D 89 7.72 40.77 2.53
N LEU D 90 8.93 41.30 2.46
CA LEU D 90 9.89 40.91 1.44
C LEU D 90 11.22 40.58 2.13
N ARG D 91 11.99 39.70 1.53
CA ARG D 91 13.27 39.29 2.11
C ARG D 91 14.30 40.41 2.00
N LYS D 92 15.25 40.38 2.92
CA LYS D 92 16.34 41.37 3.00
C LYS D 92 16.87 41.79 1.63
N GLY D 93 17.21 40.80 0.80
CA GLY D 93 17.70 41.08 -0.53
C GLY D 93 16.57 41.05 -1.56
N SER D 94 15.79 42.13 -1.61
CA SER D 94 14.68 42.20 -2.56
C SER D 94 14.63 43.50 -3.35
N ASN D 95 14.56 43.37 -4.67
CA ASN D 95 14.48 44.52 -5.56
C ASN D 95 13.03 45.01 -5.57
N SER D 96 12.12 44.15 -5.11
CA SER D 96 10.70 44.45 -5.05
C SER D 96 10.28 45.55 -4.07
N PHE D 97 11.18 45.96 -3.17
CA PHE D 97 10.87 47.03 -2.23
C PHE D 97 10.43 48.29 -2.96
N ALA D 98 11.16 48.67 -4.02
CA ALA D 98 10.85 49.84 -4.82
C ALA D 98 9.52 49.70 -5.54
N GLU D 99 9.23 48.49 -6.02
CA GLU D 99 7.98 48.21 -6.71
C GLU D 99 6.80 48.27 -5.75
N ALA D 100 7.04 47.83 -4.52
CA ALA D 100 6.01 47.83 -3.50
C ALA D 100 5.64 49.27 -3.20
N ARG D 101 6.66 50.10 -2.95
CA ARG D 101 6.45 51.52 -2.66
C ARG D 101 5.69 52.19 -3.78
N ALA D 102 6.04 51.85 -5.02
CA ALA D 102 5.37 52.42 -6.20
C ALA D 102 3.87 52.07 -6.24
N ALA D 103 3.51 51.00 -5.53
CA ALA D 103 2.12 50.56 -5.45
C ALA D 103 1.42 51.19 -4.24
N GLY D 104 2.19 51.91 -3.42
CA GLY D 104 1.64 52.56 -2.26
C GLY D 104 1.94 51.95 -0.90
N PHE D 105 2.72 50.90 -0.86
CA PHE D 105 3.06 50.25 0.40
C PHE D 105 4.42 50.78 0.81
N SER D 106 4.53 51.34 2.00
CA SER D 106 5.80 51.88 2.45
C SER D 106 6.07 51.56 3.91
N GLU D 107 7.35 51.61 4.28
CA GLU D 107 7.77 51.34 5.64
C GLU D 107 7.25 52.37 6.64
N GLU D 108 7.06 53.61 6.19
CA GLU D 108 6.55 54.71 7.01
C GLU D 108 5.13 54.40 7.54
N ASN D 109 4.26 53.90 6.67
CA ASN D 109 2.87 53.60 7.06
C ASN D 109 2.75 52.21 7.69
N GLY D 110 3.87 51.49 7.72
CA GLY D 110 3.87 50.16 8.29
C GLY D 110 3.20 49.16 7.36
N THR D 111 3.23 49.44 6.06
CA THR D 111 2.61 48.54 5.09
C THR D 111 3.64 47.82 4.24
N LEU D 112 4.90 47.93 4.63
CA LEU D 112 6.02 47.29 3.95
C LEU D 112 7.10 47.03 4.99
N GLY D 113 7.74 45.86 4.92
CA GLY D 113 8.78 45.52 5.88
C GLY D 113 9.38 44.16 5.61
N ASP D 114 10.18 43.67 6.55
CA ASP D 114 10.85 42.37 6.43
C ASP D 114 9.80 41.27 6.49
N MET D 115 9.98 40.25 5.67
CA MET D 115 9.03 39.16 5.62
C MET D 115 8.84 38.41 6.93
N TRP D 116 9.93 38.07 7.60
CA TRP D 116 9.85 37.32 8.86
C TRP D 116 9.16 38.17 9.92
N GLU D 117 9.50 39.45 9.93
CA GLU D 117 8.93 40.41 10.85
C GLU D 117 7.44 40.54 10.57
N THR D 118 7.08 40.57 9.29
CA THR D 118 5.69 40.69 8.88
C THR D 118 4.92 39.42 9.27
N ILE D 119 5.51 38.26 9.01
CA ILE D 119 4.85 36.98 9.32
C ILE D 119 4.50 36.88 10.80
N SER D 120 5.47 37.19 11.66
CA SER D 120 5.28 37.13 13.10
C SER D 120 4.17 38.03 13.62
N GLY D 121 3.93 39.16 12.95
CA GLY D 121 2.90 40.08 13.38
C GLY D 121 1.57 39.98 12.64
N SER D 122 1.47 39.01 11.73
CA SER D 122 0.27 38.82 10.94
C SER D 122 -0.70 37.80 11.53
N ASP D 123 -1.99 38.06 11.32
CA ASP D 123 -3.04 37.15 11.80
C ASP D 123 -3.42 36.22 10.64
N LEU D 124 -3.22 36.74 9.43
CA LEU D 124 -3.45 35.99 8.20
C LEU D 124 -2.20 36.25 7.35
N VAL D 125 -1.49 35.18 7.02
CA VAL D 125 -0.26 35.26 6.24
C VAL D 125 -0.50 34.69 4.85
N LEU D 126 -0.38 35.52 3.81
CA LEU D 126 -0.56 35.04 2.45
C LEU D 126 0.82 34.74 1.89
N LEU D 127 1.16 33.45 1.84
CA LEU D 127 2.46 33.00 1.36
C LEU D 127 2.51 33.01 -0.17
N LEU D 128 2.86 34.17 -0.72
CA LEU D 128 2.93 34.36 -2.15
C LEU D 128 4.33 34.48 -2.74
N ILE D 129 5.19 33.55 -2.36
CA ILE D 129 6.55 33.49 -2.89
C ILE D 129 6.57 32.29 -3.83
N SER D 130 7.66 32.08 -4.54
CA SER D 130 7.72 30.96 -5.48
C SER D 130 7.52 29.65 -4.71
N ASP D 131 6.90 28.69 -5.39
CA ASP D 131 6.64 27.39 -4.80
C ASP D 131 7.91 26.66 -4.38
N SER D 132 8.98 26.81 -5.15
CA SER D 132 10.24 26.15 -4.78
C SER D 132 10.81 26.80 -3.50
N ALA D 133 10.62 28.11 -3.35
CA ALA D 133 11.08 28.82 -2.15
C ALA D 133 10.29 28.34 -0.95
N GLN D 134 8.99 28.14 -1.12
CA GLN D 134 8.14 27.64 -0.05
C GLN D 134 8.66 26.27 0.39
N ALA D 135 8.94 25.42 -0.58
CA ALA D 135 9.45 24.09 -0.32
C ALA D 135 10.73 24.09 0.48
N ASP D 136 11.62 25.03 0.20
CA ASP D 136 12.91 25.09 0.88
C ASP D 136 12.96 25.99 2.14
N ASN D 137 11.87 26.72 2.41
CA ASN D 137 11.84 27.61 3.58
C ASN D 137 10.60 27.50 4.49
N TYR D 138 9.80 26.45 4.33
CA TYR D 138 8.59 26.32 5.14
C TYR D 138 8.81 26.28 6.65
N GLU D 139 9.89 25.66 7.09
CA GLU D 139 10.21 25.56 8.53
C GLU D 139 10.34 26.95 9.14
N LYS D 140 11.03 27.85 8.44
CA LYS D 140 11.20 29.23 8.90
C LYS D 140 9.87 29.97 8.92
N VAL D 141 9.04 29.73 7.92
CA VAL D 141 7.72 30.36 7.84
C VAL D 141 6.91 29.89 9.05
N PHE D 142 6.89 28.58 9.25
CA PHE D 142 6.16 27.97 10.34
C PHE D 142 6.60 28.48 11.71
N SER D 143 7.92 28.58 11.93
CA SER D 143 8.43 29.03 13.22
C SER D 143 8.08 30.49 13.53
N HIS D 144 7.75 31.25 12.48
CA HIS D 144 7.38 32.65 12.64
C HIS D 144 5.88 32.93 12.77
N MET D 145 5.06 31.93 12.47
CA MET D 145 3.61 32.07 12.58
C MET D 145 3.24 32.20 14.05
N LYS D 146 2.37 33.15 14.38
CA LYS D 146 1.95 33.26 15.77
C LYS D 146 0.93 32.14 15.97
N PRO D 147 0.91 31.53 17.15
CA PRO D 147 -0.04 30.46 17.43
C PRO D 147 -1.49 30.86 17.11
N ASN D 148 -2.23 29.93 16.53
CA ASN D 148 -3.63 30.11 16.17
C ASN D 148 -3.95 31.15 15.12
N SER D 149 -2.95 31.50 14.31
CA SER D 149 -3.14 32.44 13.22
C SER D 149 -3.47 31.57 12.00
N ILE D 150 -3.62 32.20 10.86
CA ILE D 150 -3.99 31.50 9.64
C ILE D 150 -2.96 31.65 8.53
N LEU D 151 -2.58 30.51 7.93
CA LEU D 151 -1.65 30.48 6.82
C LEU D 151 -2.50 30.30 5.57
N GLY D 152 -2.31 31.19 4.62
CA GLY D 152 -3.05 31.14 3.37
C GLY D 152 -2.08 31.00 2.21
N LEU D 153 -2.41 30.06 1.34
CA LEU D 153 -1.64 29.76 0.15
C LEU D 153 -2.54 30.03 -1.04
N SER D 154 -1.95 30.25 -2.22
CA SER D 154 -2.74 30.44 -3.42
C SER D 154 -2.47 29.29 -4.37
N HIS D 155 -1.89 28.22 -3.84
CA HIS D 155 -1.56 27.01 -4.60
C HIS D 155 -1.31 25.89 -3.58
N GLY D 156 -1.73 24.67 -3.88
CA GLY D 156 -1.53 23.56 -2.96
C GLY D 156 -0.16 22.87 -3.04
N PHE D 157 0.73 23.39 -3.88
CA PHE D 157 2.08 22.84 -4.07
C PHE D 157 2.80 22.45 -2.75
N LEU D 158 2.80 23.34 -1.76
CA LEU D 158 3.46 23.06 -0.50
C LEU D 158 2.99 21.76 0.16
N LEU D 159 1.71 21.43 0.08
CA LEU D 159 1.22 20.17 0.67
C LEU D 159 1.85 18.99 -0.07
N GLY D 160 1.88 19.05 -1.40
CA GLY D 160 2.49 17.99 -2.18
C GLY D 160 3.94 17.79 -1.79
N HIS D 161 4.67 18.87 -1.55
CA HIS D 161 6.06 18.78 -1.14
C HIS D 161 6.18 18.17 0.27
N LEU D 162 5.37 18.64 1.20
CA LEU D 162 5.40 18.11 2.55
C LEU D 162 5.09 16.61 2.51
N GLN D 163 4.10 16.24 1.71
CA GLN D 163 3.70 14.83 1.56
C GLN D 163 4.88 13.98 1.16
N SER D 164 5.67 14.47 0.19
CA SER D 164 6.83 13.75 -0.29
C SER D 164 7.84 13.52 0.83
N LEU D 165 7.85 14.42 1.80
CA LEU D 165 8.76 14.34 2.93
C LEU D 165 8.12 13.59 4.10
N GLY D 166 6.83 13.29 3.98
CA GLY D 166 6.10 12.61 5.03
C GLY D 166 5.74 13.55 6.17
N GLN D 167 5.74 14.85 5.87
CA GLN D 167 5.43 15.87 6.87
C GLN D 167 4.10 16.56 6.62
N ASP D 168 3.75 17.49 7.51
CA ASP D 168 2.50 18.23 7.42
C ASP D 168 2.70 19.61 8.10
N PHE D 169 1.66 20.43 8.01
CA PHE D 169 1.64 21.76 8.59
C PHE D 169 1.64 21.70 10.13
N PRO D 170 1.99 22.80 10.80
CA PRO D 170 1.99 22.77 12.26
C PRO D 170 0.54 22.55 12.72
N LYS D 171 0.34 21.88 13.84
CA LYS D 171 -1.00 21.62 14.35
C LYS D 171 -1.70 22.86 14.91
N ASN D 172 -0.94 23.89 15.29
CA ASN D 172 -1.51 25.09 15.92
C ASN D 172 -1.93 26.27 15.05
N ILE D 173 -2.03 26.08 13.74
CA ILE D 173 -2.47 27.15 12.84
C ILE D 173 -3.50 26.60 11.87
N SER D 174 -4.30 27.51 11.33
CA SER D 174 -5.28 27.13 10.32
C SER D 174 -4.56 27.25 8.98
N VAL D 175 -4.92 26.39 8.04
CA VAL D 175 -4.33 26.38 6.73
C VAL D 175 -5.44 26.39 5.70
N ILE D 176 -5.46 27.46 4.91
CA ILE D 176 -6.47 27.66 3.88
C ILE D 176 -5.79 28.06 2.58
N ALA D 177 -6.58 28.16 1.52
CA ALA D 177 -6.07 28.57 0.22
C ALA D 177 -7.17 29.21 -0.60
N VAL D 178 -6.78 30.21 -1.37
CA VAL D 178 -7.66 30.91 -2.30
C VAL D 178 -6.77 30.98 -3.53
N CYS D 179 -7.16 30.22 -4.55
CA CYS D 179 -6.38 30.12 -5.76
C CYS D 179 -7.02 30.75 -6.98
N PRO D 180 -6.58 31.96 -7.35
CA PRO D 180 -7.16 32.60 -8.54
C PRO D 180 -6.83 31.74 -9.76
N LYS D 181 -7.85 31.41 -10.52
CA LYS D 181 -7.70 30.62 -11.73
C LYS D 181 -7.42 31.60 -12.89
N GLY D 182 -6.29 32.30 -12.77
CA GLY D 182 -5.86 33.28 -13.76
C GLY D 182 -4.58 33.92 -13.28
N MET D 183 -3.84 34.53 -14.19
CA MET D 183 -2.57 35.18 -13.82
C MET D 183 -2.80 36.41 -12.93
N GLY D 184 -1.85 36.70 -12.06
CA GLY D 184 -1.95 37.84 -11.16
C GLY D 184 -2.31 39.13 -11.87
N PRO D 185 -1.62 39.49 -12.96
CA PRO D 185 -1.95 40.73 -13.66
C PRO D 185 -3.42 40.83 -14.08
N SER D 186 -4.05 39.71 -14.42
CA SER D 186 -5.45 39.72 -14.83
C SER D 186 -6.36 39.92 -13.60
N VAL D 187 -5.91 39.42 -12.46
CA VAL D 187 -6.64 39.54 -11.20
C VAL D 187 -6.74 41.04 -10.88
N ARG D 188 -5.63 41.76 -11.07
CA ARG D 188 -5.61 43.19 -10.79
C ARG D 188 -6.38 44.01 -11.83
N ARG D 189 -6.13 43.72 -13.10
CA ARG D 189 -6.77 44.44 -14.18
C ARG D 189 -8.29 44.32 -14.19
N LEU D 190 -8.79 43.08 -14.12
CA LEU D 190 -10.22 42.85 -14.10
C LEU D 190 -10.86 43.51 -12.86
N TYR D 191 -10.15 43.51 -11.74
CA TYR D 191 -10.66 44.14 -10.52
C TYR D 191 -10.83 45.65 -10.75
N VAL D 192 -9.81 46.27 -11.34
CA VAL D 192 -9.83 47.71 -11.62
C VAL D 192 -10.97 48.06 -12.57
N GLN D 193 -11.12 47.27 -13.64
CA GLN D 193 -12.19 47.50 -14.60
C GLN D 193 -13.54 47.35 -13.90
N GLY D 194 -13.60 46.48 -12.91
CA GLY D 194 -14.83 46.23 -12.19
C GLY D 194 -15.31 47.38 -11.31
N LYS D 195 -14.42 48.30 -10.96
CA LYS D 195 -14.78 49.43 -10.11
C LYS D 195 -15.83 50.32 -10.77
N GLU D 196 -15.96 50.21 -12.08
CA GLU D 196 -16.93 50.98 -12.84
C GLU D 196 -18.32 50.35 -12.75
N VAL D 197 -18.34 49.06 -12.46
CA VAL D 197 -19.59 48.32 -12.34
C VAL D 197 -19.65 47.74 -10.93
N ASN D 198 -20.31 46.61 -10.74
CA ASN D 198 -20.37 46.02 -9.40
C ASN D 198 -19.23 45.02 -9.15
N GLY D 199 -18.04 45.36 -9.65
CA GLY D 199 -16.90 44.49 -9.48
C GLY D 199 -16.64 43.49 -10.61
N ALA D 200 -15.42 42.98 -10.63
CA ALA D 200 -14.98 42.00 -11.61
C ALA D 200 -13.66 41.44 -11.11
N GLY D 201 -13.21 40.36 -11.76
CA GLY D 201 -11.98 39.73 -11.35
C GLY D 201 -11.87 38.35 -11.97
N ILE D 202 -11.12 37.49 -11.29
CA ILE D 202 -10.87 36.12 -11.74
C ILE D 202 -11.45 35.10 -10.74
N ASN D 203 -12.11 34.06 -11.27
CA ASN D 203 -12.72 33.01 -10.44
C ASN D 203 -11.64 32.36 -9.62
N SER D 204 -11.97 31.97 -8.39
CA SER D 204 -11.01 31.33 -7.53
C SER D 204 -11.57 30.08 -6.87
N SER D 205 -10.69 29.14 -6.54
CA SER D 205 -11.09 27.94 -5.82
C SER D 205 -10.55 28.22 -4.41
N PHE D 206 -11.18 27.66 -3.40
CA PHE D 206 -10.68 27.86 -2.06
C PHE D 206 -10.65 26.51 -1.35
N ALA D 207 -9.77 26.41 -0.35
CA ALA D 207 -9.65 25.18 0.41
C ALA D 207 -9.42 25.47 1.88
N VAL D 208 -9.94 24.59 2.74
CA VAL D 208 -9.75 24.69 4.17
C VAL D 208 -9.09 23.37 4.55
N HIS D 209 -7.77 23.41 4.64
CA HIS D 209 -6.98 22.23 4.95
C HIS D 209 -6.99 21.91 6.44
N GLN D 210 -6.80 22.95 7.25
CA GLN D 210 -6.80 22.83 8.70
C GLN D 210 -7.55 24.03 9.25
N ASP D 211 -8.38 23.79 10.26
CA ASP D 211 -9.16 24.84 10.90
C ASP D 211 -9.05 24.60 12.39
N VAL D 212 -8.45 25.55 13.10
CA VAL D 212 -8.25 25.44 14.54
C VAL D 212 -9.19 26.26 15.44
N ASP D 213 -10.14 26.98 14.83
CA ASP D 213 -11.07 27.82 15.60
C ASP D 213 -12.45 28.10 14.97
N GLY D 214 -12.68 27.60 13.77
CA GLY D 214 -13.96 27.81 13.10
C GLY D 214 -14.06 29.00 12.15
N ARG D 215 -13.03 29.83 12.12
CA ARG D 215 -13.02 31.02 11.26
C ARG D 215 -12.52 30.76 9.82
N ALA D 216 -11.79 29.67 9.63
CA ALA D 216 -11.19 29.34 8.32
C ALA D 216 -12.04 29.51 7.05
N THR D 217 -13.23 28.94 7.00
CA THR D 217 -14.05 29.06 5.78
C THR D 217 -14.38 30.52 5.43
N ASP D 218 -14.82 31.31 6.41
CA ASP D 218 -15.16 32.71 6.15
C ASP D 218 -13.97 33.60 5.83
N VAL D 219 -12.82 33.30 6.42
CA VAL D 219 -11.62 34.06 6.14
C VAL D 219 -11.23 33.83 4.67
N ALA D 220 -11.29 32.57 4.24
CA ALA D 220 -10.97 32.20 2.86
C ALA D 220 -11.98 32.84 1.89
N LEU D 221 -13.27 32.77 2.23
CA LEU D 221 -14.28 33.37 1.37
C LEU D 221 -14.11 34.89 1.31
N GLY D 222 -13.79 35.51 2.44
CA GLY D 222 -13.59 36.95 2.50
C GLY D 222 -12.42 37.40 1.63
N TRP D 223 -11.33 36.66 1.73
CA TRP D 223 -10.12 36.91 0.95
C TRP D 223 -10.45 36.83 -0.56
N SER D 224 -11.20 35.80 -0.97
CA SER D 224 -11.57 35.62 -2.38
C SER D 224 -12.48 36.75 -2.86
N ILE D 225 -13.50 37.07 -2.06
CA ILE D 225 -14.44 38.14 -2.38
C ILE D 225 -13.66 39.45 -2.54
N ALA D 226 -12.71 39.68 -1.64
CA ALA D 226 -11.87 40.89 -1.66
C ALA D 226 -10.95 40.97 -2.90
N LEU D 227 -10.71 39.83 -3.56
CA LEU D 227 -9.88 39.80 -4.77
C LEU D 227 -10.74 40.10 -5.99
N GLY D 228 -12.05 39.97 -5.84
CA GLY D 228 -12.96 40.24 -6.93
C GLY D 228 -13.49 39.00 -7.64
N SER D 229 -13.29 37.83 -7.05
CA SER D 229 -13.74 36.59 -7.69
C SER D 229 -15.22 36.59 -8.03
N PRO D 230 -15.55 36.47 -9.33
CA PRO D 230 -16.95 36.45 -9.78
C PRO D 230 -17.66 35.27 -9.08
N PHE D 231 -16.96 34.14 -8.99
CA PHE D 231 -17.46 33.00 -8.26
C PHE D 231 -16.30 32.21 -7.68
N THR D 232 -16.53 31.75 -6.45
CA THR D 232 -15.56 30.98 -5.68
C THR D 232 -16.17 29.61 -5.44
N PHE D 233 -15.39 28.57 -5.72
CA PHE D 233 -15.83 27.21 -5.53
C PHE D 233 -14.82 26.50 -4.61
N ALA D 234 -15.27 25.41 -4.00
CA ALA D 234 -14.44 24.66 -3.07
C ALA D 234 -13.67 23.49 -3.71
N THR D 235 -12.50 23.24 -3.14
CA THR D 235 -11.61 22.16 -3.56
C THR D 235 -10.69 21.87 -2.35
N THR D 236 -9.67 21.06 -2.56
CA THR D 236 -8.72 20.75 -1.49
C THR D 236 -7.33 21.13 -2.02
N LEU D 237 -6.35 21.21 -1.12
CA LEU D 237 -4.99 21.55 -1.53
C LEU D 237 -4.46 20.55 -2.56
N GLU D 238 -4.73 19.26 -2.33
CA GLU D 238 -4.26 18.22 -3.24
C GLU D 238 -4.94 18.27 -4.60
N GLN D 239 -6.28 18.39 -4.62
CA GLN D 239 -7.00 18.47 -5.88
C GLN D 239 -6.54 19.70 -6.67
N GLU D 240 -6.26 20.78 -5.95
CA GLU D 240 -5.81 22.02 -6.59
C GLU D 240 -4.44 21.86 -7.24
N TYR D 241 -3.43 21.41 -6.49
CA TYR D 241 -2.11 21.26 -7.08
C TYR D 241 -2.10 20.26 -8.21
N LYS D 242 -2.91 19.21 -8.09
CA LYS D 242 -2.99 18.20 -9.15
C LYS D 242 -3.55 18.77 -10.45
N SER D 243 -4.64 19.53 -10.37
CA SER D 243 -5.26 20.09 -11.57
C SER D 243 -4.49 21.27 -12.10
N ASP D 244 -3.97 22.06 -11.16
CA ASP D 244 -3.25 23.30 -11.44
C ASP D 244 -1.87 23.18 -12.09
N ILE D 245 -0.98 22.42 -11.46
CA ILE D 245 0.37 22.22 -12.01
C ILE D 245 0.21 21.58 -13.41
N PHE D 246 -0.79 20.73 -13.53
CA PHE D 246 -1.12 20.04 -14.76
C PHE D 246 -1.67 21.00 -15.84
N GLY D 247 -2.71 21.75 -15.48
CA GLY D 247 -3.34 22.67 -16.41
C GLY D 247 -2.42 23.68 -17.07
N GLU D 248 -1.50 24.26 -16.31
CA GLU D 248 -0.57 25.23 -16.87
C GLU D 248 0.37 24.59 -17.87
N ARG D 249 0.69 23.33 -17.64
CA ARG D 249 1.57 22.60 -18.55
C ARG D 249 0.74 22.12 -19.74
N GLY D 250 -0.57 22.03 -19.53
CA GLY D 250 -1.48 21.63 -20.58
C GLY D 250 -1.99 22.81 -21.39
N ILE D 251 -3.29 22.79 -21.68
CA ILE D 251 -3.95 23.82 -22.50
C ILE D 251 -3.65 25.28 -22.17
N LEU D 252 -3.44 25.60 -20.90
CA LEU D 252 -3.23 26.99 -20.50
C LEU D 252 -1.99 27.70 -21.01
N LEU D 253 -0.84 27.03 -20.93
CA LEU D 253 0.42 27.64 -21.38
C LEU D 253 1.24 26.70 -22.26
N GLY D 254 1.73 25.61 -21.67
CA GLY D 254 2.56 24.67 -22.40
C GLY D 254 1.98 24.16 -23.69
N ALA D 255 0.82 23.51 -23.62
CA ALA D 255 0.21 22.95 -24.81
C ALA D 255 -0.14 23.98 -25.87
N VAL D 256 -0.67 25.13 -25.46
CA VAL D 256 -1.04 26.15 -26.45
C VAL D 256 0.22 26.71 -27.12
N HIS D 257 1.30 26.87 -26.36
CA HIS D 257 2.55 27.34 -26.94
C HIS D 257 3.04 26.30 -27.96
N GLY D 258 3.00 25.01 -27.59
CA GLY D 258 3.44 23.95 -28.48
C GLY D 258 2.59 23.84 -29.73
N ILE D 259 1.29 24.07 -29.57
CA ILE D 259 0.35 24.04 -30.69
C ILE D 259 0.68 25.13 -31.71
N VAL D 260 0.87 26.37 -31.23
CA VAL D 260 1.17 27.47 -32.15
C VAL D 260 2.50 27.31 -32.89
N GLU D 261 3.54 26.87 -32.19
CA GLU D 261 4.84 26.66 -32.79
C GLU D 261 4.75 25.56 -33.86
N CYS D 262 4.06 24.48 -33.53
CA CYS D 262 3.89 23.33 -34.43
C CYS D 262 3.16 23.72 -35.72
N LEU D 263 2.02 24.39 -35.57
CA LEU D 263 1.21 24.79 -36.71
C LEU D 263 1.83 25.90 -37.55
N PHE D 264 2.45 26.88 -36.88
CA PHE D 264 3.12 27.96 -37.60
C PHE D 264 4.11 27.35 -38.59
N ARG D 265 4.97 26.47 -38.08
CA ARG D 265 6.00 25.78 -38.85
C ARG D 265 5.40 25.02 -40.01
N ARG D 266 4.33 24.27 -39.73
CA ARG D 266 3.64 23.50 -40.75
C ARG D 266 3.13 24.43 -41.83
N TYR D 267 2.44 25.49 -41.41
CA TYR D 267 1.85 26.46 -42.32
C TYR D 267 2.88 27.07 -43.24
N THR D 268 3.97 27.58 -42.66
CA THR D 268 5.05 28.19 -43.43
C THR D 268 5.68 27.18 -44.39
N GLU D 269 5.93 25.95 -43.93
CA GLU D 269 6.52 24.90 -44.79
C GLU D 269 5.59 24.60 -45.95
N SER D 270 4.31 24.87 -45.74
CA SER D 270 3.29 24.64 -46.75
C SER D 270 3.21 25.77 -47.80
N GLY D 271 3.82 26.91 -47.51
CA GLY D 271 3.80 28.03 -48.44
C GLY D 271 3.08 29.29 -47.93
N MET D 272 2.50 29.19 -46.74
CA MET D 272 1.80 30.32 -46.12
C MET D 272 2.85 31.31 -45.64
N SER D 273 2.61 32.60 -45.84
CA SER D 273 3.54 33.63 -45.39
C SER D 273 3.66 33.58 -43.87
N GLU D 274 4.78 34.08 -43.35
CA GLU D 274 5.00 34.10 -41.90
C GLU D 274 3.92 34.90 -41.19
N ASP D 275 3.57 36.06 -41.75
CA ASP D 275 2.53 36.90 -41.18
C ASP D 275 1.18 36.19 -41.15
N LEU D 276 0.83 35.51 -42.24
CA LEU D 276 -0.43 34.78 -42.28
C LEU D 276 -0.37 33.51 -41.41
N ALA D 277 0.81 32.94 -41.25
CA ALA D 277 0.98 31.74 -40.42
C ALA D 277 0.77 32.11 -38.96
N TYR D 278 1.25 33.28 -38.56
CA TYR D 278 1.07 33.76 -37.18
C TYR D 278 -0.39 34.12 -36.93
N LYS D 279 -1.03 34.80 -37.88
CA LYS D 279 -2.43 35.20 -37.75
C LYS D 279 -3.37 33.99 -37.63
N ASN D 280 -3.09 32.96 -38.43
CA ASN D 280 -3.89 31.75 -38.43
C ASN D 280 -3.65 30.82 -37.25
N THR D 281 -2.67 31.13 -36.41
CA THR D 281 -2.38 30.34 -35.22
C THR D 281 -2.67 31.18 -33.97
N VAL D 282 -1.73 32.04 -33.60
CA VAL D 282 -1.84 32.90 -32.41
C VAL D 282 -2.99 33.89 -32.40
N GLU D 283 -3.12 34.68 -33.46
CA GLU D 283 -4.20 35.66 -33.53
C GLU D 283 -5.54 34.94 -33.55
N CYS D 284 -5.59 33.82 -34.25
CA CYS D 284 -6.79 33.01 -34.36
C CYS D 284 -7.27 32.48 -33.01
N ILE D 285 -6.35 31.86 -32.27
CA ILE D 285 -6.66 31.29 -30.95
C ILE D 285 -6.96 32.35 -29.89
N THR D 286 -6.09 33.35 -29.75
CA THR D 286 -6.27 34.39 -28.74
C THR D 286 -7.34 35.45 -29.04
N GLY D 287 -7.86 35.43 -30.26
CA GLY D 287 -8.87 36.39 -30.68
C GLY D 287 -10.23 35.75 -30.75
N VAL D 288 -10.67 35.45 -31.96
CA VAL D 288 -11.97 34.85 -32.23
C VAL D 288 -12.28 33.56 -31.46
N ILE D 289 -11.32 32.63 -31.40
CA ILE D 289 -11.54 31.38 -30.68
C ILE D 289 -11.82 31.64 -29.20
N SER D 290 -10.98 32.46 -28.56
CA SER D 290 -11.11 32.80 -27.15
C SER D 290 -12.41 33.56 -26.85
N LYS D 291 -12.77 34.47 -27.74
CA LYS D 291 -13.99 35.25 -27.56
C LYS D 291 -15.24 34.38 -27.63
N THR D 292 -15.31 33.54 -28.65
CA THR D 292 -16.45 32.66 -28.85
C THR D 292 -16.57 31.70 -27.69
N ILE D 293 -15.47 31.03 -27.36
CA ILE D 293 -15.46 30.07 -26.26
C ILE D 293 -15.85 30.75 -24.95
N SER D 294 -15.37 31.97 -24.77
CA SER D 294 -15.62 32.75 -23.57
C SER D 294 -17.11 33.05 -23.29
N THR D 295 -17.83 33.46 -24.33
CA THR D 295 -19.24 33.81 -24.21
C THR D 295 -20.27 32.76 -24.60
N LYS D 296 -19.99 32.01 -25.66
CA LYS D 296 -20.92 31.00 -26.15
C LYS D 296 -20.44 29.55 -26.13
N GLY D 297 -19.14 29.35 -25.96
CA GLY D 297 -18.63 27.98 -25.91
C GLY D 297 -18.07 27.38 -27.19
N MET D 298 -17.52 26.18 -27.03
CA MET D 298 -16.90 25.41 -28.11
C MET D 298 -17.83 24.96 -29.23
N LEU D 299 -19.08 24.64 -28.91
CA LEU D 299 -20.03 24.21 -29.92
C LEU D 299 -20.43 25.39 -30.80
N ALA D 300 -20.49 26.59 -30.21
CA ALA D 300 -20.83 27.79 -30.98
C ALA D 300 -19.67 28.04 -31.94
N LEU D 301 -18.44 27.79 -31.47
CA LEU D 301 -17.26 27.96 -32.30
C LEU D 301 -17.32 27.02 -33.49
N TYR D 302 -17.56 25.74 -33.23
CA TYR D 302 -17.66 24.73 -34.30
C TYR D 302 -18.75 25.09 -35.29
N ASN D 303 -19.87 25.60 -34.78
CA ASN D 303 -21.00 26.01 -35.59
C ASN D 303 -20.80 27.32 -36.35
N SER D 304 -19.79 28.12 -35.98
CA SER D 304 -19.53 29.37 -36.67
C SER D 304 -18.65 29.14 -37.90
N LEU D 305 -18.28 27.87 -38.13
CA LEU D 305 -17.45 27.49 -39.26
C LEU D 305 -18.37 27.10 -40.42
N SER D 306 -17.83 27.20 -41.62
CA SER D 306 -18.58 26.84 -42.82
C SER D 306 -18.56 25.32 -42.86
N GLU D 307 -19.34 24.75 -43.77
CA GLU D 307 -19.39 23.29 -43.89
C GLU D 307 -18.01 22.69 -44.21
N GLU D 308 -17.22 23.39 -45.02
CA GLU D 308 -15.88 22.90 -45.34
C GLU D 308 -14.94 23.15 -44.15
N GLY D 309 -15.16 24.27 -43.46
CA GLY D 309 -14.35 24.59 -42.29
C GLY D 309 -14.57 23.56 -41.20
N LYS D 310 -15.78 23.01 -41.13
CA LYS D 310 -16.11 21.99 -40.15
C LYS D 310 -15.35 20.71 -40.47
N LYS D 311 -15.11 20.47 -41.77
CA LYS D 311 -14.37 19.30 -42.22
C LYS D 311 -12.88 19.39 -41.86
N ASP D 312 -12.31 20.59 -41.98
CA ASP D 312 -10.92 20.83 -41.62
C ASP D 312 -10.77 20.70 -40.11
N PHE D 313 -11.77 21.19 -39.38
CA PHE D 313 -11.80 21.14 -37.93
C PHE D 313 -11.81 19.67 -37.51
N GLN D 314 -12.69 18.88 -38.10
CA GLN D 314 -12.79 17.46 -37.80
C GLN D 314 -11.49 16.72 -38.09
N ALA D 315 -10.82 17.08 -39.19
CA ALA D 315 -9.57 16.46 -39.58
C ALA D 315 -8.53 16.69 -38.49
N ALA D 316 -8.36 17.95 -38.10
CA ALA D 316 -7.41 18.31 -37.06
C ALA D 316 -7.76 17.63 -35.72
N TYR D 317 -9.04 17.71 -35.35
CA TYR D 317 -9.53 17.15 -34.10
C TYR D 317 -9.34 15.63 -34.00
N SER D 318 -9.82 14.92 -35.00
CA SER D 318 -9.73 13.46 -35.03
C SER D 318 -8.28 12.96 -34.93
N ALA D 319 -7.36 13.70 -35.54
CA ALA D 319 -5.95 13.33 -35.55
C ALA D 319 -5.15 13.78 -34.33
N SER D 320 -5.57 14.89 -33.74
CA SER D 320 -4.89 15.49 -32.60
C SER D 320 -5.33 15.10 -31.20
N TYR D 321 -6.58 14.68 -31.07
CA TYR D 321 -7.15 14.33 -29.76
C TYR D 321 -6.32 13.39 -28.88
N TYR D 322 -6.11 12.16 -29.36
CA TYR D 322 -5.35 11.18 -28.60
C TYR D 322 -3.87 11.51 -28.39
N PRO D 323 -3.16 11.99 -29.45
CA PRO D 323 -1.75 12.32 -29.21
C PRO D 323 -1.66 13.39 -28.11
N SER D 324 -2.62 14.33 -28.11
CA SER D 324 -2.65 15.36 -27.08
C SER D 324 -2.92 14.71 -25.72
N MET D 325 -3.87 13.79 -25.69
CA MET D 325 -4.22 13.08 -24.47
C MET D 325 -3.02 12.34 -23.91
N ASP D 326 -2.24 11.75 -24.81
CA ASP D 326 -1.03 10.99 -24.45
C ASP D 326 -0.14 11.79 -23.52
N ILE D 327 0.21 13.00 -23.94
CA ILE D 327 1.09 13.88 -23.16
C ILE D 327 0.38 14.42 -21.91
N LEU D 328 -0.90 14.77 -22.03
CA LEU D 328 -1.66 15.29 -20.90
C LEU D 328 -1.73 14.24 -19.79
N TYR D 329 -1.96 12.98 -20.20
CA TYR D 329 -2.07 11.82 -19.33
C TYR D 329 -0.74 11.67 -18.59
N GLU D 330 0.36 11.72 -19.35
CA GLU D 330 1.71 11.62 -18.80
C GLU D 330 1.98 12.74 -17.78
N CYS D 331 1.68 13.97 -18.18
CA CYS D 331 1.91 15.14 -17.34
C CYS D 331 1.13 15.04 -16.00
N TYR D 332 -0.17 14.75 -16.08
CA TYR D 332 -0.99 14.63 -14.90
C TYR D 332 -0.39 13.65 -13.90
N GLU D 333 -0.06 12.45 -14.37
CA GLU D 333 0.51 11.44 -13.49
C GLU D 333 1.83 11.84 -12.86
N ASP D 334 2.66 12.59 -13.59
CA ASP D 334 3.93 13.08 -13.03
C ASP D 334 3.66 14.11 -11.94
N VAL D 335 2.55 14.84 -12.08
CA VAL D 335 2.19 15.83 -11.08
C VAL D 335 1.64 15.17 -9.82
N ALA D 336 0.77 14.18 -10.00
CA ALA D 336 0.16 13.48 -8.87
C ALA D 336 1.16 12.60 -8.12
N SER D 337 2.12 12.01 -8.84
CA SER D 337 3.12 11.13 -8.24
C SER D 337 4.18 11.82 -7.39
N GLY D 338 4.37 13.11 -7.60
CA GLY D 338 5.38 13.87 -6.86
C GLY D 338 6.60 14.16 -7.71
N SER D 339 6.68 13.55 -8.90
CA SER D 339 7.83 13.75 -9.78
C SER D 339 8.00 15.20 -10.22
N GLU D 340 6.93 15.80 -10.71
CA GLU D 340 6.96 17.18 -11.22
C GLU D 340 7.23 18.19 -10.13
N ILE D 341 6.64 17.99 -8.95
CA ILE D 341 6.86 18.90 -7.84
C ILE D 341 8.35 18.88 -7.44
N ARG D 342 8.94 17.69 -7.33
CA ARG D 342 10.34 17.60 -6.99
C ARG D 342 11.17 18.32 -8.08
N SER D 343 10.80 18.13 -9.35
CA SER D 343 11.49 18.77 -10.46
C SER D 343 11.53 20.29 -10.30
N VAL D 344 10.38 20.88 -9.99
CA VAL D 344 10.28 22.32 -9.79
C VAL D 344 11.14 22.82 -8.62
N VAL D 345 11.17 22.05 -7.53
CA VAL D 345 11.97 22.39 -6.35
C VAL D 345 13.46 22.45 -6.72
N LEU D 346 13.91 21.44 -7.47
CA LEU D 346 15.31 21.36 -7.88
C LEU D 346 15.65 22.45 -8.89
N ALA D 347 14.71 22.75 -9.78
CA ALA D 347 14.90 23.80 -10.78
C ALA D 347 15.17 25.14 -10.08
N GLY D 348 14.43 25.43 -9.02
CA GLY D 348 14.63 26.68 -8.31
C GLY D 348 16.03 26.84 -7.77
N ARG D 349 16.62 25.75 -7.30
CA ARG D 349 17.96 25.78 -6.74
C ARG D 349 19.00 25.99 -7.84
N ARG D 350 18.67 25.59 -9.06
CA ARG D 350 19.60 25.74 -10.17
C ARG D 350 19.68 27.17 -10.70
N PHE D 351 18.87 28.07 -10.11
CA PHE D 351 18.91 29.48 -10.48
C PHE D 351 20.12 30.12 -9.78
N TYR D 352 20.74 29.38 -8.87
CA TYR D 352 21.93 29.85 -8.16
C TYR D 352 23.08 28.89 -8.44
N GLU D 353 24.30 29.35 -8.26
CA GLU D 353 25.47 28.53 -8.48
C GLU D 353 25.67 27.59 -7.30
N LYS D 354 26.02 26.36 -7.62
CA LYS D 354 26.28 25.33 -6.62
C LYS D 354 26.99 24.18 -7.32
N GLU D 355 27.66 23.35 -6.53
CA GLU D 355 28.37 22.18 -7.03
C GLU D 355 29.38 22.48 -8.15
N GLY D 356 29.96 23.68 -8.11
CA GLY D 356 30.94 24.07 -9.12
C GLY D 356 30.35 24.23 -10.50
N LEU D 357 29.03 24.39 -10.55
CA LEU D 357 28.32 24.55 -11.81
C LEU D 357 27.65 25.93 -11.87
N PRO D 358 27.40 26.44 -13.09
CA PRO D 358 26.77 27.76 -13.25
C PRO D 358 25.29 27.83 -12.87
N ALA D 359 24.80 29.06 -12.72
CA ALA D 359 23.41 29.34 -12.41
C ALA D 359 22.69 29.36 -13.73
N PHE D 360 21.46 28.86 -13.77
CA PHE D 360 20.69 28.83 -14.99
C PHE D 360 19.31 29.43 -14.87
N PRO D 361 19.23 30.76 -14.85
CA PRO D 361 17.89 31.36 -14.75
C PRO D 361 17.11 31.10 -16.06
N MET D 362 15.79 31.21 -16.00
CA MET D 362 14.99 30.98 -17.19
C MET D 362 15.34 32.01 -18.25
N GLY D 363 15.43 31.55 -19.49
CA GLY D 363 15.75 32.42 -20.60
C GLY D 363 14.49 32.93 -21.26
N LYS D 364 14.66 33.51 -22.45
CA LYS D 364 13.54 34.06 -23.21
C LYS D 364 12.99 33.05 -24.20
N ILE D 365 11.68 33.04 -24.35
CA ILE D 365 11.00 32.11 -25.23
C ILE D 365 10.34 32.76 -26.44
N ASP D 366 10.50 34.08 -26.60
CA ASP D 366 9.87 34.77 -27.70
C ASP D 366 10.83 35.55 -28.61
N GLN D 367 12.09 35.16 -28.61
CA GLN D 367 13.08 35.83 -29.43
C GLN D 367 13.31 35.10 -30.72
N THR D 368 12.50 34.07 -30.96
CA THR D 368 12.61 33.27 -32.15
C THR D 368 11.76 33.81 -33.31
N ARG D 369 12.00 33.21 -34.47
CA ARG D 369 11.35 33.52 -35.73
C ARG D 369 9.90 33.96 -35.65
N MET D 370 9.02 33.05 -35.24
CA MET D 370 7.59 33.35 -35.20
C MET D 370 7.19 34.49 -34.26
N TRP D 371 7.95 34.70 -33.20
CA TRP D 371 7.61 35.76 -32.27
C TRP D 371 8.05 37.13 -32.76
N LYS D 372 9.14 37.14 -33.52
CA LYS D 372 9.64 38.37 -34.11
C LYS D 372 8.64 38.79 -35.20
N VAL D 373 8.12 37.79 -35.91
CA VAL D 373 7.11 38.01 -36.94
C VAL D 373 5.86 38.54 -36.24
N GLY D 374 5.59 37.99 -35.06
CA GLY D 374 4.43 38.40 -34.29
C GLY D 374 4.45 39.87 -33.92
N GLU D 375 5.62 40.36 -33.56
CA GLU D 375 5.79 41.76 -33.22
C GLU D 375 5.40 42.60 -34.45
N LYS D 376 5.83 42.14 -35.64
CA LYS D 376 5.53 42.83 -36.89
C LYS D 376 4.04 42.85 -37.19
N VAL D 377 3.39 41.70 -36.99
CA VAL D 377 1.95 41.56 -37.23
C VAL D 377 1.18 42.54 -36.35
N ARG D 378 1.57 42.59 -35.07
CA ARG D 378 0.92 43.47 -34.12
C ARG D 378 1.13 44.96 -34.39
N SER D 379 2.30 45.33 -34.91
CA SER D 379 2.59 46.74 -35.19
C SER D 379 1.62 47.39 -36.17
N VAL D 380 1.08 46.61 -37.10
CA VAL D 380 0.14 47.13 -38.08
C VAL D 380 -1.29 46.67 -37.80
N ARG D 381 -1.46 45.93 -36.72
CA ARG D 381 -2.78 45.42 -36.37
C ARG D 381 -3.67 46.52 -35.82
N PRO D 382 -4.86 46.68 -36.40
CA PRO D 382 -5.79 47.71 -35.92
C PRO D 382 -6.39 47.31 -34.57
N ALA D 383 -6.79 48.31 -33.79
CA ALA D 383 -7.41 48.08 -32.49
C ALA D 383 -8.72 47.32 -32.69
N GLY D 384 -9.03 46.41 -31.77
CA GLY D 384 -10.26 45.63 -31.84
C GLY D 384 -10.25 44.50 -32.86
N ASP D 385 -9.08 44.15 -33.37
CA ASP D 385 -8.95 43.06 -34.34
C ASP D 385 -9.16 41.70 -33.66
N LEU D 386 -10.04 40.88 -34.22
CA LEU D 386 -10.38 39.56 -33.67
C LEU D 386 -9.55 38.41 -34.23
N GLY D 387 -8.85 38.66 -35.33
CA GLY D 387 -8.04 37.62 -35.96
C GLY D 387 -8.89 36.71 -36.81
N PRO D 388 -8.29 35.84 -37.62
CA PRO D 388 -9.07 34.95 -38.47
C PRO D 388 -9.44 33.68 -37.72
N LEU D 389 -10.50 33.03 -38.15
CA LEU D 389 -10.92 31.78 -37.56
C LEU D 389 -10.49 30.71 -38.56
N TYR D 390 -9.28 30.20 -38.37
CA TYR D 390 -8.73 29.16 -39.22
C TYR D 390 -9.20 27.81 -38.68
N PRO D 391 -10.09 27.12 -39.42
CA PRO D 391 -10.65 25.83 -39.03
C PRO D 391 -9.68 24.77 -38.50
N PHE D 392 -8.60 24.52 -39.21
CA PHE D 392 -7.63 23.51 -38.79
C PHE D 392 -7.04 23.82 -37.42
N THR D 393 -6.74 25.10 -37.18
CA THR D 393 -6.18 25.54 -35.91
C THR D 393 -7.20 25.35 -34.78
N ALA D 394 -8.46 25.62 -35.07
CA ALA D 394 -9.52 25.49 -34.08
C ALA D 394 -9.66 24.02 -33.70
N GLY D 395 -9.57 23.13 -34.69
CA GLY D 395 -9.71 21.71 -34.44
C GLY D 395 -8.67 21.16 -33.47
N VAL D 396 -7.42 21.54 -33.68
CA VAL D 396 -6.31 21.10 -32.85
C VAL D 396 -6.45 21.64 -31.43
N TYR D 397 -6.71 22.93 -31.33
CA TYR D 397 -6.84 23.61 -30.05
C TYR D 397 -8.00 23.04 -29.20
N VAL D 398 -9.18 22.94 -29.80
CA VAL D 398 -10.37 22.43 -29.14
C VAL D 398 -10.19 20.94 -28.78
N ALA D 399 -9.46 20.21 -29.62
CA ALA D 399 -9.20 18.79 -29.37
C ALA D 399 -8.37 18.65 -28.11
N LEU D 400 -7.36 19.52 -27.95
CA LEU D 400 -6.53 19.45 -26.77
C LEU D 400 -7.32 19.88 -25.52
N MET D 401 -8.18 20.88 -25.68
CA MET D 401 -9.02 21.38 -24.59
C MET D 401 -9.93 20.24 -24.13
N MET D 402 -10.54 19.56 -25.09
CA MET D 402 -11.43 18.44 -24.78
C MET D 402 -10.71 17.25 -24.14
N ALA D 403 -9.51 16.96 -24.64
CA ALA D 403 -8.71 15.85 -24.12
C ALA D 403 -8.34 16.13 -22.67
N GLN D 404 -7.98 17.38 -22.38
CA GLN D 404 -7.62 17.77 -21.01
C GLN D 404 -8.82 17.63 -20.08
N ILE D 405 -10.00 18.01 -20.56
CA ILE D 405 -11.23 17.90 -19.77
C ILE D 405 -11.47 16.45 -19.42
N GLU D 406 -11.28 15.56 -20.39
CA GLU D 406 -11.46 14.13 -20.18
C GLU D 406 -10.46 13.55 -19.17
N ILE D 407 -9.21 13.97 -19.24
CA ILE D 407 -8.19 13.50 -18.28
C ILE D 407 -8.61 13.89 -16.85
N LEU D 408 -9.00 15.15 -16.66
CA LEU D 408 -9.41 15.61 -15.33
C LEU D 408 -10.67 14.90 -14.84
N ARG D 409 -11.58 14.55 -15.75
CA ARG D 409 -12.80 13.83 -15.38
C ARG D 409 -12.45 12.43 -14.91
N LYS D 410 -11.64 11.73 -15.69
CA LYS D 410 -11.21 10.38 -15.34
C LYS D 410 -10.30 10.33 -14.11
N LYS D 411 -9.63 11.44 -13.79
CA LYS D 411 -8.78 11.51 -12.62
C LYS D 411 -9.50 12.05 -11.37
N GLY D 412 -10.77 12.37 -11.52
CA GLY D 412 -11.59 12.83 -10.41
C GLY D 412 -11.56 14.27 -9.92
N HIS D 413 -11.98 15.20 -10.76
CA HIS D 413 -12.03 16.61 -10.38
C HIS D 413 -13.45 17.11 -10.63
N SER D 414 -13.87 18.10 -9.84
CA SER D 414 -15.22 18.66 -9.98
C SER D 414 -15.30 19.45 -11.27
N TYR D 415 -16.51 19.60 -11.81
CA TYR D 415 -16.67 20.36 -13.04
C TYR D 415 -16.27 21.84 -12.91
N SER D 416 -16.47 22.46 -11.75
CA SER D 416 -16.07 23.86 -11.56
C SER D 416 -14.56 23.98 -11.70
N GLU D 417 -13.84 22.99 -11.19
CA GLU D 417 -12.39 22.98 -11.26
C GLU D 417 -11.91 22.70 -12.69
N ILE D 418 -12.50 21.70 -13.31
CA ILE D 418 -12.17 21.31 -14.67
C ILE D 418 -12.41 22.44 -15.66
N ILE D 419 -13.60 23.02 -15.60
CA ILE D 419 -13.97 24.10 -16.51
C ILE D 419 -13.12 25.36 -16.35
N ASN D 420 -12.76 25.70 -15.11
CA ASN D 420 -11.91 26.87 -14.91
C ASN D 420 -10.46 26.63 -15.39
N GLU D 421 -9.90 25.47 -15.05
CA GLU D 421 -8.53 25.10 -15.41
C GLU D 421 -8.32 24.75 -16.91
N SER D 422 -9.39 24.37 -17.59
CA SER D 422 -9.28 23.96 -18.98
C SER D 422 -9.94 24.87 -20.01
N VAL D 423 -10.81 25.76 -19.56
CA VAL D 423 -11.55 26.63 -20.47
C VAL D 423 -11.56 28.10 -20.11
N ILE D 424 -12.23 28.43 -19.00
CA ILE D 424 -12.38 29.81 -18.55
C ILE D 424 -11.07 30.58 -18.42
N GLU D 425 -10.10 30.00 -17.73
CA GLU D 425 -8.83 30.69 -17.54
C GLU D 425 -8.13 31.01 -18.86
N ALA D 426 -8.14 30.07 -19.79
CA ALA D 426 -7.48 30.27 -21.06
C ALA D 426 -8.04 31.49 -21.80
N VAL D 427 -9.36 31.55 -21.89
CA VAL D 427 -10.04 32.62 -22.63
C VAL D 427 -10.33 33.95 -21.94
N ASP D 428 -10.52 33.92 -20.62
CA ASP D 428 -10.83 35.13 -19.87
C ASP D 428 -9.63 35.75 -19.17
N SER D 429 -8.58 34.97 -19.01
CA SER D 429 -7.41 35.46 -18.33
C SER D 429 -6.12 35.49 -19.15
N LEU D 430 -5.69 34.30 -19.59
CA LEU D 430 -4.43 34.10 -20.29
C LEU D 430 -4.26 34.54 -21.74
N ASN D 431 -5.08 34.00 -22.63
CA ASN D 431 -4.99 34.33 -24.05
C ASN D 431 -4.97 35.82 -24.39
N PRO D 432 -5.73 36.66 -23.65
CA PRO D 432 -5.71 38.11 -23.96
C PRO D 432 -4.29 38.70 -23.94
N PHE D 433 -3.43 38.15 -23.08
CA PHE D 433 -2.05 38.64 -22.97
C PHE D 433 -1.19 38.19 -24.15
N MET D 434 -1.49 37.01 -24.70
CA MET D 434 -0.75 36.52 -25.86
C MET D 434 -1.19 37.34 -27.09
N HIS D 435 -2.46 37.75 -27.12
CA HIS D 435 -2.96 38.57 -28.21
C HIS D 435 -2.31 39.94 -28.12
N ALA D 436 -2.16 40.44 -26.89
CA ALA D 436 -1.56 41.75 -26.64
C ALA D 436 -0.08 41.82 -26.99
N ARG D 437 0.69 40.81 -26.62
CA ARG D 437 2.12 40.86 -26.89
C ARG D 437 2.88 39.53 -27.01
N GLY D 438 2.22 38.51 -27.54
CA GLY D 438 2.88 37.23 -27.74
C GLY D 438 2.95 36.31 -26.55
N VAL D 439 3.56 35.15 -26.78
CA VAL D 439 3.68 34.09 -25.77
C VAL D 439 4.32 34.45 -24.42
N SER D 440 5.36 35.28 -24.43
CA SER D 440 6.03 35.64 -23.20
C SER D 440 5.15 36.52 -22.32
N PHE D 441 4.33 37.36 -22.97
CA PHE D 441 3.45 38.26 -22.23
C PHE D 441 2.42 37.44 -21.45
N MET D 442 2.16 36.23 -21.92
CA MET D 442 1.21 35.34 -21.28
C MET D 442 1.95 34.45 -20.28
N VAL D 443 2.82 33.58 -20.79
CA VAL D 443 3.59 32.65 -19.97
C VAL D 443 4.37 33.28 -18.82
N ASP D 444 5.17 34.29 -19.12
CA ASP D 444 6.01 34.92 -18.11
C ASP D 444 5.35 35.83 -17.08
N ASN D 445 4.05 36.04 -17.24
CA ASN D 445 3.29 36.82 -16.27
C ASN D 445 2.63 35.88 -15.24
N CYS D 446 2.92 34.58 -15.38
CA CYS D 446 2.42 33.54 -14.47
C CYS D 446 3.57 33.20 -13.52
N SER D 447 3.33 32.29 -12.57
CA SER D 447 4.34 31.92 -11.58
C SER D 447 5.57 31.21 -12.14
N THR D 448 6.58 31.08 -11.30
CA THR D 448 7.82 30.41 -11.65
C THR D 448 7.48 28.97 -12.01
N THR D 449 6.63 28.33 -11.21
CA THR D 449 6.24 26.94 -11.46
C THR D 449 5.58 26.80 -12.83
N ALA D 450 4.76 27.80 -13.16
CA ALA D 450 4.05 27.79 -14.43
C ALA D 450 4.99 28.04 -15.60
N ARG D 451 5.94 28.96 -15.41
CA ARG D 451 6.92 29.30 -16.44
C ARG D 451 7.82 28.11 -16.76
N LEU D 452 8.26 27.41 -15.72
CA LEU D 452 9.10 26.22 -15.84
C LEU D 452 8.32 25.12 -16.54
N GLY D 453 7.06 24.94 -16.13
CA GLY D 453 6.20 23.92 -16.72
C GLY D 453 5.94 24.15 -18.21
N SER D 454 5.63 25.38 -18.58
CA SER D 454 5.38 25.74 -19.97
C SER D 454 6.61 25.39 -20.83
N ARG D 455 7.80 25.73 -20.33
CA ARG D 455 9.05 25.47 -21.04
C ARG D 455 9.34 23.98 -21.18
N LYS D 456 9.02 23.20 -20.15
CA LYS D 456 9.25 21.76 -20.16
C LYS D 456 8.27 20.94 -21.00
N TRP D 457 7.01 21.35 -21.04
CA TRP D 457 5.99 20.62 -21.76
C TRP D 457 5.56 21.10 -23.15
N ALA D 458 5.73 22.39 -23.45
CA ALA D 458 5.39 22.90 -24.77
C ALA D 458 6.11 22.08 -25.85
N PRO D 459 7.42 21.78 -25.66
CA PRO D 459 8.12 20.99 -26.67
C PRO D 459 7.52 19.60 -26.91
N ARG D 460 6.97 19.01 -25.86
CA ARG D 460 6.37 17.68 -25.95
C ARG D 460 5.12 17.67 -26.83
N PHE D 461 4.29 18.70 -26.66
CA PHE D 461 3.07 18.82 -27.45
C PHE D 461 3.42 19.11 -28.91
N ASP D 462 4.41 19.98 -29.12
CA ASP D 462 4.87 20.32 -30.46
C ASP D 462 5.34 19.03 -31.15
N TYR D 463 6.26 18.31 -30.53
CA TYR D 463 6.78 17.06 -31.09
C TYR D 463 5.77 15.97 -31.36
N ILE D 464 4.85 15.72 -30.43
CA ILE D 464 3.88 14.66 -30.65
C ILE D 464 2.87 15.02 -31.73
N LEU D 465 2.49 16.29 -31.79
CA LEU D 465 1.55 16.72 -32.81
C LEU D 465 2.19 16.57 -34.19
N SER D 466 3.46 16.97 -34.32
CA SER D 466 4.18 16.84 -35.59
C SER D 466 4.39 15.36 -36.01
N GLN D 467 4.82 14.54 -35.04
CA GLN D 467 5.11 13.13 -35.30
C GLN D 467 3.91 12.22 -35.50
N GLN D 468 2.83 12.49 -34.78
CA GLN D 468 1.65 11.66 -34.87
C GLN D 468 0.41 12.24 -35.56
N ALA D 469 -0.12 13.34 -35.01
CA ALA D 469 -1.32 13.98 -35.56
C ALA D 469 -1.19 14.45 -37.00
N LEU D 470 -0.21 15.32 -37.25
CA LEU D 470 0.02 15.89 -38.57
C LEU D 470 0.39 14.83 -39.61
N VAL D 471 1.17 13.84 -39.18
CA VAL D 471 1.55 12.74 -40.06
C VAL D 471 0.28 11.96 -40.44
N ALA D 472 -0.66 11.83 -39.51
CA ALA D 472 -1.90 11.10 -39.76
C ALA D 472 -2.75 11.89 -40.76
N VAL D 473 -2.78 13.21 -40.60
CA VAL D 473 -3.54 14.06 -41.51
C VAL D 473 -2.94 13.90 -42.91
N ASP D 474 -1.62 14.01 -43.00
CA ASP D 474 -0.94 13.90 -44.27
C ASP D 474 -1.04 12.51 -44.91
N ASN D 475 -1.38 11.52 -44.10
CA ASN D 475 -1.54 10.15 -44.60
C ASN D 475 -2.99 9.86 -44.97
N GLY D 476 -3.85 10.87 -44.84
CA GLY D 476 -5.26 10.70 -45.17
C GLY D 476 -6.00 9.78 -44.21
N ALA D 477 -5.70 9.94 -42.93
CA ALA D 477 -6.32 9.12 -41.88
C ALA D 477 -7.84 9.33 -41.83
N PRO D 478 -8.60 8.25 -41.60
CA PRO D 478 -10.06 8.34 -41.52
C PRO D 478 -10.46 9.20 -40.34
N ILE D 479 -11.62 9.83 -40.45
CA ILE D 479 -12.15 10.64 -39.37
C ILE D 479 -12.80 9.67 -38.40
N ASN D 480 -12.43 9.80 -37.14
CA ASN D 480 -12.99 8.97 -36.08
C ASN D 480 -14.37 9.56 -35.75
N GLN D 481 -15.42 8.99 -36.33
CA GLN D 481 -16.77 9.47 -36.13
C GLN D 481 -17.25 9.51 -34.70
N ASP D 482 -16.93 8.48 -33.92
CA ASP D 482 -17.35 8.44 -32.52
C ASP D 482 -16.78 9.64 -31.76
N LEU D 483 -15.53 9.96 -32.04
CA LEU D 483 -14.85 11.09 -31.40
C LEU D 483 -15.59 12.40 -31.65
N ILE D 484 -15.92 12.63 -32.92
CA ILE D 484 -16.61 13.84 -33.33
C ILE D 484 -17.98 13.90 -32.67
N SER D 485 -18.71 12.79 -32.73
CA SER D 485 -20.03 12.69 -32.12
C SER D 485 -19.97 13.01 -30.64
N ASN D 486 -19.01 12.40 -29.94
CA ASN D 486 -18.88 12.62 -28.50
C ASN D 486 -18.54 14.05 -28.16
N PHE D 487 -17.77 14.70 -29.04
CA PHE D 487 -17.41 16.10 -28.85
C PHE D 487 -18.68 16.95 -28.89
N LEU D 488 -19.51 16.67 -29.89
CA LEU D 488 -20.75 17.42 -30.10
C LEU D 488 -21.79 17.21 -29.01
N SER D 489 -21.85 16.01 -28.47
CA SER D 489 -22.82 15.67 -27.43
C SER D 489 -22.28 15.82 -26.02
N ASP D 490 -20.99 16.12 -25.90
CA ASP D 490 -20.37 16.22 -24.58
C ASP D 490 -21.09 17.13 -23.60
N PRO D 491 -21.43 16.58 -22.42
CA PRO D 491 -22.12 17.31 -21.36
C PRO D 491 -21.35 18.49 -20.78
N VAL D 492 -20.04 18.58 -21.06
CA VAL D 492 -19.28 19.69 -20.53
C VAL D 492 -19.71 21.01 -21.16
N HIS D 493 -20.28 20.94 -22.36
CA HIS D 493 -20.71 22.14 -23.07
C HIS D 493 -21.84 22.89 -22.36
N GLU D 494 -22.80 22.14 -21.85
CA GLU D 494 -23.89 22.77 -21.12
C GLU D 494 -23.35 23.31 -19.80
N ALA D 495 -22.46 22.55 -19.15
CA ALA D 495 -21.87 22.99 -17.88
C ALA D 495 -21.09 24.31 -18.04
N ILE D 496 -20.38 24.46 -19.15
CA ILE D 496 -19.61 25.67 -19.44
C ILE D 496 -20.57 26.87 -19.61
N GLY D 497 -21.71 26.63 -20.25
CA GLY D 497 -22.72 27.68 -20.41
C GLY D 497 -23.26 28.13 -19.06
N VAL D 498 -23.46 27.19 -18.13
CA VAL D 498 -23.95 27.51 -16.80
C VAL D 498 -22.94 28.42 -16.08
N CYS D 499 -21.67 28.05 -16.15
CA CYS D 499 -20.61 28.83 -15.50
C CYS D 499 -20.48 30.20 -16.15
N ALA D 500 -20.72 30.26 -17.46
CA ALA D 500 -20.65 31.50 -18.24
C ALA D 500 -21.72 32.53 -17.82
N GLN D 501 -22.75 32.10 -17.10
CA GLN D 501 -23.80 33.00 -16.63
C GLN D 501 -23.34 33.74 -15.36
N LEU D 502 -22.27 33.26 -14.75
CA LEU D 502 -21.72 33.82 -13.52
C LEU D 502 -20.60 34.82 -13.75
N ARG D 503 -20.17 34.96 -15.00
CA ARG D 503 -19.07 35.89 -15.30
C ARG D 503 -19.52 37.34 -15.38
N PRO D 504 -18.60 38.27 -15.06
CA PRO D 504 -18.89 39.71 -15.09
C PRO D 504 -19.26 40.18 -16.48
N SER D 505 -19.69 41.44 -16.54
CA SER D 505 -20.10 42.09 -17.77
C SER D 505 -18.93 42.71 -18.54
N VAL D 506 -17.78 42.84 -17.87
CA VAL D 506 -16.57 43.40 -18.48
C VAL D 506 -15.55 42.30 -18.78
N ASP D 507 -14.93 42.41 -19.94
CA ASP D 507 -13.90 41.48 -20.39
C ASP D 507 -12.58 42.21 -20.19
N ILE D 508 -11.51 41.47 -19.88
CA ILE D 508 -10.22 42.10 -19.64
C ILE D 508 -9.69 42.92 -20.81
N SER D 509 -9.19 44.11 -20.47
CA SER D 509 -8.59 45.04 -21.43
C SER D 509 -7.08 45.08 -21.16
N VAL D 510 -6.31 44.53 -22.09
CA VAL D 510 -4.85 44.52 -21.93
C VAL D 510 -4.16 44.82 -23.24
N THR D 511 -3.27 45.81 -23.21
CA THR D 511 -2.52 46.21 -24.39
C THR D 511 -1.04 46.04 -24.09
N ALA D 512 -0.21 46.12 -25.13
CA ALA D 512 1.23 45.93 -25.00
C ALA D 512 1.91 46.75 -23.93
N ASP D 513 1.45 47.98 -23.71
CA ASP D 513 2.05 48.87 -22.71
C ASP D 513 1.50 48.72 -21.30
N ALA D 514 0.83 47.61 -21.04
CA ALA D 514 0.25 47.36 -19.72
C ALA D 514 1.25 47.63 -18.60
N ASP D 515 0.81 48.38 -17.59
CA ASP D 515 1.65 48.72 -16.44
C ASP D 515 1.35 47.82 -15.23
N PHE D 516 0.41 46.91 -15.39
CA PHE D 516 0.00 46.00 -14.31
C PHE D 516 0.61 44.61 -14.43
N VAL D 517 1.55 44.44 -15.35
CA VAL D 517 2.22 43.16 -15.55
C VAL D 517 3.53 43.13 -14.74
N ARG D 518 4.25 42.01 -14.79
CA ARG D 518 5.50 41.90 -14.06
C ARG D 518 6.42 43.05 -14.50
N PRO D 519 7.18 43.63 -13.57
CA PRO D 519 8.10 44.73 -13.85
C PRO D 519 8.99 44.49 -15.09
N GLU D 520 9.57 43.30 -15.16
CA GLU D 520 10.44 42.95 -16.29
C GLU D 520 9.71 42.88 -17.61
N LEU D 521 8.39 42.72 -17.57
CA LEU D 521 7.58 42.64 -18.78
C LEU D 521 6.93 43.94 -19.23
N ARG D 522 7.03 44.99 -18.41
CA ARG D 522 6.42 46.28 -18.73
C ARG D 522 7.18 46.98 -19.85
N GLN D 523 6.45 47.52 -20.82
CA GLN D 523 7.03 48.28 -21.94
C GLN D 523 6.14 49.49 -22.16
N ALA D 524 6.77 50.65 -22.32
CA ALA D 524 6.05 51.91 -22.56
C ALA D 524 5.58 52.01 -24.01
PM APX E . 9.34 -26.06 21.74
O6M APX E . 8.03 -26.74 21.66
O7M APX E . 10.51 -26.91 21.98
O3N APX E . 9.36 -24.95 22.89
O5M APX E . 9.59 -25.16 20.44
C5M APX E . 10.86 -24.53 20.14
C4M APX E . 10.80 -23.98 18.73
O4M APX E . 10.53 -25.11 17.86
C3M APX E . 9.66 -22.99 18.55
O3M APX E . 10.10 -21.98 17.62
C2M APX E . 8.52 -23.89 18.06
O2M APX E . 7.48 -23.18 17.38
C1M APX E . 9.28 -24.87 17.19
O1N APX E . 8.62 -26.09 17.03
PA APX E . 8.33 -24.53 23.96
O6B APX E . 7.34 -23.68 23.33
O7B APX E . 7.84 -25.74 24.63
O5B APX E . 9.19 -23.58 24.91
C5B APX E . 9.69 -24.02 26.18
C4B APX E . 11.19 -23.78 26.14
O4B APX E . 11.32 -22.36 26.03
C3B APX E . 11.80 -24.18 27.47
O3B APX E . 13.07 -24.81 27.30
C2B APX E . 11.94 -22.89 28.24
O2B APX E . 13.08 -22.87 29.16
C1B APX E . 12.17 -21.93 27.09
N9A APX E . 11.85 -20.58 27.46
C4A APX E . 12.78 -19.65 27.55
N3A APX E . 14.13 -19.67 27.37
C2A APX E . 14.86 -18.56 27.56
N1A APX E . 14.28 -17.41 27.96
C6A APX E . 12.94 -17.33 28.16
C5A APX E . 12.14 -18.50 28.00
N7A APX E . 10.83 -18.77 28.10
C8A APX E . 10.65 -20.06 27.76
N6A APX E . 12.39 -16.18 28.57
P2 APX E . 13.12 -23.72 30.40
OP1 APX E . 11.83 -23.74 31.07
OP2 APX E . 14.05 -23.08 31.25
OP3 APX E . 13.58 -25.03 30.01
MN MN F . 4.10 -24.77 15.41
MN MN G . 4.12 -27.50 13.09
S SO4 H . -1.18 -50.19 20.87
O1 SO4 H . -0.67 -51.20 21.79
O2 SO4 H . -1.62 -50.86 19.60
O3 SO4 H . -2.37 -49.41 21.48
O4 SO4 H . -0.11 -49.12 20.59
C1 DMV I . 4.77 -27.17 17.28
C2 DMV I . 4.88 -27.80 15.90
C3 DMV I . 3.90 -28.99 15.71
C32 DMV I . 4.15 -30.24 16.52
C4 DMV I . 2.39 -28.52 15.90
C5 DMV I . 1.27 -29.44 15.77
O11 DMV I . 4.97 -27.81 18.26
O12 DMV I . 4.45 -26.00 17.38
O21 DMV I . 4.63 -26.85 15.12
O31 DMV I . 4.07 -29.42 14.36
PM APX J . -24.70 -1.10 14.02
O6M APX J . -24.91 -2.33 14.84
O7M APX J . -25.85 -0.17 13.86
O3N APX J . -24.26 -1.51 12.56
O5M APX J . -23.46 -0.26 14.56
C5M APX J . -23.15 1.08 14.11
C4M APX J . -22.10 1.69 15.02
O4M APX J . -22.70 1.74 16.33
C3M APX J . -20.84 0.82 15.13
O3M APX J . -19.74 1.71 15.26
C2M APX J . -21.10 -0.03 16.38
O2M APX J . -19.91 -0.50 17.03
C1M APX J . -21.89 0.95 17.22
O1N APX J . -22.74 0.29 18.11
PA APX J . -24.07 -2.93 11.92
O6B APX J . -22.83 -3.50 12.48
O7B APX J . -25.31 -3.73 12.12
O5B APX J . -23.81 -2.56 10.39
C5B APX J . -24.82 -2.70 9.38
C4B APX J . -24.98 -1.36 8.66
O4B APX J . -23.72 -1.06 8.02
C3B APX J . -26.01 -1.49 7.57
O3B APX J . -26.86 -0.36 7.53
C2B APX J . -25.21 -1.61 6.27
O2B APX J . -25.89 -1.07 5.10
C1B APX J . -23.98 -0.80 6.64
N9A APX J . -22.80 -1.17 5.85
C4A APX J . -22.22 -0.35 5.00
N3A APX J . -22.42 0.95 4.68
C2A APX J . -21.63 1.54 3.76
N1A APX J . -20.63 0.88 3.15
C6A APX J . -20.39 -0.44 3.43
C5A APX J . -21.20 -1.08 4.40
N7A APX J . -21.22 -2.32 4.91
C8A APX J . -22.20 -2.37 5.79
N6A APX J . -19.40 -1.09 2.83
P2 APX J . -27.15 -1.70 4.52
OP1 APX J . -27.00 -3.12 4.37
OP2 APX J . -27.28 -1.13 3.23
OP3 APX J . -28.24 -1.34 5.38
MN MN K . -19.70 -2.76 20.71
MN MN L . -21.19 -1.81 23.90
C1 DMV M . -22.71 -3.17 20.13
C2 DMV M . -22.78 -2.48 21.47
C3 DMV M . -23.45 -3.36 22.56
C32 DMV M . -24.93 -3.65 22.39
C4 DMV M . -22.64 -4.71 22.78
C5 DMV M . -23.05 -5.68 23.77
O11 DMV M . -23.72 -3.50 19.56
O12 DMV M . -21.63 -3.42 19.63
O21 DMV M . -21.57 -2.26 21.74
O31 DMV M . -23.38 -2.61 23.74
PM APX N . 15.95 -4.28 -23.08
O6M APX N . 16.10 -3.10 -23.99
O7M APX N . 16.52 -5.56 -23.55
O3N APX N . 14.41 -4.56 -22.77
O5M APX N . 16.59 -3.96 -21.65
C5M APX N . 16.79 -4.96 -20.62
C4M APX N . 17.67 -4.38 -19.54
O4M APX N . 18.92 -4.02 -20.18
C3M APX N . 17.11 -3.09 -18.92
O3M APX N . 17.51 -3.09 -17.55
C2M APX N . 17.77 -1.98 -19.78
O2M APX N . 17.83 -0.70 -19.10
C1M APX N . 19.12 -2.59 -20.03
O1N APX N . 19.72 -2.09 -21.20
PA APX N . 13.11 -3.80 -23.25
O6B APX N . 13.12 -2.50 -22.55
O7B APX N . 13.10 -3.76 -24.75
O5B APX N . 11.95 -4.70 -22.68
C5B APX N . 11.19 -5.60 -23.49
C4B APX N . 11.27 -6.98 -22.84
O4B APX N . 10.65 -6.87 -21.54
C3B APX N . 10.46 -7.99 -23.63
O3B APX N . 11.15 -9.23 -23.72
C2B APX N . 9.16 -8.12 -22.86
O2B APX N . 8.49 -9.40 -23.00
C1B APX N . 9.68 -7.90 -21.45
N9A APX N . 8.59 -7.48 -20.58
C4A APX N . 8.20 -8.21 -19.55
N3A APX N . 8.60 -9.39 -19.02
C2A APX N . 7.94 -9.89 -17.96
N1A APX N . 6.91 -9.25 -17.37
C6A APX N . 6.48 -8.05 -17.85
C5A APX N . 7.13 -7.49 -18.99
N7A APX N . 6.94 -6.38 -19.71
C8A APX N . 7.87 -6.35 -20.65
N6A APX N . 5.44 -7.41 -17.29
P2 APX N . 7.87 -9.86 -24.30
OP1 APX N . 7.08 -8.80 -24.90
OP2 APX N . 6.99 -10.93 -23.98
OP3 APX N . 8.94 -10.29 -25.16
MN MN O . 19.79 2.83 -20.53
MN MN P . 23.23 3.08 -21.64
C1 DMV Q . 19.71 1.34 -23.23
C2 DMV Q . 21.19 1.55 -23.07
C3 DMV Q . 21.78 2.37 -24.25
C32 DMV Q . 21.76 1.71 -25.61
C4 DMV Q . 21.11 3.79 -24.31
C5 DMV Q . 21.49 4.76 -25.33
O11 DMV Q . 19.28 0.78 -24.21
O12 DMV Q . 18.93 1.79 -22.41
O21 DMV Q . 21.29 2.12 -21.96
O31 DMV Q . 23.14 2.52 -23.94
PM APX R . 3.95 34.17 -7.81
O6M APX R . 3.84 33.93 -9.29
O7M APX R . 3.44 35.46 -7.30
O3N APX R . 5.45 34.08 -7.33
O5M APX R . 3.23 32.96 -7.02
C5M APX R . 2.98 32.99 -5.60
C4M APX R . 2.05 31.85 -5.25
O4M APX R . 0.80 32.06 -5.98
C3M APX R . 2.58 30.48 -5.69
O3M APX R . 2.18 29.54 -4.68
C2M APX R . 1.91 30.27 -7.06
O2M APX R . 1.83 28.89 -7.47
C1M APX R . 0.58 30.93 -6.82
O1N APX R . -0.04 31.37 -8.00
PA APX R . 6.77 33.84 -8.14
O6B APX R . 6.75 32.43 -8.55
O7B APX R . 6.82 34.84 -9.24
O5B APX R . 7.87 34.05 -7.05
C5B APX R . 8.61 35.27 -6.92
C4B APX R . 8.45 35.78 -5.49
O4B APX R . 9.04 34.78 -4.62
C3B APX R . 9.25 37.06 -5.29
O3B APX R . 8.55 38.00 -4.47
C2B APX R . 10.53 36.61 -4.63
O2B APX R . 11.18 37.63 -3.83
C1B APX R . 9.99 35.45 -3.77
N9A APX R . 11.04 34.51 -3.37
C4A APX R . 11.43 34.34 -2.12
N3A APX R . 11.03 34.88 -0.94
C2A APX R . 11.64 34.49 0.20
N1A APX R . 12.67 33.63 0.22
C6A APX R . 13.12 33.08 -0.94
C5A APX R . 12.50 33.44 -2.18
N7A APX R . 12.68 33.10 -3.44
C8A APX R . 11.78 33.76 -4.18
N6A APX R . 14.13 32.21 -0.93
P2 APX R . 11.79 38.87 -4.45
OP1 APX R . 12.50 38.58 -5.66
OP2 APX R . 12.71 39.36 -3.50
OP3 APX R . 10.70 39.79 -4.66
MN MN S . 0.06 27.33 -11.02
MN MN T . -3.38 28.02 -12.16
C1 DMV U . 0.25 30.31 -11.92
C2 DMV U . -1.24 30.07 -12.04
C3 DMV U . -1.76 30.31 -13.48
C32 DMV U . -1.71 31.74 -14.02
C4 DMV U . -1.06 29.32 -14.51
C5 DMV U . -1.35 29.33 -15.94
O11 DMV U . 0.74 31.37 -12.17
O12 DMV U . 0.96 29.41 -11.57
O21 DMV U . -1.37 28.89 -11.68
O31 DMV U . -3.14 30.01 -13.44
#